data_7LCC
#
_entry.id   7LCC
#
_cell.length_a   1.00
_cell.length_b   1.00
_cell.length_c   1.00
_cell.angle_alpha   90.00
_cell.angle_beta   90.00
_cell.angle_gamma   90.00
#
_symmetry.space_group_name_H-M   'P 1'
#
loop_
_entity.id
_entity.type
_entity.pdbx_description
1 polymer 'Helraiser K1068Q'
2 polymer LTS
3 non-polymer 'ZINC ION'
#
loop_
_entity_poly.entity_id
_entity_poly.type
_entity_poly.pdbx_seq_one_letter_code
_entity_poly.pdbx_strand_id
1 'polypeptide(L)'
;MSKEQLLIQRSSAAERCRRYRQKMSAEQRASDLERRRRLQQNVSEEQLLEKRRSEAEKQRRHRQKMSKDQRAFEVERRRW
RRQNMSREQSSTSTTNTGRNCLLSKNGVHEDAILEHSCGGMTVRCEFCLSLNFSDEKPSDGKFTRCCSKGKVCPNDIHFP
DYPAYLKRLMTNEDSDSKNFMENIRSINSSFAFASMGANIASPSGYGPYCFRIHGQVYHRTGTLHPSDGVSRKFAQLYIL
DTAEATSKRLAMPENQGCSERLMININNLMHEINELTKSYKMLHEVEKEAQSEAAAKGIAPTEVTMAIKYDRNSDPGRYN
SPRVTEVAVIFRNEDGEPPFERDLLIHCKPDPNNPNATKMKQISILFPTLDAMTYPILFPHGEKGWGTDIALRLRDNSVI
DNNTRQNVRTRVTQMQYYGFHLSVRDTFNPILNAGKLTQQFIVDSYSKMEANRINFIKANQSKLRVEKYSGLMDYLKSRS
ENDNVPIGKMIILPSSFEGSPRNMQQRYQDAMAIVTKYGKPDLFITMTCNPKWADITNNLQRWQKVENRPDLVARVFNIK
LNALLNDICKFHLFGKVIAKIHVIEFQKRGLPHAHILLILDSESKLRSEDDIDRIVKAEIPDEDQCPRLFQIVKSNMVHG
PCGIQNPNSPCMENGKCSKGYPKEFQNATIGNIDGYPKYKRRSGSTMSIGNKVVDNTWIVPYNPYLCLKYNCHINVEVCA
SIKSVKYLFKYIYKGHDCANIQISEKNIINHDEVQDFIDSRYVSAPEAVWRLFAMRMHDQSHAITRLAIHLPNDQNLYFH
TDDFAEVLDRAKRHNSTLMAWFLLNREDSDARNYYYWEIPQHYVFNNSLWTKRRKGGNKVLGRLFTVSFREPERYYLRLL
LLHVKGAISFEDLRTVGGVTYDTFHEAAKHRGLLLDDTIWKDTIDDAIILNMPKQLRQLFAYICVFGCPSAADKLWDENK
SHFIEDFCWKLHRREGACVNCEMHALNEIQEVFTLHGMKCSHFKLPDYPLLMNANTCDQLYEQQQAEVLINSLNDEQLAA
FQTITSAIEDQTVHPKCFFLDGPGGSGQTYLYKVLTHYIRGRGGTVLPTASTGIAANLLLGGRTFHSQYKLPIPLNETSI
SRLDIKSEVAKTIKKAQLLIIDECTMASSHAINAIDRLLREIMNLNVAFGGKVLLLGGDFRQCLSIVPHAMRSAIVQTSL
KYCNVWGCFRKLSLKTNMRSEDSAYSEWLVKLGDGKLDSSFHLGMDIIEIPHEMICNGSIIEATFGNSISIDNIKNISKR
AILCPKNEHVQKLNEEILDILDGDFHTYLSDDSIDSTDDAEKENFPIEFLNSITPSGMPCHKLKLKVGAIIMLLRNLNSK
WGLCNGTRFIIKRLRPNIIEAEVLTGSAEGEVVLIPRIDLSPSDTGLPFKLIRRQFPVMPAFAMTINKSQGQTLDRVGIF
LPEPVFAHGQLYVAFSRVRRACDVKVKVVNTSSQGKLVKHSESVFTLNVVYREILE
;
A
2 'polydeoxyribonucleotide' (DT)(DC)(DC)(DT)(DA)(DT)(DA)(DT)(DA)(DA)(DT)(DA)(DA)(DA)(DA)(DG)(DA)(DG)(DA)(DA) B
#
# COMPACT_ATOMS: atom_id res chain seq x y z
N GLU A 110 -45.53 1.57 -5.97
CA GLU A 110 -46.99 1.73 -5.77
C GLU A 110 -47.44 0.78 -4.65
N ASP A 111 -48.67 0.26 -4.74
CA ASP A 111 -49.19 -0.69 -3.73
C ASP A 111 -48.35 -1.96 -3.73
N ALA A 112 -47.90 -2.41 -4.92
CA ALA A 112 -47.15 -3.68 -5.03
C ALA A 112 -45.86 -3.61 -4.20
N ILE A 113 -45.16 -2.47 -4.21
CA ILE A 113 -43.87 -2.39 -3.49
C ILE A 113 -44.10 -1.81 -2.09
N LEU A 114 -43.72 -2.55 -1.05
CA LEU A 114 -43.93 -2.08 0.35
C LEU A 114 -42.56 -1.95 1.03
N GLU A 115 -42.35 -0.86 1.78
CA GLU A 115 -41.01 -0.62 2.38
C GLU A 115 -40.67 -1.74 3.38
N HIS A 116 -39.42 -2.21 3.36
CA HIS A 116 -38.98 -3.31 4.25
C HIS A 116 -39.06 -2.89 5.73
N SER A 117 -39.81 -3.65 6.54
CA SER A 117 -39.95 -3.32 7.98
C SER A 117 -39.22 -4.35 8.83
N CYS A 118 -38.38 -3.88 9.77
CA CYS A 118 -37.62 -4.80 10.64
C CYS A 118 -38.56 -5.60 11.54
N GLY A 119 -39.67 -5.00 11.98
CA GLY A 119 -40.67 -5.74 12.77
C GLY A 119 -40.64 -5.46 14.26
N GLY A 120 -39.90 -4.45 14.70
CA GLY A 120 -39.93 -4.06 16.13
C GLY A 120 -38.92 -4.81 16.97
N MET A 121 -38.80 -4.48 18.26
CA MET A 121 -37.79 -5.13 19.14
C MET A 121 -38.50 -6.06 20.13
N THR A 122 -39.65 -6.60 19.74
CA THR A 122 -40.45 -7.46 20.67
C THR A 122 -39.68 -8.73 21.07
N VAL A 123 -38.97 -9.36 20.12
CA VAL A 123 -38.33 -10.68 20.42
C VAL A 123 -37.30 -10.54 21.55
N ARG A 124 -37.26 -11.50 22.48
CA ARG A 124 -36.24 -11.48 23.57
C ARG A 124 -35.69 -12.89 23.82
N CYS A 125 -34.38 -13.00 24.12
CA CYS A 125 -33.76 -14.32 24.40
C CYS A 125 -34.19 -14.85 25.78
N GLU A 126 -34.35 -16.16 25.91
CA GLU A 126 -34.73 -16.78 27.21
C GLU A 126 -33.63 -16.61 28.25
N PHE A 127 -32.36 -16.80 27.88
CA PHE A 127 -31.26 -16.79 28.87
C PHE A 127 -31.15 -15.44 29.58
N CYS A 128 -31.22 -14.33 28.84
CA CYS A 128 -31.09 -12.99 29.44
C CYS A 128 -32.13 -12.07 28.80
N LEU A 129 -32.64 -11.07 29.52
CA LEU A 129 -33.57 -10.14 28.85
C LEU A 129 -32.75 -9.30 27.87
N SER A 130 -33.16 -9.25 26.60
CA SER A 130 -32.45 -8.46 25.56
C SER A 130 -33.38 -8.27 24.37
N LEU A 131 -33.66 -7.02 24.01
CA LEU A 131 -34.64 -6.75 22.93
C LEU A 131 -33.90 -6.86 21.59
N ASN A 132 -34.33 -7.74 20.71
CA ASN A 132 -33.62 -7.96 19.42
C ASN A 132 -34.64 -8.01 18.30
N PHE A 133 -34.27 -7.56 17.10
CA PHE A 133 -35.20 -7.56 15.94
C PHE A 133 -35.43 -9.00 15.50
N SER A 134 -36.59 -9.31 14.92
CA SER A 134 -36.93 -10.71 14.58
C SER A 134 -35.96 -11.31 13.56
N ASP A 135 -35.55 -10.53 12.56
CA ASP A 135 -34.67 -11.05 11.48
C ASP A 135 -33.32 -11.48 12.08
N GLU A 136 -32.85 -10.78 13.09
CA GLU A 136 -31.51 -11.05 13.68
C GLU A 136 -31.44 -12.45 14.30
N LYS A 137 -32.58 -13.07 14.64
CA LYS A 137 -32.51 -14.38 15.35
C LYS A 137 -31.72 -15.39 14.51
N PRO A 138 -30.71 -16.09 15.08
CA PRO A 138 -29.96 -17.13 14.37
C PRO A 138 -30.81 -18.40 14.27
N SER A 139 -30.39 -19.37 13.45
CA SER A 139 -31.22 -20.58 13.22
C SER A 139 -31.45 -21.34 14.54
N ASP A 140 -30.44 -21.42 15.40
CA ASP A 140 -30.55 -22.20 16.66
C ASP A 140 -31.63 -21.62 17.57
N GLY A 141 -31.79 -20.29 17.58
CA GLY A 141 -32.75 -19.68 18.53
C GLY A 141 -32.06 -19.06 19.73
N LYS A 142 -30.73 -19.02 19.72
CA LYS A 142 -30.00 -18.31 20.81
C LYS A 142 -29.21 -17.15 20.20
N PHE A 143 -29.42 -15.91 20.67
CA PHE A 143 -28.75 -14.75 20.05
C PHE A 143 -27.31 -14.70 20.54
N THR A 144 -26.33 -14.74 19.62
CA THR A 144 -24.91 -14.80 20.03
C THR A 144 -24.43 -13.52 20.71
N ARG A 145 -24.75 -12.34 20.18
CA ARG A 145 -24.16 -11.08 20.74
C ARG A 145 -24.63 -10.77 22.16
N CYS A 146 -25.92 -10.92 22.46
CA CYS A 146 -26.43 -10.45 23.78
C CYS A 146 -25.82 -11.20 24.96
N CYS A 147 -25.77 -12.52 24.92
CA CYS A 147 -25.28 -13.26 26.12
C CYS A 147 -24.39 -14.45 25.75
N SER A 148 -23.89 -14.54 24.52
CA SER A 148 -23.08 -15.71 24.08
C SER A 148 -23.85 -16.97 24.45
N LYS A 149 -25.08 -17.09 23.97
CA LYS A 149 -25.97 -18.22 24.39
C LYS A 149 -26.17 -18.07 25.90
N GLY A 150 -25.95 -19.12 26.69
CA GLY A 150 -26.05 -18.95 28.15
C GLY A 150 -24.69 -18.81 28.78
N LYS A 151 -23.62 -18.73 27.98
CA LYS A 151 -22.24 -18.74 28.55
C LYS A 151 -21.95 -17.51 29.42
N VAL A 152 -22.64 -16.38 29.18
CA VAL A 152 -22.29 -15.14 29.96
C VAL A 152 -23.39 -14.87 30.99
N CYS A 153 -23.03 -14.80 32.27
CA CYS A 153 -24.02 -14.53 33.36
C CYS A 153 -23.41 -13.56 34.37
N PRO A 154 -24.21 -12.73 35.07
CA PRO A 154 -23.67 -11.84 36.11
C PRO A 154 -23.19 -12.60 37.35
N ASN A 155 -22.11 -12.13 37.99
CA ASN A 155 -21.59 -12.76 39.23
C ASN A 155 -22.51 -12.40 40.40
N ASP A 156 -22.49 -13.18 41.48
CA ASP A 156 -23.44 -12.95 42.61
C ASP A 156 -22.89 -11.88 43.56
N ILE A 157 -22.87 -10.60 43.12
CA ILE A 157 -22.45 -9.48 44.02
C ILE A 157 -23.62 -8.49 43.95
N HIS A 158 -24.05 -7.91 45.08
CA HIS A 158 -25.27 -7.06 45.01
C HIS A 158 -25.03 -5.90 44.05
N PHE A 159 -25.98 -5.62 43.16
CA PHE A 159 -25.79 -4.55 42.14
C PHE A 159 -26.45 -3.24 42.61
N PRO A 160 -25.72 -2.12 42.89
CA PRO A 160 -26.36 -0.90 43.35
C PRO A 160 -27.24 -0.26 42.26
N ASP A 161 -28.31 0.42 42.67
CA ASP A 161 -29.18 1.14 41.70
C ASP A 161 -28.45 2.38 41.19
N TYR A 162 -28.70 2.78 39.93
CA TYR A 162 -28.06 4.01 39.39
C TYR A 162 -28.54 5.21 40.21
N PRO A 163 -27.65 6.16 40.57
CA PRO A 163 -28.04 7.28 41.43
C PRO A 163 -29.15 8.12 40.80
N ALA A 164 -30.12 8.53 41.61
CA ALA A 164 -31.29 9.26 41.07
C ALA A 164 -30.92 10.63 40.48
N TYR A 165 -30.04 11.38 41.14
CA TYR A 165 -29.78 12.77 40.65
C TYR A 165 -29.20 12.75 39.24
N LEU A 166 -28.21 11.88 39.00
CA LEU A 166 -27.60 11.80 37.66
C LEU A 166 -28.66 11.32 36.65
N LYS A 167 -29.52 10.37 37.05
CA LYS A 167 -30.50 9.82 36.07
C LYS A 167 -31.43 10.94 35.63
N ARG A 168 -31.90 11.77 36.56
CA ARG A 168 -32.84 12.86 36.21
C ARG A 168 -32.14 13.84 35.27
N LEU A 169 -30.87 14.13 35.51
CA LEU A 169 -30.09 15.04 34.63
C LEU A 169 -29.95 14.42 33.23
N MET A 170 -29.66 13.12 33.14
CA MET A 170 -29.42 12.50 31.82
C MET A 170 -30.71 12.57 31.02
N THR A 171 -31.84 12.32 31.67
CA THR A 171 -33.15 12.48 31.01
C THR A 171 -33.47 13.98 31.00
N ASN A 172 -34.49 14.43 30.29
CA ASN A 172 -34.73 15.90 30.19
C ASN A 172 -35.52 16.39 31.39
N GLU A 173 -35.87 15.52 32.32
CA GLU A 173 -36.75 15.92 33.45
C GLU A 173 -36.11 17.02 34.31
N ASP A 174 -34.81 16.94 34.61
CA ASP A 174 -34.18 17.92 35.53
C ASP A 174 -34.09 19.32 34.88
N SER A 175 -34.12 20.37 35.70
CA SER A 175 -34.08 21.77 35.19
C SER A 175 -32.76 22.09 34.50
N ASP A 176 -31.63 21.61 35.02
CA ASP A 176 -30.31 21.99 34.45
C ASP A 176 -29.86 20.90 33.47
N SER A 177 -30.79 20.03 33.06
CA SER A 177 -30.41 18.88 32.21
C SER A 177 -29.77 19.36 30.91
N LYS A 178 -30.29 20.42 30.30
CA LYS A 178 -29.76 20.83 28.99
C LYS A 178 -28.28 21.15 29.13
N ASN A 179 -27.90 21.87 30.19
CA ASN A 179 -26.48 22.25 30.39
C ASN A 179 -25.65 20.98 30.60
N PHE A 180 -26.18 20.02 31.35
CA PHE A 180 -25.39 18.80 31.65
C PHE A 180 -25.10 18.06 30.35
N MET A 181 -26.10 17.94 29.47
CA MET A 181 -25.91 17.19 28.21
C MET A 181 -24.88 17.90 27.32
N GLU A 182 -24.92 19.23 27.27
CA GLU A 182 -23.97 19.99 26.43
C GLU A 182 -22.55 19.79 26.94
N ASN A 183 -22.37 19.73 28.27
CA ASN A 183 -21.01 19.66 28.84
C ASN A 183 -20.67 18.26 29.37
N ILE A 184 -21.31 17.20 28.88
CA ILE A 184 -21.07 15.85 29.48
C ILE A 184 -19.59 15.49 29.33
N ARG A 185 -18.96 15.83 28.20
CA ARG A 185 -17.55 15.39 28.02
C ARG A 185 -16.68 16.02 29.11
N SER A 186 -16.86 17.31 29.37
CA SER A 186 -16.02 18.01 30.38
C SER A 186 -16.30 17.51 31.79
N ILE A 187 -17.57 17.34 32.14
CA ILE A 187 -17.91 16.95 33.54
C ILE A 187 -17.31 15.58 33.86
N ASN A 188 -17.41 14.63 32.92
CA ASN A 188 -16.88 13.26 33.13
C ASN A 188 -15.37 13.33 33.32
N SER A 189 -14.68 14.10 32.49
CA SER A 189 -13.20 14.18 32.58
C SER A 189 -12.82 14.81 33.92
N SER A 190 -13.55 15.82 34.35
CA SER A 190 -13.19 16.54 35.60
C SER A 190 -13.24 15.60 36.80
N PHE A 191 -14.21 14.70 36.85
CA PHE A 191 -14.34 13.83 38.05
C PHE A 191 -13.61 12.49 37.85
N ALA A 192 -12.92 12.31 36.73
CA ALA A 192 -12.17 11.06 36.45
C ALA A 192 -10.92 10.99 37.33
N PHE A 193 -10.42 9.79 37.62
CA PHE A 193 -9.24 9.64 38.53
C PHE A 193 -7.94 9.39 37.76
N ALA A 194 -7.98 9.24 36.43
CA ALA A 194 -6.76 8.90 35.66
C ALA A 194 -6.67 9.78 34.41
N SER A 195 -5.48 10.00 33.84
CA SER A 195 -5.35 10.95 32.71
C SER A 195 -4.50 10.36 31.59
N MET A 196 -4.65 10.86 30.36
CA MET A 196 -3.88 10.33 29.21
C MET A 196 -2.81 11.32 28.77
N GLY A 197 -1.59 10.85 28.54
CA GLY A 197 -0.46 11.73 28.17
C GLY A 197 -0.49 12.22 26.74
N ALA A 198 0.08 13.40 26.49
CA ALA A 198 0.19 13.93 25.11
C ALA A 198 1.53 14.66 24.97
N ASN A 199 2.09 14.70 23.76
CA ASN A 199 3.40 15.38 23.54
C ASN A 199 3.17 16.69 22.79
N ILE A 200 3.38 17.83 23.46
CA ILE A 200 3.19 19.17 22.84
C ILE A 200 4.39 20.05 23.20
N ALA A 201 4.91 20.82 22.24
CA ALA A 201 6.08 21.71 22.48
C ALA A 201 5.68 22.84 23.46
N SER A 202 6.60 23.26 24.32
CA SER A 202 6.24 24.28 25.35
C SER A 202 6.79 25.66 24.96
N PRO A 203 5.94 26.70 24.85
CA PRO A 203 6.43 28.05 24.58
C PRO A 203 7.21 28.57 25.79
N SER A 204 8.37 29.18 25.58
CA SER A 204 9.17 29.80 26.67
C SER A 204 9.95 28.74 27.46
N GLY A 205 9.82 27.47 27.09
CA GLY A 205 10.57 26.39 27.77
C GLY A 205 9.93 26.02 29.09
N TYR A 206 8.82 26.69 29.43
CA TYR A 206 8.09 26.38 30.68
C TYR A 206 6.61 26.17 30.32
N GLY A 207 6.01 25.10 30.83
CA GLY A 207 4.59 24.81 30.56
C GLY A 207 3.90 24.29 31.80
N PRO A 208 2.56 24.40 31.92
CA PRO A 208 1.86 23.82 33.06
C PRO A 208 1.99 22.29 33.03
N TYR A 209 1.96 21.64 34.20
CA TYR A 209 2.15 20.17 34.30
C TYR A 209 1.04 19.48 33.49
N CYS A 210 -0.19 20.01 33.53
CA CYS A 210 -1.29 19.45 32.71
C CYS A 210 -2.00 20.57 31.94
N PHE A 211 -2.44 20.28 30.71
CA PHE A 211 -3.14 21.29 29.88
C PHE A 211 -4.46 20.68 29.38
N ARG A 212 -5.47 21.48 29.08
CA ARG A 212 -6.77 20.91 28.69
C ARG A 212 -6.94 21.01 27.18
N ILE A 213 -7.13 19.87 26.51
CA ILE A 213 -7.38 19.89 25.03
C ILE A 213 -8.78 19.33 24.77
N HIS A 214 -9.64 20.08 24.08
CA HIS A 214 -10.98 19.55 23.68
C HIS A 214 -11.78 19.02 24.87
N GLY A 215 -11.70 19.64 26.04
CA GLY A 215 -12.57 19.26 27.18
C GLY A 215 -12.11 18.05 27.97
N GLN A 216 -10.99 17.43 27.63
CA GLN A 216 -10.45 16.31 28.44
C GLN A 216 -9.06 16.69 28.96
N VAL A 217 -8.78 16.47 30.26
CA VAL A 217 -7.47 16.86 30.84
C VAL A 217 -6.38 15.98 30.21
N TYR A 218 -5.25 16.57 29.82
CA TYR A 218 -4.12 15.80 29.25
C TYR A 218 -2.84 16.22 29.99
N HIS A 219 -1.83 15.35 30.04
CA HIS A 219 -0.57 15.68 30.77
C HIS A 219 0.63 15.63 29.82
N ARG A 220 1.59 16.55 29.95
CA ARG A 220 2.73 16.59 29.00
C ARG A 220 3.55 15.32 29.14
N THR A 221 4.06 14.79 28.02
CA THR A 221 4.96 13.63 28.13
C THR A 221 6.20 14.10 28.86
N GLY A 222 6.74 13.29 29.77
CA GLY A 222 7.90 13.74 30.58
C GLY A 222 7.47 14.35 31.90
N THR A 223 6.18 14.35 32.21
CA THR A 223 5.74 14.82 33.55
C THR A 223 6.29 13.89 34.62
N LEU A 224 6.29 12.57 34.36
CA LEU A 224 6.89 11.60 35.32
C LEU A 224 8.21 11.11 34.74
N HIS A 225 9.30 11.24 35.49
CA HIS A 225 10.62 10.74 35.02
C HIS A 225 10.79 9.30 35.48
N PRO A 226 11.11 8.33 34.58
CA PRO A 226 11.18 6.92 34.96
C PRO A 226 12.27 6.66 36.02
N SER A 227 11.97 5.78 36.98
CA SER A 227 12.98 5.42 38.02
C SER A 227 14.18 4.75 37.34
N ASP A 228 13.93 3.92 36.32
CA ASP A 228 15.03 3.27 35.56
C ASP A 228 15.88 4.36 34.88
N GLY A 229 15.24 5.44 34.44
CA GLY A 229 15.97 6.55 33.78
C GLY A 229 15.96 6.42 32.27
N VAL A 230 15.30 5.38 31.74
CA VAL A 230 15.16 5.26 30.25
C VAL A 230 13.67 5.43 29.93
N SER A 231 13.33 6.32 28.98
CA SER A 231 11.90 6.59 28.70
C SER A 231 11.46 5.88 27.42
N ARG A 232 10.45 5.02 27.51
CA ARG A 232 9.97 4.26 26.33
C ARG A 232 9.27 5.22 25.37
N LYS A 233 9.44 5.01 24.06
CA LYS A 233 8.69 5.84 23.08
C LYS A 233 7.20 5.54 23.21
N PHE A 234 6.36 6.57 23.20
CA PHE A 234 4.90 6.36 23.32
C PHE A 234 4.20 6.87 22.05
N ALA A 235 3.34 6.06 21.43
CA ALA A 235 2.58 6.48 20.23
C ALA A 235 1.50 7.48 20.66
N GLN A 236 1.00 8.30 19.74
CA GLN A 236 0.05 9.35 20.17
C GLN A 236 -1.38 9.03 19.78
N LEU A 237 -2.29 8.88 20.76
CA LEU A 237 -3.73 8.68 20.47
C LEU A 237 -4.49 9.79 21.19
N TYR A 238 -5.31 10.56 20.46
CA TYR A 238 -6.08 11.68 21.07
C TYR A 238 -7.56 11.50 20.73
N ILE A 239 -8.48 11.99 21.56
CA ILE A 239 -9.93 11.95 21.20
C ILE A 239 -10.27 13.34 20.67
N LEU A 240 -10.82 13.45 19.46
CA LEU A 240 -11.04 14.78 18.82
C LEU A 240 -12.54 15.06 18.67
N ASP A 241 -13.00 16.25 19.09
CA ASP A 241 -14.45 16.57 19.06
C ASP A 241 -14.95 16.71 17.63
N THR A 242 -14.06 17.04 16.68
CA THR A 242 -14.43 17.21 15.23
C THR A 242 -15.28 18.46 15.02
N ALA A 243 -16.44 18.56 15.69
CA ALA A 243 -17.31 19.74 15.57
C ALA A 243 -16.82 20.82 16.55
N GLU A 244 -15.70 21.47 16.24
CA GLU A 244 -15.20 22.57 17.11
C GLU A 244 -15.64 23.91 16.51
N ALA A 245 -16.71 23.91 15.71
CA ALA A 245 -17.26 25.17 15.17
C ALA A 245 -17.85 25.98 16.34
N THR A 246 -18.21 25.30 17.42
CA THR A 246 -18.85 25.97 18.59
C THR A 246 -17.76 26.53 19.52
N SER A 247 -16.49 26.44 19.11
CA SER A 247 -15.37 26.96 19.94
C SER A 247 -15.57 28.46 20.16
N LYS A 248 -16.06 29.18 19.15
CA LYS A 248 -16.29 30.65 19.27
C LYS A 248 -17.32 30.93 20.36
N ARG A 249 -18.44 30.18 20.39
CA ARG A 249 -19.44 30.36 21.48
C ARG A 249 -18.83 29.90 22.82
N LEU A 250 -18.02 28.83 22.79
CA LEU A 250 -17.40 28.29 24.04
C LEU A 250 -16.47 29.38 24.61
N ALA A 251 -15.69 30.02 23.74
CA ALA A 251 -14.74 31.08 24.19
C ALA A 251 -15.54 32.20 24.87
N MET A 252 -16.69 32.56 24.30
CA MET A 252 -17.55 33.60 24.91
C MET A 252 -18.01 33.07 26.27
N PRO A 253 -18.07 33.91 27.32
CA PRO A 253 -18.38 33.44 28.66
C PRO A 253 -19.89 33.25 28.87
N GLU A 254 -20.66 33.02 27.80
CA GLU A 254 -22.11 32.76 28.02
C GLU A 254 -22.19 31.31 28.50
N ASN A 255 -22.42 31.13 29.80
CA ASN A 255 -22.43 29.76 30.39
C ASN A 255 -21.06 29.14 30.14
N GLN A 256 -21.05 27.97 29.50
CA GLN A 256 -19.77 27.27 29.17
C GLN A 256 -18.98 27.08 30.48
N GLY A 257 -19.67 26.87 31.61
CA GLY A 257 -19.01 26.62 32.90
C GLY A 257 -19.80 25.61 33.71
N CYS A 258 -20.82 25.00 33.09
CA CYS A 258 -21.67 23.99 33.75
C CYS A 258 -22.52 24.65 34.84
N SER A 259 -22.50 25.98 34.95
CA SER A 259 -23.38 26.73 35.89
C SER A 259 -22.89 26.70 37.34
N GLU A 260 -21.75 26.06 37.62
CA GLU A 260 -21.16 26.07 38.99
C GLU A 260 -21.97 25.23 39.97
N ARG A 261 -23.27 25.54 40.14
CA ARG A 261 -24.09 24.83 41.14
C ARG A 261 -24.12 23.34 40.78
N LEU A 262 -24.24 23.04 39.49
CA LEU A 262 -24.31 21.62 39.04
C LEU A 262 -23.00 20.94 39.46
N MET A 263 -21.87 21.61 39.26
CA MET A 263 -20.56 20.97 39.56
C MET A 263 -20.53 20.64 41.06
N ILE A 264 -20.97 21.58 41.90
CA ILE A 264 -20.93 21.35 43.37
C ILE A 264 -21.86 20.19 43.73
N ASN A 265 -23.06 20.15 43.15
CA ASN A 265 -24.02 19.10 43.55
C ASN A 265 -23.46 17.71 43.17
N ILE A 266 -22.89 17.59 41.97
CA ILE A 266 -22.30 16.29 41.53
C ILE A 266 -21.13 15.95 42.44
N ASN A 267 -20.31 16.94 42.79
CA ASN A 267 -19.09 16.66 43.61
C ASN A 267 -19.52 16.08 44.96
N ASN A 268 -20.55 16.67 45.58
CA ASN A 268 -21.01 16.19 46.90
C ASN A 268 -21.51 14.75 46.75
N LEU A 269 -22.28 14.49 45.69
CA LEU A 269 -22.84 13.12 45.49
C LEU A 269 -21.68 12.15 45.28
N MET A 270 -20.67 12.54 44.50
CA MET A 270 -19.59 11.58 44.18
C MET A 270 -18.85 11.18 45.45
N HIS A 271 -18.55 12.14 46.34
CA HIS A 271 -17.76 11.79 47.54
C HIS A 271 -18.54 10.81 48.42
N GLU A 272 -19.83 11.05 48.60
CA GLU A 272 -20.66 10.19 49.48
C GLU A 272 -20.78 8.76 48.93
N ILE A 273 -20.96 8.61 47.61
CA ILE A 273 -21.23 7.25 47.05
C ILE A 273 -19.98 6.56 46.50
N ASN A 274 -18.85 7.25 46.35
CA ASN A 274 -17.70 6.58 45.68
C ASN A 274 -16.57 6.30 46.69
N GLU A 275 -16.23 5.02 46.86
CA GLU A 275 -15.11 4.62 47.77
C GLU A 275 -13.77 5.08 47.20
N LEU A 276 -13.60 5.07 45.89
CA LEU A 276 -12.28 5.39 45.26
C LEU A 276 -11.84 6.82 45.59
N THR A 277 -12.76 7.73 45.90
CA THR A 277 -12.36 9.14 46.07
C THR A 277 -11.30 9.25 47.16
N LYS A 278 -11.45 8.51 48.26
CA LYS A 278 -10.48 8.64 49.39
C LYS A 278 -9.09 8.21 48.92
N SER A 279 -9.01 7.10 48.19
CA SER A 279 -7.71 6.59 47.70
C SER A 279 -7.09 7.48 46.61
N TYR A 280 -7.88 7.94 45.63
CA TYR A 280 -7.28 8.70 44.50
C TYR A 280 -7.97 10.05 44.29
N LYS A 281 -7.20 11.10 44.08
CA LYS A 281 -7.77 12.47 43.89
C LYS A 281 -8.38 12.61 42.49
N MET A 282 -9.42 13.44 42.37
CA MET A 282 -10.05 13.71 41.05
C MET A 282 -9.14 14.62 40.23
N LEU A 283 -9.28 14.61 38.91
CA LEU A 283 -8.43 15.45 38.02
C LEU A 283 -8.67 16.93 38.32
N HIS A 284 -9.89 17.34 38.67
CA HIS A 284 -10.17 18.79 38.83
C HIS A 284 -9.28 19.40 39.91
N GLU A 285 -9.11 18.73 41.05
CA GLU A 285 -8.18 19.23 42.11
C GLU A 285 -6.74 19.23 41.59
N VAL A 286 -6.34 18.19 40.87
CA VAL A 286 -4.94 18.06 40.36
C VAL A 286 -4.62 19.20 39.40
N GLU A 287 -5.57 19.57 38.55
CA GLU A 287 -5.33 20.66 37.57
C GLU A 287 -5.02 21.96 38.30
N LYS A 288 -5.75 22.24 39.39
CA LYS A 288 -5.55 23.52 40.12
C LYS A 288 -4.12 23.55 40.68
N GLU A 289 -3.65 22.43 41.22
CA GLU A 289 -2.30 22.38 41.82
C GLU A 289 -1.25 22.71 40.75
N ALA A 290 -1.43 22.16 39.56
CA ALA A 290 -0.46 22.39 38.47
C ALA A 290 -0.44 23.89 38.12
N GLN A 291 -1.62 24.50 38.05
CA GLN A 291 -1.70 25.95 37.72
C GLN A 291 -1.03 26.76 38.83
N SER A 292 -1.23 26.39 40.09
CA SER A 292 -0.67 27.17 41.22
C SER A 292 0.86 27.15 41.17
N GLU A 293 1.45 26.00 40.87
CA GLU A 293 2.92 25.90 40.76
C GLU A 293 3.38 26.80 39.61
N ALA A 294 2.65 26.75 38.49
CA ALA A 294 3.02 27.58 37.31
C ALA A 294 2.92 29.06 37.69
N ALA A 295 1.90 29.43 38.46
CA ALA A 295 1.69 30.86 38.81
C ALA A 295 2.87 31.40 39.62
N ALA A 296 3.37 30.60 40.57
CA ALA A 296 4.49 31.05 41.43
C ALA A 296 5.73 31.28 40.56
N LYS A 297 6.01 30.38 39.62
CA LYS A 297 7.19 30.52 38.73
C LYS A 297 6.95 31.66 37.75
N GLY A 298 5.69 32.04 37.53
CA GLY A 298 5.38 33.09 36.53
C GLY A 298 5.12 32.50 35.16
N ILE A 299 5.06 31.16 35.08
CA ILE A 299 4.79 30.49 33.78
C ILE A 299 3.42 30.97 33.30
N ALA A 300 3.32 31.34 32.02
CA ALA A 300 2.07 31.92 31.49
C ALA A 300 0.99 30.85 31.28
N PRO A 301 -0.31 31.16 31.46
CA PRO A 301 -1.38 30.20 31.15
C PRO A 301 -1.43 29.93 29.63
N THR A 302 -1.76 28.70 29.22
CA THR A 302 -1.72 28.36 27.78
C THR A 302 -3.00 27.67 27.32
N GLU A 303 -3.38 27.83 26.05
CA GLU A 303 -4.59 27.17 25.50
C GLU A 303 -4.17 26.28 24.31
N VAL A 304 -4.61 25.03 24.27
CA VAL A 304 -4.17 24.09 23.19
C VAL A 304 -5.39 23.79 22.30
N THR A 305 -5.22 23.87 20.97
CA THR A 305 -6.35 23.63 20.04
C THR A 305 -5.92 22.65 18.95
N MET A 306 -6.85 21.83 18.45
CA MET A 306 -6.52 20.81 17.43
C MET A 306 -7.35 21.05 16.17
N ALA A 307 -6.71 21.02 15.00
CA ALA A 307 -7.42 21.32 13.74
C ALA A 307 -7.19 20.17 12.74
N ILE A 308 -8.19 19.91 11.89
CA ILE A 308 -8.06 18.83 10.86
C ILE A 308 -8.09 19.49 9.48
N LYS A 309 -7.12 19.19 8.61
CA LYS A 309 -7.21 19.71 7.22
C LYS A 309 -8.17 18.77 6.50
N TYR A 310 -9.28 19.30 5.98
CA TYR A 310 -10.33 18.40 5.43
C TYR A 310 -9.90 17.69 4.13
N ASP A 311 -10.32 16.44 3.96
CA ASP A 311 -10.06 15.68 2.71
C ASP A 311 -11.09 16.09 1.66
N ARG A 312 -10.91 15.67 0.41
CA ARG A 312 -11.84 16.06 -0.69
C ARG A 312 -12.93 14.99 -0.87
N ASN A 313 -13.04 14.04 0.05
CA ASN A 313 -14.14 13.06 -0.03
C ASN A 313 -15.19 13.35 1.06
N SER A 314 -16.40 13.72 0.65
CA SER A 314 -17.52 13.98 1.61
C SER A 314 -18.85 13.95 0.86
N ASP A 315 -19.97 13.89 1.59
CA ASP A 315 -21.30 13.98 0.92
C ASP A 315 -21.41 15.36 0.28
N PRO A 316 -22.10 15.55 -0.87
CA PRO A 316 -22.07 16.86 -1.53
C PRO A 316 -22.62 17.99 -0.65
N GLY A 317 -21.78 19.00 -0.38
CA GLY A 317 -22.21 20.18 0.40
C GLY A 317 -22.30 19.90 1.88
N ARG A 318 -22.04 18.66 2.31
CA ARG A 318 -22.25 18.30 3.74
C ARG A 318 -21.01 17.59 4.30
N TYR A 319 -20.46 18.10 5.40
CA TYR A 319 -19.34 17.41 6.07
C TYR A 319 -19.33 17.79 7.55
N ASN A 320 -18.83 16.89 8.42
CA ASN A 320 -18.73 17.19 9.87
C ASN A 320 -20.12 17.60 10.38
N SER A 321 -21.18 16.96 9.87
CA SER A 321 -22.53 17.26 10.40
C SER A 321 -22.58 16.82 11.87
N PRO A 322 -23.21 17.59 12.78
CA PRO A 322 -23.33 17.16 14.16
C PRO A 322 -24.11 15.83 14.20
N ARG A 323 -25.15 15.72 13.37
CA ARG A 323 -25.99 14.49 13.34
C ARG A 323 -25.16 13.28 12.88
N VAL A 324 -24.29 13.44 11.89
CA VAL A 324 -23.57 12.23 11.39
C VAL A 324 -22.54 11.70 12.41
N THR A 325 -21.72 12.57 13.02
CA THR A 325 -20.72 12.14 14.05
C THR A 325 -20.26 13.34 14.88
N GLU A 326 -19.77 13.11 16.09
CA GLU A 326 -19.24 14.22 16.93
C GLU A 326 -18.07 13.78 17.81
N VAL A 327 -17.52 12.57 17.63
CA VAL A 327 -16.32 12.13 18.41
C VAL A 327 -15.48 11.24 17.50
N ALA A 328 -14.14 11.23 17.64
CA ALA A 328 -13.31 10.31 16.84
C ALA A 328 -11.97 10.06 17.52
N VAL A 329 -11.28 8.97 17.19
CA VAL A 329 -9.92 8.75 17.76
C VAL A 329 -8.90 9.06 16.67
N ILE A 330 -7.88 9.87 16.96
CA ILE A 330 -6.80 10.10 15.95
C ILE A 330 -5.57 9.38 16.50
N PHE A 331 -5.00 8.44 15.75
CA PHE A 331 -3.84 7.64 16.22
C PHE A 331 -2.82 7.50 15.09
N ARG A 332 -1.53 7.53 15.42
CA ARG A 332 -0.51 7.31 14.37
C ARG A 332 0.32 6.07 14.71
N ASN A 333 0.42 5.10 13.79
CA ASN A 333 1.26 3.90 13.99
C ASN A 333 1.82 3.48 12.64
N GLU A 334 2.84 2.63 12.61
CA GLU A 334 3.52 2.31 11.31
C GLU A 334 2.59 1.63 10.30
N ASP A 335 1.81 0.63 10.70
CA ASP A 335 0.98 -0.13 9.71
C ASP A 335 -0.48 0.28 9.81
N GLY A 336 -0.79 1.27 10.65
CA GLY A 336 -2.19 1.68 10.85
C GLY A 336 -2.89 0.85 11.91
N GLU A 337 -2.18 -0.07 12.56
CA GLU A 337 -2.77 -0.82 13.68
C GLU A 337 -2.96 0.12 14.86
N PRO A 338 -4.03 0.04 15.66
CA PRO A 338 -4.19 0.91 16.81
C PRO A 338 -3.05 0.67 17.82
N PRO A 339 -2.52 1.72 18.49
CA PRO A 339 -1.33 1.54 19.35
C PRO A 339 -1.58 0.86 20.69
N PHE A 340 -0.84 -0.22 20.98
CA PHE A 340 -0.93 -0.91 22.30
C PHE A 340 -0.37 -0.06 23.42
N GLU A 341 0.75 0.62 23.20
CA GLU A 341 1.42 1.37 24.30
C GLU A 341 0.92 2.82 24.33
N ARG A 342 0.22 3.19 25.41
CA ARG A 342 -0.29 4.58 25.56
C ARG A 342 0.04 4.97 27.00
N ASP A 343 0.13 6.26 27.31
CA ASP A 343 0.58 6.65 28.67
C ASP A 343 -0.62 7.00 29.53
N LEU A 344 -0.88 6.22 30.58
CA LEU A 344 -1.98 6.56 31.52
C LEU A 344 -1.32 6.80 32.88
N LEU A 345 -1.53 7.96 33.51
CA LEU A 345 -0.85 8.29 34.79
C LEU A 345 -1.93 8.43 35.87
N ILE A 346 -1.72 7.84 37.05
CA ILE A 346 -2.69 8.00 38.15
C ILE A 346 -2.12 8.97 39.19
N HIS A 347 -2.92 9.92 39.66
CA HIS A 347 -2.48 10.87 40.70
C HIS A 347 -3.02 10.38 42.05
N CYS A 348 -2.15 10.17 43.04
CA CYS A 348 -2.62 9.56 44.31
C CYS A 348 -2.61 10.60 45.44
N LYS A 349 -3.66 10.64 46.25
CA LYS A 349 -3.76 11.65 47.33
C LYS A 349 -2.61 11.42 48.31
N PRO A 350 -1.95 12.49 48.79
CA PRO A 350 -0.78 12.34 49.67
C PRO A 350 -1.16 11.72 51.02
N ASP A 351 -0.26 10.90 51.58
CA ASP A 351 -0.51 10.29 52.91
C ASP A 351 0.36 11.03 53.94
N PRO A 352 -0.21 11.66 55.01
CA PRO A 352 0.62 12.27 56.05
C PRO A 352 1.45 11.20 56.76
N ASN A 353 0.88 10.00 56.96
CA ASN A 353 1.59 8.94 57.72
C ASN A 353 2.88 8.54 57.00
N ASN A 354 2.85 8.39 55.68
CA ASN A 354 4.07 7.91 54.96
C ASN A 354 4.43 8.85 53.82
N PRO A 355 5.66 9.42 53.78
CA PRO A 355 6.10 10.24 52.65
C PRO A 355 6.60 9.33 51.51
N ASN A 356 6.69 8.03 51.77
CA ASN A 356 7.20 7.05 50.77
C ASN A 356 6.30 7.02 49.53
N ALA A 357 4.98 7.16 49.70
CA ALA A 357 4.04 7.03 48.56
C ALA A 357 4.38 8.07 47.48
N THR A 358 4.34 7.65 46.21
CA THR A 358 4.69 8.56 45.08
C THR A 358 3.41 9.10 44.45
N LYS A 359 3.36 10.41 44.19
CA LYS A 359 2.13 11.04 43.62
C LYS A 359 1.80 10.45 42.25
N MET A 360 2.81 10.18 41.44
CA MET A 360 2.54 9.71 40.04
C MET A 360 2.95 8.25 39.86
N LYS A 361 2.05 7.40 39.36
CA LYS A 361 2.37 5.98 39.06
C LYS A 361 1.79 5.66 37.67
N GLN A 362 2.39 4.74 36.91
CA GLN A 362 1.93 4.50 35.51
C GLN A 362 1.14 3.20 35.41
N ILE A 363 0.00 3.23 34.73
CA ILE A 363 -0.81 1.99 34.50
C ILE A 363 -0.90 1.75 32.99
N SER A 364 -0.75 0.49 32.56
CA SER A 364 -0.81 0.16 31.10
C SER A 364 -2.26 -0.03 30.66
N ILE A 365 -2.47 -0.27 29.37
CA ILE A 365 -3.85 -0.40 28.80
C ILE A 365 -4.54 -1.65 29.36
N LEU A 366 -3.80 -2.56 30.00
CA LEU A 366 -4.40 -3.83 30.48
C LEU A 366 -4.70 -3.78 31.98
N PHE A 367 -4.62 -2.61 32.61
CA PHE A 367 -4.97 -2.48 34.04
C PHE A 367 -6.42 -2.96 34.21
N PRO A 368 -6.76 -3.76 35.25
CA PRO A 368 -8.09 -4.34 35.38
C PRO A 368 -9.29 -3.38 35.54
N THR A 369 -9.15 -2.32 36.32
CA THR A 369 -10.32 -1.43 36.60
C THR A 369 -10.19 -0.11 35.85
N LEU A 370 -9.48 -0.09 34.71
CA LEU A 370 -9.23 1.19 33.98
C LEU A 370 -10.56 1.83 33.59
N ASP A 371 -11.55 1.03 33.19
CA ASP A 371 -12.83 1.62 32.70
C ASP A 371 -13.49 2.47 33.78
N ALA A 372 -13.58 1.98 35.02
CA ALA A 372 -14.25 2.74 36.09
C ALA A 372 -13.49 4.02 36.37
N MET A 373 -12.16 3.95 36.41
CA MET A 373 -11.33 5.15 36.70
C MET A 373 -11.45 6.20 35.60
N THR A 374 -11.40 5.81 34.32
CA THR A 374 -11.43 6.81 33.21
C THR A 374 -12.79 7.49 33.07
N TYR A 375 -13.89 6.77 33.22
CA TYR A 375 -15.23 7.35 33.00
C TYR A 375 -16.08 7.22 34.27
N PRO A 376 -16.05 8.20 35.19
CA PRO A 376 -16.84 8.13 36.42
C PRO A 376 -18.36 8.20 36.26
N ILE A 377 -18.89 9.05 35.38
CA ILE A 377 -20.38 9.26 35.29
C ILE A 377 -21.08 7.95 34.87
N LEU A 378 -20.48 7.19 33.96
CA LEU A 378 -21.10 5.92 33.48
C LEU A 378 -21.21 4.89 34.61
N PHE A 379 -20.21 4.82 35.50
CA PHE A 379 -20.26 3.87 36.65
C PHE A 379 -20.03 4.66 37.93
N PRO A 380 -21.04 5.41 38.43
CA PRO A 380 -20.85 6.29 39.58
C PRO A 380 -20.48 5.63 40.91
N HIS A 381 -21.07 4.47 41.23
CA HIS A 381 -20.85 3.90 42.58
C HIS A 381 -19.37 3.62 42.85
N GLY A 382 -18.64 3.11 41.87
CA GLY A 382 -17.19 2.92 42.10
C GLY A 382 -16.72 1.59 41.55
N GLU A 383 -15.69 1.00 42.14
CA GLU A 383 -15.30 -0.37 41.71
C GLU A 383 -16.24 -1.33 42.42
N LYS A 384 -17.55 -1.19 42.20
CA LYS A 384 -18.57 -2.09 42.78
C LYS A 384 -19.58 -2.36 41.66
N GLY A 385 -20.33 -3.45 41.75
CA GLY A 385 -21.28 -3.80 40.69
C GLY A 385 -20.60 -3.96 39.36
N TRP A 386 -21.15 -3.36 38.30
CA TRP A 386 -20.60 -3.58 36.94
C TRP A 386 -19.21 -2.96 36.79
N GLY A 387 -18.89 -1.98 37.62
CA GLY A 387 -17.53 -1.39 37.58
C GLY A 387 -16.46 -2.42 37.87
N THR A 388 -16.69 -3.29 38.87
CA THR A 388 -15.72 -4.36 39.21
C THR A 388 -15.91 -5.53 38.23
N ASP A 389 -15.03 -6.53 38.25
CA ASP A 389 -15.15 -7.62 37.25
C ASP A 389 -16.30 -8.53 37.69
N ILE A 390 -17.44 -8.47 36.99
CA ILE A 390 -18.65 -9.22 37.44
C ILE A 390 -19.13 -10.16 36.32
N ALA A 391 -18.61 -10.03 35.11
CA ALA A 391 -19.00 -11.01 34.07
C ALA A 391 -18.45 -12.38 34.52
N LEU A 392 -19.20 -13.48 34.32
CA LEU A 392 -18.77 -14.79 34.88
C LEU A 392 -18.73 -15.86 33.78
N ARG A 393 -17.94 -16.91 33.98
CA ARG A 393 -17.87 -18.05 33.02
C ARG A 393 -17.36 -17.57 31.67
N ARG A 411 -11.89 -14.15 32.93
CA ARG A 411 -12.57 -15.39 32.48
C ARG A 411 -13.40 -15.06 31.24
N VAL A 412 -13.85 -13.82 31.12
CA VAL A 412 -14.67 -13.39 29.94
C VAL A 412 -13.78 -12.51 29.06
N THR A 413 -13.75 -12.77 27.76
CA THR A 413 -12.83 -12.03 26.85
C THR A 413 -13.28 -10.58 26.70
N GLN A 414 -12.38 -9.69 26.26
CA GLN A 414 -12.74 -8.25 26.20
C GLN A 414 -13.94 -8.06 25.28
N MET A 415 -13.99 -8.77 24.15
CA MET A 415 -15.11 -8.55 23.20
C MET A 415 -16.42 -8.92 23.89
N GLN A 416 -16.42 -9.99 24.68
CA GLN A 416 -17.67 -10.43 25.36
C GLN A 416 -18.14 -9.36 26.35
N TYR A 417 -17.23 -8.74 27.09
CA TYR A 417 -17.65 -7.76 28.13
C TYR A 417 -18.33 -6.56 27.46
N TYR A 418 -17.74 -6.04 26.39
CA TYR A 418 -18.30 -4.87 25.69
C TYR A 418 -19.64 -5.29 25.08
N GLY A 419 -19.68 -6.51 24.56
CA GLY A 419 -20.91 -6.99 23.91
C GLY A 419 -22.06 -6.98 24.89
N PHE A 420 -21.83 -7.41 26.14
CA PHE A 420 -22.96 -7.50 27.10
C PHE A 420 -23.47 -6.10 27.43
N HIS A 421 -22.56 -5.15 27.65
CA HIS A 421 -22.98 -3.79 28.07
C HIS A 421 -23.70 -3.02 26.97
N LEU A 422 -23.21 -3.05 25.73
CA LEU A 422 -23.82 -2.25 24.64
C LEU A 422 -24.98 -3.02 24.04
N SER A 423 -26.04 -3.26 24.82
CA SER A 423 -27.26 -3.93 24.28
C SER A 423 -28.47 -3.26 24.92
N VAL A 424 -29.64 -3.32 24.30
CA VAL A 424 -30.79 -2.56 24.85
C VAL A 424 -31.65 -3.50 25.69
N ARG A 425 -31.91 -3.13 26.93
CA ARG A 425 -32.73 -3.98 27.85
C ARG A 425 -33.71 -3.08 28.59
N ASP A 426 -34.73 -3.65 29.22
CA ASP A 426 -35.79 -2.82 29.86
C ASP A 426 -35.23 -1.94 30.97
N THR A 427 -34.31 -2.46 31.78
CA THR A 427 -33.71 -1.70 32.90
C THR A 427 -32.83 -0.57 32.35
N PHE A 428 -32.73 0.55 33.09
CA PHE A 428 -31.96 1.71 32.58
C PHE A 428 -30.49 1.32 32.39
N ASN A 429 -29.92 1.64 31.24
CA ASN A 429 -28.49 1.35 30.97
C ASN A 429 -27.78 2.69 30.82
N PRO A 430 -26.81 3.03 31.68
CA PRO A 430 -26.06 4.28 31.55
C PRO A 430 -25.21 4.35 30.29
N ILE A 431 -24.65 3.23 29.85
CA ILE A 431 -23.69 3.25 28.69
C ILE A 431 -24.34 3.78 27.41
N LEU A 432 -25.57 3.38 27.09
CA LEU A 432 -26.18 3.78 25.79
C LEU A 432 -27.02 5.05 25.90
N ASN A 433 -27.22 5.63 27.10
CA ASN A 433 -28.13 6.80 27.22
C ASN A 433 -27.39 8.06 27.65
N ALA A 434 -26.06 8.14 27.48
CA ALA A 434 -25.30 9.28 28.06
C ALA A 434 -24.86 10.32 27.04
N GLY A 435 -25.48 10.41 25.88
CA GLY A 435 -25.13 11.49 24.95
C GLY A 435 -23.69 11.43 24.45
N LYS A 436 -22.93 12.51 24.53
CA LYS A 436 -21.58 12.53 23.92
C LYS A 436 -20.67 11.47 24.54
N LEU A 437 -20.79 11.19 25.84
CA LEU A 437 -19.86 10.21 26.48
C LEU A 437 -20.03 8.85 25.81
N THR A 438 -21.26 8.51 25.41
CA THR A 438 -21.51 7.19 24.79
C THR A 438 -20.67 7.08 23.53
N GLN A 439 -20.60 8.13 22.73
CA GLN A 439 -19.72 8.08 21.54
C GLN A 439 -18.28 7.90 21.99
N GLN A 440 -17.81 8.64 22.99
CA GLN A 440 -16.37 8.51 23.36
C GLN A 440 -16.11 7.09 23.86
N PHE A 441 -17.03 6.50 24.63
CA PHE A 441 -16.76 5.16 25.22
C PHE A 441 -16.59 4.15 24.08
N ILE A 442 -17.46 4.20 23.07
CA ILE A 442 -17.37 3.22 21.97
C ILE A 442 -16.05 3.43 21.20
N VAL A 443 -15.69 4.68 20.87
CA VAL A 443 -14.46 4.90 20.05
C VAL A 443 -13.23 4.50 20.86
N ASP A 444 -13.16 4.86 22.13
CA ASP A 444 -12.00 4.49 22.99
C ASP A 444 -11.94 2.97 23.15
N SER A 445 -13.07 2.32 23.38
CA SER A 445 -13.08 0.86 23.62
C SER A 445 -12.60 0.09 22.39
N TYR A 446 -12.98 0.48 21.18
CA TYR A 446 -12.45 -0.23 19.99
C TYR A 446 -10.93 -0.10 19.98
N SER A 447 -10.40 1.08 20.29
CA SER A 447 -8.93 1.22 20.21
C SER A 447 -8.27 0.27 21.21
N LYS A 448 -8.80 0.18 22.44
CA LYS A 448 -8.23 -0.75 23.45
C LYS A 448 -8.41 -2.21 23.03
N MET A 449 -9.59 -2.60 22.55
CA MET A 449 -9.83 -4.03 22.24
C MET A 449 -8.91 -4.48 21.11
N GLU A 450 -8.80 -3.70 20.04
CA GLU A 450 -8.00 -4.15 18.88
C GLU A 450 -6.54 -4.23 19.29
N ALA A 451 -6.05 -3.25 20.04
CA ALA A 451 -4.61 -3.26 20.39
C ALA A 451 -4.31 -4.48 21.25
N ASN A 452 -5.18 -4.79 22.22
CA ASN A 452 -4.91 -5.92 23.15
C ASN A 452 -4.88 -7.22 22.36
N ARG A 453 -5.84 -7.43 21.44
CA ARG A 453 -5.91 -8.71 20.70
C ARG A 453 -4.65 -8.87 19.83
N ILE A 454 -4.24 -7.80 19.14
CA ILE A 454 -3.06 -7.92 18.24
C ILE A 454 -1.84 -8.27 19.08
N ASN A 455 -1.64 -7.57 20.20
CA ASN A 455 -0.41 -7.83 21.01
C ASN A 455 -0.44 -9.23 21.61
N PHE A 456 -1.59 -9.67 22.12
CA PHE A 456 -1.65 -10.99 22.80
C PHE A 456 -1.32 -12.10 21.79
N ILE A 457 -1.88 -12.01 20.58
CA ILE A 457 -1.63 -13.06 19.56
C ILE A 457 -0.13 -13.04 19.21
N LYS A 458 0.44 -11.85 19.02
CA LYS A 458 1.88 -11.77 18.63
C LYS A 458 2.76 -12.31 19.77
N ALA A 459 2.44 -11.98 21.02
CA ALA A 459 3.28 -12.42 22.15
C ALA A 459 3.24 -13.95 22.27
N ASN A 460 2.05 -14.54 22.13
CA ASN A 460 1.91 -16.02 22.19
C ASN A 460 2.13 -16.60 20.79
N GLN A 461 3.30 -16.39 20.20
CA GLN A 461 3.61 -17.02 18.89
C GLN A 461 4.94 -17.77 19.01
N SER A 462 4.93 -19.06 18.68
CA SER A 462 6.20 -19.85 18.69
C SER A 462 7.07 -19.40 17.52
N LYS A 463 8.39 -19.25 17.73
CA LYS A 463 9.27 -18.94 16.57
C LYS A 463 9.23 -20.15 15.63
N LEU A 464 9.12 -19.93 14.32
CA LEU A 464 8.99 -21.06 13.35
C LEU A 464 10.13 -20.97 12.33
N ARG A 465 10.68 -22.10 11.89
CA ARG A 465 11.74 -22.10 10.86
C ARG A 465 11.33 -23.06 9.74
N VAL A 466 11.58 -22.72 8.47
CA VAL A 466 11.12 -23.58 7.34
C VAL A 466 12.36 -24.17 6.65
N GLU A 467 12.38 -25.49 6.47
CA GLU A 467 13.50 -26.13 5.74
C GLU A 467 12.95 -27.27 4.87
N LYS A 468 13.61 -27.55 3.75
CA LYS A 468 13.15 -28.63 2.83
C LYS A 468 13.43 -29.98 3.48
N TYR A 469 12.64 -31.01 3.14
CA TYR A 469 12.80 -32.35 3.75
C TYR A 469 14.19 -32.87 3.40
N SER A 470 14.63 -32.66 2.16
CA SER A 470 15.94 -33.22 1.75
C SER A 470 17.04 -32.61 2.63
N GLY A 471 16.98 -31.29 2.84
CA GLY A 471 18.02 -30.62 3.64
C GLY A 471 18.02 -31.08 5.09
N LEU A 472 16.85 -31.18 5.72
CA LEU A 472 16.79 -31.54 7.15
C LEU A 472 17.35 -32.95 7.34
N MET A 473 16.97 -33.87 6.46
CA MET A 473 17.43 -35.27 6.60
C MET A 473 18.95 -35.29 6.43
N ASP A 474 19.46 -34.55 5.45
CA ASP A 474 20.93 -34.54 5.20
C ASP A 474 21.62 -33.95 6.44
N TYR A 475 21.06 -32.87 6.98
CA TYR A 475 21.67 -32.24 8.17
C TYR A 475 21.64 -33.25 9.33
N LEU A 476 20.52 -33.96 9.50
CA LEU A 476 20.39 -34.90 10.63
C LEU A 476 21.41 -36.04 10.50
N LYS A 477 21.61 -36.55 9.28
CA LYS A 477 22.58 -37.66 9.06
C LYS A 477 23.99 -37.16 9.39
N SER A 478 24.30 -35.92 9.02
CA SER A 478 25.68 -35.39 9.23
C SER A 478 25.70 -34.43 10.42
N ARG A 479 24.66 -34.44 11.26
CA ARG A 479 24.59 -33.43 12.35
C ARG A 479 25.77 -33.57 13.28
N SER A 480 26.44 -32.46 13.60
CA SER A 480 27.54 -32.52 14.59
C SER A 480 26.92 -32.64 15.98
N GLU A 481 27.47 -33.51 16.83
CA GLU A 481 26.96 -33.61 18.21
C GLU A 481 27.27 -32.28 18.91
N ASN A 482 26.35 -31.79 19.76
CA ASN A 482 26.59 -30.55 20.53
C ASN A 482 26.96 -29.40 19.58
N ASP A 483 26.25 -29.26 18.47
CA ASP A 483 26.50 -28.10 17.58
C ASP A 483 25.27 -27.19 17.59
N ASN A 484 25.44 -25.93 17.99
CA ASN A 484 24.29 -24.97 17.94
C ASN A 484 24.42 -24.16 16.64
N VAL A 485 23.65 -24.51 15.62
CA VAL A 485 23.68 -23.76 14.33
C VAL A 485 22.23 -23.49 13.94
N PRO A 486 21.84 -22.25 13.56
CA PRO A 486 20.47 -22.03 13.09
C PRO A 486 20.28 -22.83 11.80
N ILE A 487 19.16 -23.54 11.67
CA ILE A 487 18.90 -24.37 10.46
C ILE A 487 17.69 -23.78 9.75
N GLY A 488 17.80 -23.52 8.45
CA GLY A 488 16.66 -23.02 7.66
C GLY A 488 16.52 -21.53 7.67
N LYS A 489 15.40 -21.01 7.17
CA LYS A 489 15.16 -19.55 7.09
C LYS A 489 14.01 -19.20 8.02
N MET A 490 14.11 -18.08 8.75
CA MET A 490 13.05 -17.65 9.70
C MET A 490 11.82 -17.28 8.87
N ILE A 491 10.62 -17.54 9.36
CA ILE A 491 9.39 -17.04 8.69
C ILE A 491 8.62 -16.29 9.77
N ILE A 492 8.03 -15.13 9.48
CA ILE A 492 7.22 -14.38 10.48
C ILE A 492 5.74 -14.54 10.10
N LEU A 493 4.89 -14.99 11.02
CA LEU A 493 3.46 -15.27 10.70
C LEU A 493 2.66 -13.97 10.60
N PRO A 494 1.58 -13.90 9.78
CA PRO A 494 0.81 -12.67 9.58
C PRO A 494 0.08 -12.14 10.82
N SER A 495 -0.02 -10.82 10.97
CA SER A 495 -0.76 -10.20 12.10
C SER A 495 -2.27 -10.35 11.91
N SER A 496 -3.04 -10.36 12.99
CA SER A 496 -4.51 -10.55 12.91
C SER A 496 -5.22 -9.39 12.20
N PHE A 497 -4.79 -8.15 12.39
CA PHE A 497 -5.53 -6.98 11.84
C PHE A 497 -5.69 -7.07 10.32
N GLU A 498 -6.90 -6.77 9.81
CA GLU A 498 -7.17 -6.79 8.34
C GLU A 498 -6.34 -5.71 7.62
N GLY A 499 -6.16 -4.55 8.22
CA GLY A 499 -5.45 -3.43 7.57
C GLY A 499 -3.99 -3.72 7.27
N SER A 500 -3.39 -4.68 7.97
CA SER A 500 -1.93 -4.95 7.79
C SER A 500 -1.67 -5.28 6.33
N PRO A 501 -0.50 -4.91 5.75
CA PRO A 501 -0.29 -5.09 4.31
C PRO A 501 -0.44 -6.53 3.79
N ARG A 502 0.09 -7.54 4.49
CA ARG A 502 0.02 -8.89 3.89
C ARG A 502 -1.44 -9.30 3.71
N ASN A 503 -2.29 -9.04 4.71
CA ASN A 503 -3.71 -9.48 4.62
C ASN A 503 -4.35 -8.81 3.39
N MET A 504 -4.10 -7.52 3.17
CA MET A 504 -4.75 -6.80 2.04
C MET A 504 -4.31 -7.41 0.70
N GLN A 505 -3.03 -7.75 0.57
CA GLN A 505 -2.52 -8.29 -0.72
C GLN A 505 -3.24 -9.61 -1.01
N GLN A 506 -3.42 -10.45 -0.01
CA GLN A 506 -4.09 -11.76 -0.21
C GLN A 506 -5.52 -11.53 -0.69
N ARG A 507 -6.21 -10.56 -0.10
CA ARG A 507 -7.63 -10.29 -0.48
C ARG A 507 -7.68 -9.85 -1.94
N TYR A 508 -6.74 -8.99 -2.36
CA TYR A 508 -6.74 -8.49 -3.76
C TYR A 508 -6.49 -9.66 -4.72
N GLN A 509 -5.55 -10.54 -4.39
CA GLN A 509 -5.23 -11.68 -5.28
C GLN A 509 -6.45 -12.60 -5.39
N ASP A 510 -7.13 -12.85 -4.26
CA ASP A 510 -8.32 -13.72 -4.26
C ASP A 510 -9.42 -13.09 -5.12
N ALA A 511 -9.61 -11.77 -4.99
CA ALA A 511 -10.66 -11.07 -5.77
C ALA A 511 -10.32 -11.17 -7.25
N MET A 512 -9.04 -11.03 -7.60
CA MET A 512 -8.62 -11.03 -9.02
C MET A 512 -8.92 -12.37 -9.69
N ALA A 513 -8.77 -13.50 -8.98
CA ALA A 513 -8.92 -14.79 -9.69
C ALA A 513 -10.40 -15.10 -9.93
N ILE A 514 -11.30 -14.58 -9.10
CA ILE A 514 -12.75 -14.75 -9.39
C ILE A 514 -13.03 -14.07 -10.74
N VAL A 515 -12.47 -12.89 -10.98
CA VAL A 515 -12.67 -12.19 -12.28
C VAL A 515 -12.06 -13.00 -13.43
N THR A 516 -10.87 -13.58 -13.26
CA THR A 516 -10.21 -14.30 -14.38
C THR A 516 -11.04 -15.52 -14.78
N LYS A 517 -11.60 -16.23 -13.80
CA LYS A 517 -12.34 -17.49 -14.11
C LYS A 517 -13.74 -17.16 -14.65
N TYR A 518 -14.45 -16.22 -14.02
CA TYR A 518 -15.85 -15.95 -14.42
C TYR A 518 -15.98 -14.78 -15.42
N GLY A 519 -14.89 -14.14 -15.81
CA GLY A 519 -14.96 -13.10 -16.87
C GLY A 519 -15.20 -11.69 -16.39
N LYS A 520 -15.47 -10.77 -17.31
CA LYS A 520 -15.65 -9.32 -16.99
C LYS A 520 -16.88 -9.08 -16.10
N PRO A 521 -16.85 -8.18 -15.08
CA PRO A 521 -18.06 -7.89 -14.28
C PRO A 521 -19.15 -7.14 -15.05
N ASP A 522 -20.43 -7.40 -14.73
CA ASP A 522 -21.54 -6.78 -15.49
C ASP A 522 -22.18 -5.60 -14.74
N LEU A 523 -22.44 -5.75 -13.44
CA LEU A 523 -23.20 -4.68 -12.72
C LEU A 523 -22.47 -4.20 -11.46
N PHE A 524 -22.44 -2.88 -11.23
CA PHE A 524 -21.85 -2.34 -9.98
C PHE A 524 -22.94 -1.57 -9.22
N ILE A 525 -23.18 -1.90 -7.95
CA ILE A 525 -24.28 -1.25 -7.16
C ILE A 525 -23.70 -0.68 -5.87
N THR A 526 -24.05 0.56 -5.51
CA THR A 526 -23.59 1.16 -4.22
C THR A 526 -24.79 1.63 -3.39
N MET A 527 -24.80 1.36 -2.09
CA MET A 527 -25.94 1.76 -1.21
C MET A 527 -25.41 2.58 -0.03
N THR A 528 -26.13 3.64 0.37
CA THR A 528 -25.72 4.50 1.51
C THR A 528 -26.85 4.64 2.52
N CYS A 529 -26.55 4.72 3.81
CA CYS A 529 -27.57 4.74 4.88
C CYS A 529 -28.30 6.07 4.92
N ASN A 530 -29.60 6.05 5.27
CA ASN A 530 -30.38 7.31 5.43
C ASN A 530 -30.69 7.47 6.92
N PRO A 531 -30.22 8.53 7.60
CA PRO A 531 -30.41 8.66 9.04
C PRO A 531 -31.88 8.78 9.42
N LYS A 532 -32.72 9.21 8.48
CA LYS A 532 -34.15 9.45 8.79
C LYS A 532 -35.00 8.22 8.41
N TRP A 533 -34.38 7.06 8.25
CA TRP A 533 -35.15 5.83 7.97
C TRP A 533 -36.15 5.65 9.11
N ALA A 534 -37.33 5.14 8.81
CA ALA A 534 -38.39 5.01 9.84
C ALA A 534 -37.93 4.10 10.97
N ASP A 535 -37.26 2.99 10.66
CA ASP A 535 -36.89 2.02 11.73
C ASP A 535 -35.96 2.64 12.78
N ILE A 536 -34.99 3.44 12.36
CA ILE A 536 -34.11 4.12 13.35
C ILE A 536 -34.92 5.09 14.21
N THR A 537 -35.79 5.92 13.63
CA THR A 537 -36.49 6.97 14.42
C THR A 537 -37.48 6.40 15.44
N ASN A 538 -38.29 5.41 15.07
CA ASN A 538 -39.35 4.92 16.00
C ASN A 538 -38.74 4.32 17.27
N ASN A 539 -37.66 3.56 17.16
CA ASN A 539 -37.05 2.88 18.33
C ASN A 539 -36.50 3.89 19.33
N LEU A 540 -35.92 5.00 18.87
CA LEU A 540 -35.27 5.96 19.79
C LEU A 540 -36.26 6.54 20.79
N GLN A 541 -35.86 6.68 22.06
CA GLN A 541 -36.72 7.31 23.10
C GLN A 541 -36.69 8.82 22.88
N ARG A 542 -37.58 9.58 23.50
CA ARG A 542 -37.67 11.03 23.21
C ARG A 542 -36.38 11.78 23.53
N TRP A 543 -35.77 11.52 24.69
CA TRP A 543 -34.57 12.30 25.09
C TRP A 543 -33.37 12.05 24.16
N GLN A 544 -33.18 10.81 23.68
CA GLN A 544 -31.99 10.47 22.86
C GLN A 544 -32.06 11.10 21.46
N LYS A 545 -30.91 11.31 20.82
CA LYS A 545 -30.87 11.86 19.43
C LYS A 545 -30.13 10.85 18.55
N VAL A 546 -30.33 10.87 17.23
CA VAL A 546 -29.74 9.80 16.37
C VAL A 546 -28.22 9.83 16.48
N GLU A 547 -27.63 11.02 16.52
CA GLU A 547 -26.14 11.14 16.58
C GLU A 547 -25.62 10.53 17.88
N ASN A 548 -26.30 10.74 19.00
CA ASN A 548 -25.82 10.25 20.33
C ASN A 548 -25.78 8.71 20.35
N ARG A 549 -26.76 8.04 19.75
CA ARG A 549 -26.80 6.56 19.84
C ARG A 549 -26.23 5.93 18.57
N PRO A 550 -24.96 5.48 18.52
CA PRO A 550 -24.40 4.80 17.37
C PRO A 550 -24.92 3.39 17.17
N ASP A 551 -25.31 2.69 18.23
CA ASP A 551 -25.68 1.24 18.10
C ASP A 551 -26.84 1.03 17.12
N LEU A 552 -27.88 1.85 17.16
CA LEU A 552 -29.05 1.58 16.28
C LEU A 552 -28.64 1.70 14.81
N VAL A 553 -27.81 2.68 14.44
CA VAL A 553 -27.50 2.88 13.00
C VAL A 553 -26.78 1.63 12.46
N ALA A 554 -25.80 1.11 13.20
CA ALA A 554 -25.07 -0.06 12.69
C ALA A 554 -26.01 -1.26 12.56
N ARG A 555 -26.85 -1.55 13.56
CA ARG A 555 -27.72 -2.76 13.50
C ARG A 555 -28.75 -2.66 12.37
N VAL A 556 -29.40 -1.50 12.21
CA VAL A 556 -30.47 -1.39 11.15
C VAL A 556 -29.81 -1.56 9.78
N PHE A 557 -28.63 -0.99 9.56
CA PHE A 557 -28.00 -1.07 8.22
C PHE A 557 -27.72 -2.54 7.90
N ASN A 558 -27.24 -3.29 8.89
CA ASN A 558 -26.87 -4.70 8.60
C ASN A 558 -28.15 -5.45 8.20
N ILE A 559 -29.27 -5.22 8.88
CA ILE A 559 -30.50 -6.01 8.54
C ILE A 559 -30.89 -5.66 7.10
N LYS A 560 -30.86 -4.38 6.74
CA LYS A 560 -31.24 -3.97 5.36
C LYS A 560 -30.26 -4.49 4.32
N LEU A 561 -28.94 -4.44 4.56
CA LEU A 561 -27.98 -4.85 3.49
C LEU A 561 -28.20 -6.32 3.22
N ASN A 562 -28.40 -7.10 4.28
CA ASN A 562 -28.54 -8.57 4.10
C ASN A 562 -29.78 -8.80 3.23
N ALA A 563 -30.85 -8.04 3.44
CA ALA A 563 -32.08 -8.23 2.65
C ALA A 563 -31.84 -7.91 1.17
N LEU A 564 -31.13 -6.82 0.84
CA LEU A 564 -30.82 -6.52 -0.58
C LEU A 564 -29.93 -7.63 -1.16
N LEU A 565 -28.88 -8.02 -0.43
CA LEU A 565 -27.95 -9.07 -0.94
C LEU A 565 -28.77 -10.32 -1.28
N ASN A 566 -29.70 -10.69 -0.40
CA ASN A 566 -30.54 -11.91 -0.62
C ASN A 566 -31.37 -11.72 -1.89
N ASP A 567 -31.93 -10.53 -2.11
CA ASP A 567 -32.82 -10.34 -3.29
C ASP A 567 -32.00 -10.57 -4.56
N ILE A 568 -30.78 -10.03 -4.63
CA ILE A 568 -29.98 -10.14 -5.89
C ILE A 568 -29.60 -11.60 -6.17
N CYS A 569 -29.17 -12.36 -5.16
CA CYS A 569 -28.67 -13.73 -5.44
C CYS A 569 -29.72 -14.80 -5.17
N LYS A 570 -30.30 -14.81 -3.97
CA LYS A 570 -31.28 -15.89 -3.61
C LYS A 570 -32.51 -15.76 -4.50
N PHE A 571 -32.97 -14.53 -4.76
CA PHE A 571 -34.20 -14.33 -5.57
C PHE A 571 -33.83 -14.11 -7.04
N HIS A 572 -32.54 -14.22 -7.38
CA HIS A 572 -32.14 -14.13 -8.81
C HIS A 572 -32.62 -12.82 -9.43
N LEU A 573 -32.61 -11.72 -8.67
CA LEU A 573 -32.97 -10.40 -9.24
C LEU A 573 -31.84 -10.02 -10.21
N PHE A 574 -32.18 -9.36 -11.33
CA PHE A 574 -31.17 -9.00 -12.37
C PHE A 574 -30.54 -10.29 -12.93
N GLY A 575 -31.31 -11.37 -13.00
CA GLY A 575 -30.80 -12.64 -13.57
C GLY A 575 -30.02 -13.48 -12.57
N LYS A 576 -29.52 -14.64 -13.02
CA LYS A 576 -28.73 -15.54 -12.13
C LYS A 576 -27.37 -14.88 -11.84
N VAL A 577 -26.94 -14.88 -10.57
CA VAL A 577 -25.61 -14.31 -10.22
C VAL A 577 -24.68 -15.47 -9.87
N ILE A 578 -23.50 -15.53 -10.50
CA ILE A 578 -22.56 -16.65 -10.26
C ILE A 578 -21.58 -16.25 -9.15
N ALA A 579 -21.03 -15.02 -9.23
CA ALA A 579 -20.01 -14.60 -8.25
C ALA A 579 -20.26 -13.17 -7.74
N LYS A 580 -19.99 -12.89 -6.47
CA LYS A 580 -20.28 -11.54 -5.90
C LYS A 580 -19.16 -11.10 -4.97
N ILE A 581 -18.77 -9.82 -5.00
CA ILE A 581 -17.77 -9.28 -4.04
C ILE A 581 -18.38 -8.01 -3.42
N HIS A 582 -18.34 -7.84 -2.09
CA HIS A 582 -18.97 -6.66 -1.43
C HIS A 582 -18.10 -6.11 -0.31
N VAL A 583 -17.80 -4.79 -0.30
CA VAL A 583 -16.90 -4.22 0.73
C VAL A 583 -17.55 -2.99 1.35
N ILE A 584 -17.52 -2.82 2.68
CA ILE A 584 -18.21 -1.68 3.36
C ILE A 584 -17.18 -0.67 3.85
N GLU A 585 -17.28 0.59 3.44
CA GLU A 585 -16.31 1.65 3.84
C GLU A 585 -17.06 2.83 4.45
N PHE A 586 -16.54 3.39 5.55
CA PHE A 586 -17.27 4.48 6.25
C PHE A 586 -16.77 5.84 5.80
N GLN A 587 -17.67 6.80 5.57
CA GLN A 587 -17.31 8.18 5.14
C GLN A 587 -16.90 9.01 6.36
N LYS A 588 -16.30 10.18 6.13
CA LYS A 588 -15.86 11.07 7.25
C LYS A 588 -17.09 11.45 8.06
N ARG A 589 -18.22 11.67 7.39
CA ARG A 589 -19.48 11.96 8.11
C ARG A 589 -19.78 10.76 9.02
N GLY A 590 -19.51 9.54 8.55
CA GLY A 590 -19.70 8.36 9.42
C GLY A 590 -20.81 7.46 8.94
N LEU A 591 -21.62 7.92 7.97
CA LEU A 591 -22.68 7.05 7.41
C LEU A 591 -22.01 5.84 6.73
N PRO A 592 -22.48 4.60 6.95
CA PRO A 592 -21.92 3.43 6.31
C PRO A 592 -22.40 3.25 4.86
N HIS A 593 -21.48 2.99 3.92
CA HIS A 593 -21.92 2.69 2.53
C HIS A 593 -21.23 1.43 2.02
N ALA A 594 -21.94 0.60 1.24
CA ALA A 594 -21.38 -0.68 0.78
C ALA A 594 -21.30 -0.70 -0.75
N HIS A 595 -20.16 -1.13 -1.30
CA HIS A 595 -20.01 -1.24 -2.77
C HIS A 595 -20.10 -2.71 -3.17
N ILE A 596 -21.02 -3.06 -4.06
CA ILE A 596 -21.23 -4.49 -4.44
C ILE A 596 -20.90 -4.67 -5.93
N LEU A 597 -20.20 -5.75 -6.29
CA LEU A 597 -19.91 -6.04 -7.71
C LEU A 597 -20.49 -7.40 -8.07
N LEU A 598 -21.23 -7.50 -9.17
CA LEU A 598 -21.90 -8.78 -9.52
C LEU A 598 -21.42 -9.28 -10.89
N ILE A 599 -21.02 -10.54 -10.98
CA ILE A 599 -20.64 -11.14 -12.30
C ILE A 599 -21.79 -12.06 -12.71
N LEU A 600 -22.59 -11.67 -13.70
CA LEU A 600 -23.80 -12.46 -14.07
C LEU A 600 -23.42 -13.70 -14.88
N ASP A 601 -24.33 -14.67 -14.97
CA ASP A 601 -24.12 -15.91 -15.76
C ASP A 601 -24.23 -15.56 -17.25
N SER A 602 -23.73 -16.43 -18.13
CA SER A 602 -23.73 -16.14 -19.59
C SER A 602 -25.15 -15.95 -20.12
N GLU A 603 -26.11 -16.74 -19.61
CA GLU A 603 -27.49 -16.68 -20.15
C GLU A 603 -28.11 -15.31 -19.94
N SER A 604 -27.84 -14.65 -18.82
CA SER A 604 -28.51 -13.35 -18.52
C SER A 604 -27.59 -12.16 -18.76
N LYS A 605 -26.43 -12.35 -19.41
CA LYS A 605 -25.47 -11.23 -19.58
C LYS A 605 -26.13 -10.11 -20.39
N LEU A 606 -25.87 -8.84 -20.05
CA LEU A 606 -26.59 -7.72 -20.72
C LEU A 606 -25.85 -7.31 -21.99
N ARG A 607 -26.42 -7.64 -23.16
CA ARG A 607 -25.77 -7.32 -24.46
C ARG A 607 -26.68 -6.44 -25.32
N SER A 608 -27.81 -5.98 -24.78
CA SER A 608 -28.76 -5.21 -25.64
C SER A 608 -29.18 -3.91 -24.97
N GLU A 609 -29.57 -2.91 -25.76
CA GLU A 609 -30.06 -1.63 -25.19
C GLU A 609 -31.33 -1.90 -24.39
N ASP A 610 -32.18 -2.82 -24.84
CA ASP A 610 -33.47 -3.04 -24.15
C ASP A 610 -33.21 -3.50 -22.71
N ASP A 611 -32.26 -4.40 -22.51
CA ASP A 611 -31.93 -4.89 -21.15
C ASP A 611 -31.36 -3.75 -20.31
N ILE A 612 -30.49 -2.92 -20.89
CA ILE A 612 -29.83 -1.85 -20.08
C ILE A 612 -30.92 -0.93 -19.52
N ASP A 613 -31.91 -0.57 -20.34
CA ASP A 613 -32.94 0.39 -19.87
C ASP A 613 -33.75 -0.21 -18.72
N ARG A 614 -34.11 -1.49 -18.81
CA ARG A 614 -34.98 -2.05 -17.74
C ARG A 614 -34.24 -2.01 -16.39
N ILE A 615 -32.96 -2.39 -16.37
CA ILE A 615 -32.15 -2.37 -15.11
C ILE A 615 -31.81 -0.93 -14.67
N VAL A 616 -31.41 -0.04 -15.58
CA VAL A 616 -30.95 1.31 -15.11
C VAL A 616 -31.77 2.42 -15.79
N LYS A 617 -32.19 3.44 -15.03
CA LYS A 617 -32.95 4.59 -15.58
C LYS A 617 -32.24 5.88 -15.14
N ALA A 618 -32.13 6.89 -16.00
CA ALA A 618 -31.38 8.11 -15.63
C ALA A 618 -32.23 9.39 -15.67
N GLU A 619 -33.55 9.30 -15.61
CA GLU A 619 -34.39 10.52 -15.77
C GLU A 619 -35.40 10.68 -14.63
N ILE A 620 -35.90 11.91 -14.39
CA ILE A 620 -36.92 12.15 -13.33
C ILE A 620 -38.20 11.38 -13.68
N PRO A 621 -38.84 10.66 -12.74
CA PRO A 621 -40.08 9.96 -13.01
C PRO A 621 -41.26 10.92 -13.13
N ASP A 622 -42.33 10.51 -13.82
CA ASP A 622 -43.54 11.37 -13.92
C ASP A 622 -44.14 11.51 -12.52
N GLU A 623 -44.46 12.75 -12.12
CA GLU A 623 -44.98 12.97 -10.75
C GLU A 623 -46.34 12.29 -10.58
N ASP A 624 -47.20 12.41 -11.59
CA ASP A 624 -48.56 11.81 -11.51
C ASP A 624 -48.47 10.28 -11.52
N GLN A 625 -47.71 9.72 -12.47
CA GLN A 625 -47.62 8.23 -12.60
C GLN A 625 -47.07 7.61 -11.31
N CYS A 626 -45.90 8.05 -10.85
CA CYS A 626 -45.26 7.42 -9.65
C CYS A 626 -44.86 8.49 -8.63
N PRO A 627 -45.80 9.02 -7.80
CA PRO A 627 -45.47 10.10 -6.86
C PRO A 627 -44.46 9.68 -5.78
N ARG A 628 -44.59 8.48 -5.22
CA ARG A 628 -43.68 8.04 -4.12
C ARG A 628 -42.26 7.97 -4.66
N LEU A 629 -42.09 7.41 -5.87
CA LEU A 629 -40.74 7.31 -6.49
C LEU A 629 -40.21 8.73 -6.73
N PHE A 630 -41.09 9.64 -7.14
CA PHE A 630 -40.66 11.03 -7.46
C PHE A 630 -40.04 11.66 -6.22
N GLN A 631 -40.66 11.44 -5.05
CA GLN A 631 -40.15 12.04 -3.78
C GLN A 631 -38.79 11.42 -3.42
N ILE A 632 -38.65 10.10 -3.57
CA ILE A 632 -37.38 9.42 -3.20
C ILE A 632 -36.25 9.94 -4.09
N VAL A 633 -36.50 10.04 -5.41
CA VAL A 633 -35.48 10.55 -6.36
C VAL A 633 -35.22 12.03 -6.07
N LYS A 634 -36.27 12.77 -5.72
CA LYS A 634 -36.14 14.24 -5.50
C LYS A 634 -35.17 14.53 -4.36
N SER A 635 -35.20 13.77 -3.28
CA SER A 635 -34.32 14.14 -2.13
C SER A 635 -33.02 13.33 -2.13
N ASN A 636 -33.12 12.00 -2.23
CA ASN A 636 -31.91 11.14 -2.11
C ASN A 636 -30.93 11.28 -3.28
N MET A 637 -31.42 11.33 -4.53
CA MET A 637 -30.50 11.31 -5.71
C MET A 637 -30.66 12.55 -6.60
N VAL A 638 -30.99 13.70 -6.04
CA VAL A 638 -31.30 14.89 -6.88
C VAL A 638 -30.11 15.31 -7.71
N HIS A 639 -28.91 15.32 -7.14
CA HIS A 639 -27.78 15.89 -7.92
C HIS A 639 -26.48 15.16 -7.66
N GLY A 640 -25.52 15.38 -8.56
CA GLY A 640 -24.19 14.79 -8.36
C GLY A 640 -23.18 15.91 -8.31
N PRO A 641 -22.17 15.84 -7.41
CA PRO A 641 -21.23 16.94 -7.30
C PRO A 641 -20.50 17.09 -8.63
N CYS A 642 -20.40 18.32 -9.14
CA CYS A 642 -19.72 18.54 -10.44
C CYS A 642 -18.24 18.17 -10.28
N GLY A 643 -17.70 17.41 -11.23
CA GLY A 643 -16.28 17.00 -11.15
C GLY A 643 -15.39 18.04 -11.81
N ILE A 644 -15.16 19.16 -11.11
CA ILE A 644 -14.26 20.24 -11.62
C ILE A 644 -13.27 20.57 -10.49
N GLN A 645 -12.21 19.79 -10.34
CA GLN A 645 -11.16 20.00 -9.29
C GLN A 645 -11.69 19.63 -7.88
N ASN A 646 -12.72 20.33 -7.39
CA ASN A 646 -13.32 19.96 -6.07
C ASN A 646 -14.83 19.72 -6.26
N PRO A 647 -15.30 18.45 -6.28
CA PRO A 647 -16.74 18.18 -6.39
C PRO A 647 -17.63 18.54 -5.18
N ASN A 648 -17.20 18.17 -3.97
CA ASN A 648 -18.03 18.41 -2.76
C ASN A 648 -18.16 19.90 -2.45
N SER A 649 -17.10 20.67 -2.64
CA SER A 649 -17.13 22.10 -2.23
C SER A 649 -18.30 22.81 -2.93
N PRO A 650 -19.14 23.57 -2.20
CA PRO A 650 -20.27 24.27 -2.79
C PRO A 650 -19.87 25.66 -3.28
N CYS A 651 -18.56 25.97 -3.28
CA CYS A 651 -18.12 27.27 -3.85
C CYS A 651 -18.68 27.36 -5.26
N MET A 652 -18.66 26.26 -6.02
CA MET A 652 -19.30 26.24 -7.36
C MET A 652 -20.79 25.90 -7.12
N GLU A 653 -21.56 26.83 -6.56
CA GLU A 653 -22.98 26.56 -6.21
C GLU A 653 -23.75 26.13 -7.47
N ASN A 654 -23.67 26.91 -8.55
CA ASN A 654 -24.37 26.57 -9.81
C ASN A 654 -23.97 25.15 -10.23
N GLY A 655 -22.67 24.86 -10.25
CA GLY A 655 -22.19 23.54 -10.71
C GLY A 655 -22.59 22.42 -9.77
N LYS A 656 -22.75 22.73 -8.48
CA LYS A 656 -23.04 21.66 -7.48
C LYS A 656 -24.37 20.97 -7.84
N CYS A 657 -25.39 21.73 -8.23
CA CYS A 657 -26.71 21.10 -8.48
C CYS A 657 -27.09 21.15 -9.96
N SER A 658 -27.27 20.01 -10.61
CA SER A 658 -27.75 19.93 -12.01
C SER A 658 -26.82 20.61 -13.01
N LYS A 659 -25.53 20.73 -12.70
CA LYS A 659 -24.56 21.28 -13.70
C LYS A 659 -23.33 20.37 -13.69
N GLY A 660 -23.45 19.17 -14.27
CA GLY A 660 -22.35 18.21 -14.18
C GLY A 660 -22.04 17.54 -15.50
N TYR A 661 -20.93 16.79 -15.55
CA TYR A 661 -20.49 16.08 -16.79
C TYR A 661 -21.62 15.47 -17.64
N PRO A 662 -22.67 14.76 -17.13
CA PRO A 662 -23.63 14.13 -18.05
C PRO A 662 -24.37 15.11 -18.97
N LYS A 663 -24.58 14.71 -20.24
CA LYS A 663 -25.25 15.59 -21.24
C LYS A 663 -26.36 14.78 -21.91
N GLU A 664 -27.26 15.43 -22.66
CA GLU A 664 -28.41 14.68 -23.24
C GLU A 664 -27.96 13.81 -24.42
N PHE A 665 -27.52 12.57 -24.15
CA PHE A 665 -27.15 11.61 -25.22
C PHE A 665 -28.38 11.21 -26.03
N GLN A 666 -29.54 11.07 -25.35
CA GLN A 666 -30.83 10.72 -26.01
C GLN A 666 -30.85 9.24 -26.43
N ASN A 667 -29.83 8.46 -26.05
CA ASN A 667 -29.86 7.00 -26.37
C ASN A 667 -29.08 6.21 -25.29
N ALA A 668 -29.37 4.92 -25.15
CA ALA A 668 -28.60 4.07 -24.21
C ALA A 668 -27.15 4.02 -24.66
N THR A 669 -26.90 3.92 -25.98
CA THR A 669 -25.52 4.02 -26.53
C THR A 669 -24.48 3.26 -25.68
N ILE A 670 -24.67 1.94 -25.49
CA ILE A 670 -23.62 1.17 -24.76
C ILE A 670 -22.51 0.82 -25.77
N GLY A 671 -21.79 1.84 -26.23
CA GLY A 671 -20.70 1.61 -27.21
C GLY A 671 -19.33 1.80 -26.59
N ASN A 672 -19.27 2.10 -25.30
CA ASN A 672 -17.97 2.33 -24.61
C ASN A 672 -17.20 3.43 -25.34
N ILE A 673 -17.88 4.50 -25.75
CA ILE A 673 -17.21 5.64 -26.44
C ILE A 673 -15.94 6.00 -25.68
N ASP A 674 -16.06 6.27 -24.38
CA ASP A 674 -14.90 6.64 -23.52
C ASP A 674 -14.55 5.43 -22.65
N GLY A 675 -15.11 4.25 -22.96
CA GLY A 675 -14.89 3.06 -22.10
C GLY A 675 -15.92 3.02 -20.99
N TYR A 676 -16.87 3.97 -20.99
CA TYR A 676 -17.93 4.01 -19.96
C TYR A 676 -19.29 4.20 -20.65
N PRO A 677 -20.31 3.30 -20.54
CA PRO A 677 -21.55 3.50 -21.28
C PRO A 677 -22.30 4.75 -20.82
N LYS A 678 -22.98 5.45 -21.74
CA LYS A 678 -23.73 6.69 -21.38
C LYS A 678 -25.22 6.39 -21.50
N TYR A 679 -26.00 6.49 -20.42
CA TYR A 679 -27.42 6.05 -20.44
C TYR A 679 -28.35 7.05 -21.11
N LYS A 680 -29.63 6.71 -21.23
CA LYS A 680 -30.57 7.61 -21.96
C LYS A 680 -31.03 8.78 -21.08
N ARG A 681 -30.77 10.00 -21.52
CA ARG A 681 -31.26 11.20 -20.78
C ARG A 681 -31.99 12.06 -21.80
N ARG A 682 -33.23 12.44 -21.51
CA ARG A 682 -34.02 13.25 -22.47
C ARG A 682 -34.26 14.63 -21.85
N SER A 683 -33.94 15.69 -22.58
CA SER A 683 -34.08 17.07 -22.04
C SER A 683 -35.56 17.47 -21.97
N GLY A 684 -35.88 18.51 -21.19
CA GLY A 684 -37.27 19.01 -21.14
C GLY A 684 -38.06 18.57 -19.93
N SER A 685 -37.45 17.84 -18.99
CA SER A 685 -38.17 17.50 -17.73
C SER A 685 -37.42 18.09 -16.55
N THR A 686 -38.10 18.87 -15.70
CA THR A 686 -37.42 19.54 -14.56
C THR A 686 -38.39 19.66 -13.37
N MET A 687 -37.86 19.81 -12.15
CA MET A 687 -38.70 19.95 -10.93
C MET A 687 -38.05 21.01 -10.02
N SER A 688 -38.80 21.55 -9.05
CA SER A 688 -38.25 22.66 -8.22
C SER A 688 -37.73 22.14 -6.88
N ILE A 689 -36.42 22.29 -6.62
CA ILE A 689 -35.83 21.88 -5.32
C ILE A 689 -35.02 23.06 -4.75
N GLY A 690 -35.28 23.44 -3.49
CA GLY A 690 -34.50 24.51 -2.85
C GLY A 690 -34.52 25.80 -3.64
N ASN A 691 -35.67 26.17 -4.20
CA ASN A 691 -35.81 27.42 -5.00
C ASN A 691 -34.85 27.36 -6.20
N LYS A 692 -34.61 26.16 -6.73
CA LYS A 692 -33.75 26.00 -7.93
C LYS A 692 -34.44 24.98 -8.86
N VAL A 693 -34.14 25.03 -10.16
CA VAL A 693 -34.70 24.01 -11.10
C VAL A 693 -33.58 23.05 -11.49
N VAL A 694 -33.80 21.75 -11.29
CA VAL A 694 -32.80 20.73 -11.72
C VAL A 694 -33.41 19.90 -12.84
N ASP A 695 -32.74 19.85 -14.00
CA ASP A 695 -33.31 19.15 -15.18
C ASP A 695 -32.85 17.69 -15.22
N ASN A 696 -33.17 16.98 -16.31
CA ASN A 696 -32.82 15.54 -16.44
C ASN A 696 -31.32 15.38 -16.67
N THR A 697 -30.61 16.51 -16.76
CA THR A 697 -29.14 16.47 -16.97
C THR A 697 -28.49 15.73 -15.81
N TRP A 698 -29.00 15.86 -14.58
CA TRP A 698 -28.30 15.22 -13.44
C TRP A 698 -29.20 14.39 -12.54
N ILE A 699 -29.59 13.19 -12.97
CA ILE A 699 -30.31 12.26 -12.06
C ILE A 699 -29.39 11.04 -11.95
N VAL A 700 -28.79 10.78 -10.79
CA VAL A 700 -27.79 9.67 -10.68
C VAL A 700 -28.50 8.38 -11.14
N PRO A 701 -27.88 7.50 -11.97
CA PRO A 701 -28.62 6.34 -12.47
C PRO A 701 -29.25 5.56 -11.33
N TYR A 702 -30.56 5.31 -11.38
CA TYR A 702 -31.25 4.65 -10.24
C TYR A 702 -32.15 3.53 -10.74
N ASN A 703 -32.43 2.55 -9.88
CA ASN A 703 -33.31 1.41 -10.28
C ASN A 703 -34.63 1.56 -9.55
N PRO A 704 -35.83 1.50 -10.19
CA PRO A 704 -37.09 1.73 -9.47
C PRO A 704 -37.43 0.73 -8.35
N TYR A 705 -37.40 -0.58 -8.59
CA TYR A 705 -37.85 -1.51 -7.53
C TYR A 705 -36.98 -1.35 -6.27
N LEU A 706 -35.65 -1.26 -6.43
CA LEU A 706 -34.76 -1.19 -5.24
C LEU A 706 -35.02 0.09 -4.46
N CYS A 707 -35.14 1.23 -5.14
CA CYS A 707 -35.34 2.53 -4.44
C CYS A 707 -36.69 2.54 -3.71
N LEU A 708 -37.73 2.00 -4.35
CA LEU A 708 -39.08 1.98 -3.73
C LEU A 708 -39.07 1.12 -2.46
N LYS A 709 -38.38 -0.02 -2.49
CA LYS A 709 -38.39 -0.95 -1.33
C LYS A 709 -37.59 -0.34 -0.17
N TYR A 710 -36.31 -0.05 -0.39
CA TYR A 710 -35.46 0.51 0.69
C TYR A 710 -35.31 2.00 0.39
N ASN A 711 -35.74 2.89 1.28
CA ASN A 711 -35.75 4.34 0.96
C ASN A 711 -34.36 4.94 1.18
N CYS A 712 -33.42 4.68 0.27
CA CYS A 712 -32.03 5.18 0.42
C CYS A 712 -31.40 5.31 -0.96
N HIS A 713 -30.25 5.97 -1.09
CA HIS A 713 -29.66 6.19 -2.43
C HIS A 713 -29.02 4.90 -2.93
N ILE A 714 -29.55 4.30 -4.01
CA ILE A 714 -28.94 3.08 -4.61
C ILE A 714 -28.57 3.43 -6.05
N ASN A 715 -27.29 3.35 -6.40
CA ASN A 715 -26.84 3.75 -7.77
C ASN A 715 -26.47 2.47 -8.53
N VAL A 716 -27.13 2.21 -9.64
CA VAL A 716 -26.84 0.99 -10.46
C VAL A 716 -26.17 1.46 -11.75
N GLU A 717 -24.97 0.96 -12.04
CA GLU A 717 -24.23 1.35 -13.26
C GLU A 717 -23.77 0.07 -13.96
N VAL A 718 -23.60 0.11 -15.28
CA VAL A 718 -23.19 -1.12 -16.03
C VAL A 718 -21.73 -0.97 -16.44
N CYS A 719 -20.91 -1.99 -16.20
CA CYS A 719 -19.48 -1.95 -16.63
C CYS A 719 -19.33 -2.72 -17.95
N ALA A 720 -18.77 -2.11 -19.00
CA ALA A 720 -18.73 -2.80 -20.30
C ALA A 720 -17.29 -3.02 -20.76
N SER A 721 -16.32 -2.60 -19.94
CA SER A 721 -14.90 -2.73 -20.33
C SER A 721 -14.09 -3.44 -19.24
N ILE A 722 -13.21 -4.35 -19.62
CA ILE A 722 -12.31 -5.02 -18.62
C ILE A 722 -11.41 -3.93 -18.01
N LYS A 723 -11.01 -2.95 -18.81
CA LYS A 723 -10.15 -1.84 -18.31
C LYS A 723 -10.91 -1.09 -17.20
N SER A 724 -12.24 -0.98 -17.31
CA SER A 724 -13.03 -0.28 -16.28
C SER A 724 -12.89 -0.99 -14.93
N VAL A 725 -12.87 -2.33 -14.93
CA VAL A 725 -12.63 -3.04 -13.64
C VAL A 725 -11.22 -2.71 -13.12
N LYS A 726 -10.22 -2.61 -13.98
CA LYS A 726 -8.83 -2.36 -13.49
C LYS A 726 -8.86 -1.19 -12.50
N TYR A 727 -9.66 -0.16 -12.76
CA TYR A 727 -9.74 1.03 -11.89
C TYR A 727 -10.66 0.75 -10.69
N LEU A 728 -11.74 0.02 -10.93
CA LEU A 728 -12.75 -0.21 -9.89
C LEU A 728 -12.26 -1.18 -8.80
N PHE A 729 -11.36 -2.11 -9.13
CA PHE A 729 -10.96 -3.16 -8.15
C PHE A 729 -10.26 -2.57 -6.94
N LYS A 730 -9.84 -1.31 -6.99
CA LYS A 730 -9.03 -0.74 -5.90
C LYS A 730 -9.90 -0.37 -4.71
N TYR A 731 -11.20 -0.63 -4.74
CA TYR A 731 -12.02 -0.35 -3.52
C TYR A 731 -11.62 -1.23 -2.31
N ILE A 732 -11.01 -2.40 -2.50
CA ILE A 732 -10.67 -3.36 -1.39
C ILE A 732 -9.28 -3.11 -0.83
N TYR A 733 -8.60 -2.00 -1.18
CA TYR A 733 -7.19 -1.77 -0.78
C TYR A 733 -6.99 -0.76 0.35
N LYS A 734 -8.03 -0.38 1.09
CA LYS A 734 -7.82 0.69 2.09
C LYS A 734 -7.81 0.14 3.53
N GLY A 735 -7.23 0.88 4.48
CA GLY A 735 -7.33 0.48 5.91
C GLY A 735 -8.28 1.42 6.63
N HIS A 736 -7.78 2.24 7.58
CA HIS A 736 -8.70 3.25 8.17
C HIS A 736 -8.62 4.54 7.34
N ASP A 737 -9.63 5.41 7.46
CA ASP A 737 -9.64 6.73 6.76
C ASP A 737 -8.40 7.52 7.19
N CYS A 738 -7.79 8.28 6.27
CA CYS A 738 -6.54 9.01 6.59
C CYS A 738 -6.81 10.52 6.62
N ALA A 739 -6.34 11.22 7.65
CA ALA A 739 -6.55 12.68 7.77
C ALA A 739 -5.25 13.36 8.20
N ASN A 740 -5.21 14.69 8.17
CA ASN A 740 -4.00 15.44 8.61
C ASN A 740 -4.39 16.37 9.76
N ILE A 741 -3.70 16.28 10.91
CA ILE A 741 -4.09 17.07 12.12
C ILE A 741 -2.92 17.93 12.57
N GLN A 742 -3.17 19.22 12.86
CA GLN A 742 -2.11 20.16 13.29
C GLN A 742 -2.43 20.66 14.70
N ILE A 743 -1.47 20.57 15.63
CA ILE A 743 -1.75 20.95 17.05
C ILE A 743 -1.05 22.28 17.33
N SER A 744 -1.77 23.25 17.91
CA SER A 744 -1.19 24.59 18.18
C SER A 744 -1.23 24.92 19.66
N GLU A 745 -0.10 25.40 20.21
CA GLU A 745 -0.08 25.83 21.63
C GLU A 745 -0.02 27.36 21.64
N LYS A 746 -0.93 28.02 22.37
CA LYS A 746 -0.99 29.50 22.31
C LYS A 746 -0.83 30.08 23.72
N ASN A 747 -0.24 31.28 23.82
CA ASN A 747 -0.06 31.94 25.14
C ASN A 747 -0.99 33.16 25.23
N ILE A 748 -1.76 33.26 26.32
CA ILE A 748 -2.64 34.45 26.52
C ILE A 748 -1.80 35.70 26.78
N ILE A 749 -0.72 35.60 27.56
CA ILE A 749 0.07 36.80 27.97
C ILE A 749 0.71 37.49 26.76
N ASN A 750 1.32 36.73 25.85
CA ASN A 750 1.88 37.31 24.60
C ASN A 750 1.40 36.43 23.46
N HIS A 751 1.18 36.98 22.26
CA HIS A 751 0.56 36.17 21.18
C HIS A 751 1.61 35.27 20.52
N ASP A 752 2.03 34.22 21.21
CA ASP A 752 3.06 33.29 20.67
C ASP A 752 2.41 31.92 20.43
N GLU A 753 2.51 31.40 19.20
CA GLU A 753 1.90 30.10 18.86
C GLU A 753 2.94 29.17 18.24
N VAL A 754 3.02 27.91 18.68
CA VAL A 754 3.93 26.92 18.04
C VAL A 754 3.05 25.87 17.37
N GLN A 755 3.29 25.57 16.08
CA GLN A 755 2.39 24.64 15.35
C GLN A 755 3.17 23.43 14.83
N ASP A 756 2.65 22.22 15.02
CA ASP A 756 3.34 20.97 14.60
C ASP A 756 2.39 20.14 13.72
N PHE A 757 2.91 19.38 12.76
CA PHE A 757 2.04 18.63 11.81
C PHE A 757 2.13 17.13 12.04
N ILE A 758 0.97 16.45 12.20
CA ILE A 758 0.93 14.97 12.41
C ILE A 758 0.00 14.35 11.35
N ASP A 759 0.46 13.31 10.64
CA ASP A 759 -0.41 12.59 9.67
C ASP A 759 -0.89 11.31 10.35
N SER A 760 -2.20 11.17 10.61
CA SER A 760 -2.67 9.99 11.39
C SER A 760 -3.99 9.42 10.87
N ARG A 761 -4.28 8.15 11.17
CA ARG A 761 -5.55 7.51 10.76
C ARG A 761 -6.72 8.01 11.62
N TYR A 762 -7.94 7.94 11.09
CA TYR A 762 -9.14 8.47 11.80
C TYR A 762 -10.18 7.35 11.91
N VAL A 763 -10.73 7.09 13.11
CA VAL A 763 -11.82 6.08 13.24
C VAL A 763 -13.07 6.79 13.80
N SER A 764 -14.19 6.71 13.09
CA SER A 764 -15.45 7.36 13.54
C SER A 764 -16.19 6.45 14.53
N ALA A 765 -17.16 6.99 15.27
CA ALA A 765 -17.97 6.18 16.20
C ALA A 765 -18.74 5.05 15.48
N PRO A 766 -19.52 5.25 14.38
CA PRO A 766 -20.26 4.15 13.79
C PRO A 766 -19.38 2.96 13.38
N GLU A 767 -18.19 3.21 12.84
CA GLU A 767 -17.25 2.11 12.47
C GLU A 767 -16.85 1.34 13.72
N ALA A 768 -16.58 2.04 14.82
CA ALA A 768 -16.14 1.36 16.04
C ALA A 768 -17.23 0.44 16.58
N VAL A 769 -18.51 0.83 16.60
CA VAL A 769 -19.56 -0.12 17.06
C VAL A 769 -19.63 -1.31 16.09
N TRP A 770 -19.46 -1.07 14.80
CA TRP A 770 -19.53 -2.16 13.80
C TRP A 770 -18.42 -3.19 14.10
N ARG A 771 -17.19 -2.75 14.28
CA ARG A 771 -16.05 -3.68 14.54
C ARG A 771 -16.18 -4.35 15.91
N LEU A 772 -16.67 -3.64 16.94
CA LEU A 772 -16.78 -4.23 18.31
C LEU A 772 -17.75 -5.40 18.26
N PHE A 773 -18.87 -5.26 17.56
CA PHE A 773 -19.77 -6.42 17.36
C PHE A 773 -19.14 -7.27 16.26
N ALA A 774 -19.56 -8.53 16.11
CA ALA A 774 -18.92 -9.39 15.09
C ALA A 774 -19.63 -9.20 13.74
N MET A 775 -19.30 -8.13 13.02
CA MET A 775 -19.99 -7.85 11.73
C MET A 775 -18.96 -7.86 10.60
N ARG A 776 -19.30 -8.47 9.46
CA ARG A 776 -18.31 -8.66 8.37
C ARG A 776 -18.11 -7.39 7.56
N MET A 777 -16.87 -7.09 7.18
CA MET A 777 -16.59 -5.92 6.31
C MET A 777 -16.18 -6.34 4.90
N HIS A 778 -15.89 -7.62 4.65
CA HIS A 778 -15.59 -8.07 3.27
C HIS A 778 -16.17 -9.47 3.08
N ASP A 779 -16.85 -9.74 1.97
CA ASP A 779 -17.40 -11.08 1.68
C ASP A 779 -17.17 -11.43 0.22
N GLN A 780 -16.75 -12.66 -0.09
CA GLN A 780 -16.52 -13.10 -1.48
C GLN A 780 -17.27 -14.41 -1.68
N SER A 781 -17.95 -14.59 -2.80
CA SER A 781 -18.76 -15.80 -2.97
C SER A 781 -17.91 -17.06 -2.99
N HIS A 782 -16.77 -17.06 -3.67
CA HIS A 782 -15.92 -18.27 -3.81
C HIS A 782 -14.59 -18.10 -3.07
N ALA A 783 -14.25 -18.98 -2.11
CA ALA A 783 -12.95 -18.96 -1.41
C ALA A 783 -11.90 -19.59 -2.32
N ILE A 784 -10.60 -19.42 -2.04
CA ILE A 784 -9.54 -19.96 -2.94
C ILE A 784 -8.59 -20.86 -2.14
N THR A 785 -8.28 -22.05 -2.66
CA THR A 785 -7.30 -22.96 -2.01
C THR A 785 -6.04 -22.99 -2.88
N ARG A 786 -4.87 -22.72 -2.29
CA ARG A 786 -3.63 -22.64 -3.09
C ARG A 786 -2.93 -24.00 -3.13
N LEU A 787 -2.76 -24.59 -4.32
CA LEU A 787 -2.06 -25.89 -4.47
C LEU A 787 -0.56 -25.64 -4.54
N ALA A 788 0.27 -26.69 -4.42
CA ALA A 788 1.73 -26.50 -4.38
C ALA A 788 2.44 -27.32 -5.47
N ILE A 789 3.51 -26.77 -6.06
CA ILE A 789 4.32 -27.49 -7.09
C ILE A 789 5.72 -27.69 -6.52
N HIS A 790 6.12 -28.93 -6.26
CA HIS A 790 7.44 -29.18 -5.61
C HIS A 790 8.22 -30.26 -6.35
N LEU A 791 9.55 -30.22 -6.28
CA LEU A 791 10.42 -31.25 -6.93
C LEU A 791 10.23 -32.57 -6.18
N PRO A 792 10.61 -33.74 -6.73
CA PRO A 792 10.29 -35.01 -6.08
C PRO A 792 10.79 -35.24 -4.65
N ASN A 793 12.03 -34.89 -4.33
CA ASN A 793 12.54 -35.20 -2.96
C ASN A 793 12.45 -33.98 -2.06
N ASP A 794 12.01 -32.84 -2.58
CA ASP A 794 11.99 -31.59 -1.76
C ASP A 794 10.54 -31.20 -1.45
N GLN A 795 10.17 -31.18 -0.17
CA GLN A 795 8.81 -30.75 0.25
C GLN A 795 9.02 -29.56 1.19
N ASN A 796 7.95 -29.04 1.81
CA ASN A 796 8.19 -27.97 2.80
C ASN A 796 7.72 -28.42 4.20
N LEU A 797 8.60 -28.35 5.21
CA LEU A 797 8.24 -28.71 6.60
C LEU A 797 8.41 -27.45 7.46
N TYR A 798 7.42 -27.09 8.27
CA TYR A 798 7.56 -25.92 9.18
C TYR A 798 7.73 -26.44 10.61
N PHE A 799 8.84 -26.10 11.28
CA PHE A 799 9.10 -26.70 12.62
C PHE A 799 9.44 -25.63 13.67
N HIS A 800 8.97 -25.81 14.91
CA HIS A 800 9.32 -24.86 16.01
C HIS A 800 10.80 -25.01 16.32
N THR A 801 11.49 -23.91 16.65
CA THR A 801 12.96 -23.99 16.81
C THR A 801 13.34 -24.95 17.92
N ASP A 802 12.66 -24.89 19.08
CA ASP A 802 13.06 -25.71 20.24
C ASP A 802 12.87 -27.20 19.97
N ASP A 803 11.75 -27.60 19.36
CA ASP A 803 11.43 -29.05 19.19
C ASP A 803 12.03 -29.60 17.89
N PHE A 804 13.34 -29.61 17.74
CA PHE A 804 13.97 -30.20 16.52
C PHE A 804 13.76 -31.72 16.44
N ALA A 805 13.85 -32.43 17.56
CA ALA A 805 13.78 -33.92 17.54
C ALA A 805 12.41 -34.38 17.00
N GLU A 806 11.33 -33.70 17.37
CA GLU A 806 9.96 -34.10 16.94
C GLU A 806 9.88 -34.04 15.41
N VAL A 807 10.58 -33.10 14.78
CA VAL A 807 10.46 -32.90 13.30
C VAL A 807 10.88 -34.19 12.58
N LEU A 808 11.90 -34.89 13.08
CA LEU A 808 12.39 -36.09 12.34
C LEU A 808 11.26 -37.12 12.22
N ASP A 809 10.54 -37.39 13.32
CA ASP A 809 9.40 -38.35 13.28
C ASP A 809 8.24 -37.79 12.44
N ARG A 810 7.94 -36.50 12.59
CA ARG A 810 6.78 -35.89 11.88
C ARG A 810 7.01 -35.90 10.37
N ALA A 811 8.26 -35.85 9.93
CA ALA A 811 8.53 -35.71 8.48
C ALA A 811 7.94 -36.86 7.67
N LYS A 812 8.09 -38.11 8.13
CA LYS A 812 7.62 -39.24 7.29
C LYS A 812 6.12 -39.13 7.09
N ARG A 813 5.40 -38.76 8.15
CA ARG A 813 3.92 -38.63 8.07
C ARG A 813 3.48 -37.47 7.16
N HIS A 814 4.18 -36.33 7.18
CA HIS A 814 3.68 -35.15 6.41
C HIS A 814 3.57 -35.44 4.92
N ASN A 815 2.44 -35.05 4.31
CA ASN A 815 2.26 -35.19 2.85
C ASN A 815 1.83 -33.84 2.28
N SER A 816 2.49 -33.33 1.25
CA SER A 816 2.09 -32.05 0.61
C SER A 816 0.92 -32.31 -0.34
N THR A 817 0.28 -31.26 -0.84
CA THR A 817 -0.93 -31.48 -1.66
C THR A 817 -0.59 -32.34 -2.87
N LEU A 818 0.53 -32.11 -3.54
CA LEU A 818 0.83 -32.88 -4.76
C LEU A 818 1.00 -34.35 -4.37
N MET A 819 1.70 -34.63 -3.27
CA MET A 819 1.97 -36.04 -2.92
C MET A 819 0.63 -36.73 -2.63
N ALA A 820 -0.27 -36.02 -1.98
CA ALA A 820 -1.59 -36.59 -1.62
C ALA A 820 -2.37 -36.90 -2.90
N TRP A 821 -2.23 -36.06 -3.92
CA TRP A 821 -3.00 -36.27 -5.17
C TRP A 821 -2.65 -37.64 -5.72
N PHE A 822 -1.37 -38.02 -5.62
CA PHE A 822 -0.95 -39.34 -6.14
C PHE A 822 -1.70 -40.43 -5.37
N LEU A 823 -1.80 -40.29 -4.05
CA LEU A 823 -2.46 -41.36 -3.24
C LEU A 823 -3.94 -41.46 -3.62
N LEU A 824 -4.61 -40.33 -3.81
CA LEU A 824 -6.07 -40.35 -4.11
C LEU A 824 -6.25 -41.07 -5.43
N ASN A 825 -5.36 -40.83 -6.38
CA ASN A 825 -5.47 -41.48 -7.70
C ASN A 825 -5.30 -42.99 -7.52
N ARG A 826 -4.39 -43.41 -6.65
CA ARG A 826 -4.12 -44.86 -6.47
C ARG A 826 -5.36 -45.57 -5.92
N GLU A 827 -6.09 -44.95 -4.98
CA GLU A 827 -7.23 -45.66 -4.32
C GLU A 827 -8.61 -45.28 -4.86
N ASP A 828 -8.76 -44.26 -5.72
CA ASP A 828 -10.12 -43.85 -6.14
C ASP A 828 -10.28 -43.80 -7.66
N SER A 829 -11.30 -44.47 -8.20
CA SER A 829 -11.59 -44.42 -9.67
C SER A 829 -12.11 -43.05 -10.10
N ASP A 830 -12.98 -42.42 -9.31
CA ASP A 830 -13.64 -41.15 -9.74
C ASP A 830 -12.64 -40.02 -9.96
N ALA A 831 -11.61 -39.92 -9.11
CA ALA A 831 -10.66 -38.78 -9.18
C ALA A 831 -9.88 -38.75 -10.48
N ARG A 832 -9.74 -39.88 -11.17
CA ARG A 832 -8.88 -39.92 -12.39
C ARG A 832 -9.35 -38.90 -13.41
N ASN A 833 -10.66 -38.67 -13.53
CA ASN A 833 -11.18 -37.75 -14.56
C ASN A 833 -10.66 -36.32 -14.36
N TYR A 834 -10.60 -35.84 -13.13
CA TYR A 834 -10.21 -34.42 -12.86
C TYR A 834 -8.70 -34.17 -13.02
N TYR A 835 -8.30 -32.98 -13.47
CA TYR A 835 -6.86 -32.59 -13.56
C TYR A 835 -6.43 -32.12 -12.18
N TYR A 836 -5.13 -31.90 -11.93
CA TYR A 836 -4.68 -31.54 -10.56
C TYR A 836 -5.28 -30.22 -10.12
N TRP A 837 -5.38 -29.25 -11.02
CA TRP A 837 -5.93 -27.91 -10.67
C TRP A 837 -7.40 -28.01 -10.22
N GLU A 838 -8.20 -28.91 -10.79
CA GLU A 838 -9.66 -28.99 -10.48
C GLU A 838 -9.95 -29.83 -9.23
N ILE A 839 -8.97 -30.55 -8.67
CA ILE A 839 -9.27 -31.44 -7.52
C ILE A 839 -9.79 -30.64 -6.33
N PRO A 840 -9.30 -29.42 -5.99
CA PRO A 840 -9.79 -28.71 -4.81
C PRO A 840 -11.31 -28.54 -4.82
N GLN A 841 -11.91 -28.34 -5.99
CA GLN A 841 -13.37 -28.11 -6.04
C GLN A 841 -14.12 -29.33 -5.52
N HIS A 842 -13.68 -30.55 -5.87
CA HIS A 842 -14.49 -31.75 -5.49
C HIS A 842 -13.98 -32.47 -4.25
N TYR A 843 -12.92 -31.99 -3.58
CA TYR A 843 -12.35 -32.71 -2.41
C TYR A 843 -11.84 -31.69 -1.38
N VAL A 844 -11.60 -32.11 -0.13
CA VAL A 844 -11.15 -31.17 0.94
C VAL A 844 -9.91 -31.76 1.63
N PHE A 845 -8.99 -30.92 2.11
CA PHE A 845 -7.71 -31.44 2.68
C PHE A 845 -7.65 -31.27 4.18
N ASN A 846 -7.54 -32.36 4.94
CA ASN A 846 -7.34 -32.26 6.41
C ASN A 846 -6.38 -33.37 6.83
N ASN A 847 -5.44 -33.07 7.73
CA ASN A 847 -4.53 -34.13 8.27
C ASN A 847 -3.82 -34.90 7.16
N SER A 848 -3.30 -34.20 6.15
CA SER A 848 -2.51 -34.84 5.06
C SER A 848 -3.25 -35.92 4.27
N LEU A 849 -4.54 -35.71 3.99
CA LEU A 849 -5.30 -36.65 3.11
C LEU A 849 -6.40 -35.88 2.39
N TRP A 850 -6.90 -36.40 1.28
CA TRP A 850 -8.03 -35.75 0.54
C TRP A 850 -9.30 -36.56 0.80
N THR A 851 -10.42 -35.91 1.13
CA THR A 851 -11.71 -36.62 1.38
C THR A 851 -12.82 -35.95 0.57
N LYS A 852 -13.83 -36.71 0.14
CA LYS A 852 -14.91 -36.16 -0.73
C LYS A 852 -15.76 -35.17 0.07
N ARG A 853 -16.28 -34.14 -0.61
CA ARG A 853 -17.11 -33.11 0.08
C ARG A 853 -18.56 -33.33 -0.28
N ARG A 854 -19.42 -33.60 0.71
CA ARG A 854 -20.85 -33.92 0.43
C ARG A 854 -21.75 -32.84 1.02
N LYS A 855 -21.18 -31.74 1.52
CA LYS A 855 -22.01 -30.73 2.24
C LYS A 855 -22.53 -29.65 1.29
N GLY A 856 -22.22 -29.72 0.00
CA GLY A 856 -22.62 -28.61 -0.89
C GLY A 856 -22.03 -27.31 -0.39
N GLY A 857 -20.77 -27.33 0.05
CA GLY A 857 -20.09 -26.14 0.61
C GLY A 857 -19.74 -25.12 -0.46
N ASN A 858 -19.40 -23.89 -0.04
CA ASN A 858 -19.01 -22.82 -1.00
C ASN A 858 -17.92 -23.34 -1.94
N LYS A 859 -18.17 -23.17 -3.23
CA LYS A 859 -17.21 -23.69 -4.23
C LYS A 859 -15.87 -23.02 -3.95
N VAL A 860 -14.80 -23.78 -4.00
CA VAL A 860 -13.46 -23.15 -3.85
C VAL A 860 -12.82 -23.23 -5.22
N LEU A 861 -12.31 -22.13 -5.75
CA LEU A 861 -11.82 -22.15 -7.16
C LEU A 861 -10.59 -23.04 -7.38
N GLY A 862 -9.52 -22.87 -6.60
CA GLY A 862 -8.29 -23.65 -6.83
C GLY A 862 -7.34 -22.96 -7.80
N ARG A 863 -6.11 -22.64 -7.36
CA ARG A 863 -5.14 -21.93 -8.22
C ARG A 863 -3.76 -22.58 -8.12
N LEU A 864 -3.00 -22.63 -9.21
CA LEU A 864 -1.61 -23.17 -9.19
C LEU A 864 -0.68 -21.97 -9.37
N PHE A 865 0.36 -21.83 -8.57
CA PHE A 865 1.24 -20.64 -8.63
C PHE A 865 2.08 -20.69 -9.91
N THR A 866 2.74 -19.59 -10.31
CA THR A 866 3.62 -19.58 -11.50
C THR A 866 5.09 -19.77 -11.09
N VAL A 867 5.84 -20.60 -11.81
CA VAL A 867 7.26 -20.91 -11.42
C VAL A 867 8.18 -20.26 -12.44
N SER A 868 9.33 -19.74 -12.01
CA SER A 868 10.25 -18.99 -12.90
C SER A 868 11.31 -19.91 -13.52
N PHE A 869 11.87 -19.52 -14.65
CA PHE A 869 12.79 -20.42 -15.39
C PHE A 869 14.07 -20.64 -14.60
N ARG A 870 14.25 -19.92 -13.50
CA ARG A 870 15.56 -20.01 -12.79
C ARG A 870 15.83 -21.47 -12.45
N GLU A 871 14.82 -22.25 -12.09
CA GLU A 871 15.06 -23.70 -11.90
C GLU A 871 14.41 -24.41 -13.09
N PRO A 872 15.13 -24.88 -14.13
CA PRO A 872 14.44 -25.43 -15.30
C PRO A 872 13.52 -26.61 -15.03
N GLU A 873 13.92 -27.57 -14.19
CA GLU A 873 13.09 -28.78 -14.01
C GLU A 873 11.72 -28.41 -13.43
N ARG A 874 11.69 -27.50 -12.45
CA ARG A 874 10.40 -27.13 -11.81
C ARG A 874 9.50 -26.48 -12.84
N TYR A 875 10.05 -25.67 -13.75
CA TYR A 875 9.22 -25.06 -14.81
C TYR A 875 8.59 -26.16 -15.67
N TYR A 876 9.37 -27.20 -16.01
CA TYR A 876 8.82 -28.32 -16.81
C TYR A 876 7.74 -29.07 -16.02
N LEU A 877 7.93 -29.23 -14.71
CA LEU A 877 6.92 -29.96 -13.89
C LEU A 877 5.59 -29.22 -13.96
N ARG A 878 5.62 -27.88 -13.92
CA ARG A 878 4.32 -27.16 -13.90
C ARG A 878 3.60 -27.51 -15.20
N LEU A 879 4.32 -27.55 -16.32
CA LEU A 879 3.60 -27.80 -17.60
C LEU A 879 2.96 -29.19 -17.53
N LEU A 880 3.67 -30.19 -17.00
CA LEU A 880 3.10 -31.55 -16.98
C LEU A 880 1.83 -31.60 -16.12
N LEU A 881 1.83 -30.97 -14.94
CA LEU A 881 0.65 -31.07 -14.03
C LEU A 881 -0.55 -30.45 -14.72
N LEU A 882 -0.34 -29.33 -15.40
CA LEU A 882 -1.46 -28.62 -16.05
C LEU A 882 -2.11 -29.51 -17.12
N HIS A 883 -1.33 -30.26 -17.90
CA HIS A 883 -1.95 -31.03 -19.02
C HIS A 883 -2.02 -32.54 -18.79
N VAL A 884 -1.63 -33.07 -17.62
CA VAL A 884 -1.63 -34.55 -17.46
C VAL A 884 -2.53 -34.94 -16.28
N LYS A 885 -3.30 -36.00 -16.42
CA LYS A 885 -4.28 -36.40 -15.37
C LYS A 885 -4.05 -37.86 -14.96
N GLY A 886 -4.58 -38.27 -13.79
CA GLY A 886 -4.45 -39.66 -13.34
C GLY A 886 -3.03 -40.15 -13.17
N ALA A 887 -2.20 -39.41 -12.43
CA ALA A 887 -0.81 -39.85 -12.17
C ALA A 887 -0.75 -40.68 -10.88
N ILE A 888 -0.35 -41.94 -10.99
CA ILE A 888 -0.23 -42.83 -9.80
C ILE A 888 0.90 -42.35 -8.89
N SER A 889 2.03 -41.94 -9.46
CA SER A 889 3.22 -41.52 -8.68
C SER A 889 4.11 -40.64 -9.56
N PHE A 890 5.21 -40.10 -9.03
CA PHE A 890 6.05 -39.17 -9.82
C PHE A 890 6.53 -39.90 -11.07
N GLU A 891 6.78 -41.20 -10.95
CA GLU A 891 7.30 -41.98 -12.10
C GLU A 891 6.29 -41.92 -13.24
N ASP A 892 5.00 -42.00 -12.93
CA ASP A 892 3.96 -42.00 -14.00
C ASP A 892 3.99 -40.67 -14.76
N LEU A 893 4.21 -39.56 -14.06
CA LEU A 893 4.16 -38.25 -14.76
C LEU A 893 5.26 -38.23 -15.83
N ARG A 894 6.45 -38.71 -15.49
CA ARG A 894 7.57 -38.77 -16.48
C ARG A 894 7.23 -39.75 -17.60
N THR A 895 6.63 -40.90 -17.29
CA THR A 895 6.39 -41.94 -18.33
C THR A 895 5.41 -41.43 -19.37
N VAL A 896 5.73 -41.58 -20.66
CA VAL A 896 4.80 -41.20 -21.75
C VAL A 896 4.68 -42.38 -22.71
N GLY A 897 3.47 -42.81 -23.03
CA GLY A 897 3.30 -43.89 -24.02
C GLY A 897 4.03 -45.16 -23.65
N GLY A 898 4.12 -45.49 -22.36
CA GLY A 898 4.70 -46.77 -21.95
C GLY A 898 6.22 -46.75 -21.90
N VAL A 899 6.84 -45.61 -22.22
CA VAL A 899 8.32 -45.51 -22.11
C VAL A 899 8.66 -44.46 -21.05
N THR A 900 9.43 -44.84 -20.03
CA THR A 900 9.86 -43.85 -19.01
C THR A 900 10.95 -42.96 -19.63
N TYR A 901 11.04 -41.70 -19.21
CA TYR A 901 12.12 -40.82 -19.69
C TYR A 901 12.88 -40.34 -18.46
N ASP A 902 14.21 -40.17 -18.56
CA ASP A 902 15.04 -39.84 -17.38
C ASP A 902 14.67 -38.49 -16.75
N THR A 903 14.36 -37.48 -17.55
CA THR A 903 14.13 -36.13 -16.96
C THR A 903 12.76 -35.59 -17.35
N PHE A 904 12.24 -34.65 -16.57
CA PHE A 904 10.90 -34.06 -16.86
C PHE A 904 10.95 -33.35 -18.21
N HIS A 905 12.06 -32.70 -18.53
CA HIS A 905 12.13 -31.92 -19.79
C HIS A 905 11.94 -32.86 -20.99
N GLU A 906 12.59 -34.03 -20.96
CA GLU A 906 12.48 -34.99 -22.09
C GLU A 906 11.02 -35.45 -22.20
N ALA A 907 10.39 -35.72 -21.06
CA ALA A 907 9.00 -36.23 -21.07
C ALA A 907 8.09 -35.20 -21.72
N ALA A 908 8.30 -33.93 -21.41
CA ALA A 908 7.38 -32.88 -21.94
C ALA A 908 7.47 -32.86 -23.46
N LYS A 909 8.67 -32.99 -24.03
CA LYS A 909 8.81 -32.86 -25.50
C LYS A 909 8.02 -33.97 -26.19
N HIS A 910 8.11 -35.20 -25.70
CA HIS A 910 7.42 -36.34 -26.36
C HIS A 910 5.90 -36.13 -26.30
N ARG A 911 5.41 -35.61 -25.18
CA ARG A 911 3.95 -35.32 -25.06
C ARG A 911 3.58 -34.24 -26.08
N GLY A 912 4.47 -33.28 -26.31
CA GLY A 912 4.21 -32.23 -27.30
C GLY A 912 3.71 -30.95 -26.68
N LEU A 913 3.61 -30.88 -25.35
CA LEU A 913 3.23 -29.59 -24.71
C LEU A 913 4.48 -28.74 -24.48
N LEU A 914 5.16 -28.30 -25.55
CA LEU A 914 6.33 -27.38 -25.39
C LEU A 914 6.26 -26.29 -26.46
N LEU A 915 6.82 -25.11 -26.20
CA LEU A 915 6.76 -23.98 -27.16
C LEU A 915 7.71 -24.23 -28.34
N ASP A 916 7.41 -23.71 -29.52
CA ASP A 916 8.30 -23.86 -30.70
C ASP A 916 9.51 -22.93 -30.55
N ASP A 917 10.67 -23.34 -31.08
CA ASP A 917 11.92 -22.54 -30.93
C ASP A 917 12.34 -21.93 -32.26
N THR A 918 11.43 -21.84 -33.24
CA THR A 918 11.81 -21.37 -34.60
C THR A 918 12.36 -19.94 -34.55
N ILE A 919 11.74 -19.05 -33.79
CA ILE A 919 12.17 -17.62 -33.82
C ILE A 919 13.63 -17.56 -33.35
N TRP A 920 13.97 -18.33 -32.32
CA TRP A 920 15.35 -18.25 -31.76
C TRP A 920 16.36 -18.70 -32.82
N LYS A 921 16.08 -19.75 -33.57
CA LYS A 921 17.07 -20.28 -34.55
C LYS A 921 17.37 -19.20 -35.59
N ASP A 922 16.34 -18.51 -36.07
CA ASP A 922 16.53 -17.48 -37.13
C ASP A 922 17.38 -16.33 -36.58
N THR A 923 17.14 -15.91 -35.33
CA THR A 923 17.89 -14.75 -34.78
C THR A 923 19.38 -15.08 -34.74
N ILE A 924 19.74 -16.29 -34.30
CA ILE A 924 21.17 -16.68 -34.21
C ILE A 924 21.78 -16.70 -35.61
N ASP A 925 21.03 -17.18 -36.60
CA ASP A 925 21.57 -17.29 -37.98
C ASP A 925 21.93 -15.90 -38.53
N ASP A 926 21.08 -14.90 -38.27
CA ASP A 926 21.34 -13.53 -38.81
C ASP A 926 22.64 -12.98 -38.21
N ALA A 927 22.88 -13.23 -36.92
CA ALA A 927 24.10 -12.71 -36.28
C ALA A 927 25.35 -13.30 -36.97
N ILE A 928 25.30 -14.58 -37.34
CA ILE A 928 26.47 -15.25 -37.99
C ILE A 928 26.76 -14.54 -39.31
N ILE A 929 25.73 -14.17 -40.05
CA ILE A 929 25.90 -13.46 -41.36
C ILE A 929 26.60 -12.12 -41.10
N LEU A 930 26.26 -11.44 -40.01
CA LEU A 930 26.85 -10.10 -39.71
C LEU A 930 28.37 -10.22 -39.57
N ASN A 931 28.86 -11.31 -38.98
CA ASN A 931 30.33 -11.56 -38.86
C ASN A 931 30.97 -10.81 -37.69
N MET A 932 30.18 -10.30 -36.73
CA MET A 932 30.79 -9.69 -35.52
C MET A 932 30.74 -10.75 -34.42
N PRO A 933 31.85 -11.44 -34.08
CA PRO A 933 31.79 -12.53 -33.11
C PRO A 933 31.46 -12.20 -31.65
N LYS A 934 32.01 -11.12 -31.09
CA LYS A 934 31.81 -10.87 -29.63
C LYS A 934 30.34 -10.66 -29.35
N GLN A 935 29.66 -9.91 -30.20
CA GLN A 935 28.23 -9.62 -29.99
C GLN A 935 27.42 -10.93 -30.06
N LEU A 936 27.78 -11.85 -30.95
CA LEU A 936 26.99 -13.09 -31.12
C LEU A 936 27.02 -13.87 -29.81
N ARG A 937 28.17 -13.93 -29.14
CA ARG A 937 28.23 -14.64 -27.83
C ARG A 937 27.32 -13.95 -26.82
N GLN A 938 27.32 -12.62 -26.77
CA GLN A 938 26.43 -11.89 -25.84
C GLN A 938 24.97 -12.15 -26.21
N LEU A 939 24.63 -12.17 -27.50
CA LEU A 939 23.21 -12.34 -27.92
C LEU A 939 22.71 -13.68 -27.41
N PHE A 940 23.55 -14.71 -27.47
CA PHE A 940 23.14 -16.06 -27.00
C PHE A 940 22.79 -15.95 -25.51
N ALA A 941 23.61 -15.22 -24.74
CA ALA A 941 23.34 -15.15 -23.30
C ALA A 941 22.02 -14.44 -23.04
N TYR A 942 21.77 -13.31 -23.70
CA TYR A 942 20.54 -12.53 -23.44
C TYR A 942 19.31 -13.34 -23.84
N ILE A 943 19.39 -14.07 -24.96
CA ILE A 943 18.24 -14.92 -25.41
C ILE A 943 17.98 -16.00 -24.36
N CYS A 944 19.02 -16.68 -23.86
CA CYS A 944 18.79 -17.79 -22.92
C CYS A 944 18.27 -17.32 -21.55
N VAL A 945 18.86 -16.29 -20.95
CA VAL A 945 18.46 -15.87 -19.57
C VAL A 945 17.05 -15.27 -19.55
N PHE A 946 16.74 -14.36 -20.48
CA PHE A 946 15.43 -13.66 -20.42
C PHE A 946 14.38 -14.36 -21.27
N GLY A 947 14.67 -14.64 -22.54
CA GLY A 947 13.74 -15.42 -23.35
C GLY A 947 13.82 -16.86 -22.92
N CYS A 948 12.79 -17.68 -23.13
CA CYS A 948 12.97 -19.08 -22.67
C CYS A 948 13.28 -19.97 -23.87
N PRO A 949 14.48 -20.58 -23.98
CA PRO A 949 14.76 -21.45 -25.09
C PRO A 949 14.61 -22.93 -24.74
N SER A 950 13.77 -23.64 -25.50
CA SER A 950 13.53 -25.08 -25.22
C SER A 950 14.82 -25.88 -25.40
N ALA A 951 15.60 -25.61 -26.45
CA ALA A 951 16.81 -26.40 -26.73
C ALA A 951 18.01 -25.50 -27.02
N ALA A 952 18.59 -24.89 -26.01
CA ALA A 952 19.79 -24.04 -26.20
C ALA A 952 20.98 -24.89 -26.67
N ASP A 953 21.08 -26.11 -26.17
CA ASP A 953 22.27 -26.95 -26.50
C ASP A 953 22.38 -27.14 -28.00
N LYS A 954 21.26 -27.35 -28.69
CA LYS A 954 21.31 -27.62 -30.15
C LYS A 954 21.92 -26.41 -30.87
N LEU A 955 21.53 -25.19 -30.51
CA LEU A 955 22.04 -24.00 -31.22
C LEU A 955 23.53 -23.93 -31.02
N TRP A 956 24.00 -24.17 -29.79
CA TRP A 956 25.46 -24.06 -29.52
C TRP A 956 26.22 -25.10 -30.33
N ASP A 957 25.75 -26.34 -30.37
CA ASP A 957 26.52 -27.41 -31.05
C ASP A 957 26.58 -27.14 -32.56
N GLU A 958 25.45 -26.75 -33.16
CA GLU A 958 25.41 -26.59 -34.65
C GLU A 958 26.32 -25.45 -35.10
N ASN A 959 26.37 -24.35 -34.35
CA ASN A 959 27.13 -23.17 -34.82
C ASN A 959 28.36 -22.91 -33.95
N LYS A 960 28.95 -23.96 -33.36
CA LYS A 960 30.06 -23.73 -32.38
C LYS A 960 31.23 -22.98 -33.02
N SER A 961 31.58 -23.31 -34.27
CA SER A 961 32.79 -22.69 -34.87
C SER A 961 32.64 -21.17 -34.95
N HIS A 962 31.47 -20.69 -35.33
CA HIS A 962 31.27 -19.23 -35.50
C HIS A 962 31.45 -18.50 -34.18
N PHE A 963 30.91 -19.06 -33.09
CA PHE A 963 30.98 -18.38 -31.77
C PHE A 963 32.42 -18.27 -31.28
N ILE A 964 33.24 -19.30 -31.50
CA ILE A 964 34.61 -19.34 -30.91
C ILE A 964 35.67 -18.85 -31.90
N GLU A 965 35.28 -18.31 -33.06
CA GLU A 965 36.29 -17.96 -34.11
C GLU A 965 37.30 -16.93 -33.60
N ASP A 966 36.85 -15.90 -32.89
CA ASP A 966 37.78 -14.81 -32.46
C ASP A 966 38.84 -15.39 -31.53
N PHE A 967 38.42 -16.25 -30.59
CA PHE A 967 39.37 -16.81 -29.61
C PHE A 967 40.40 -17.64 -30.36
N CYS A 968 39.97 -18.38 -31.38
CA CYS A 968 40.89 -19.25 -32.13
C CYS A 968 41.97 -18.40 -32.80
N TRP A 969 41.58 -17.27 -33.38
CA TRP A 969 42.57 -16.46 -34.13
C TRP A 969 43.66 -15.91 -33.19
N LYS A 970 43.29 -15.36 -32.03
CA LYS A 970 44.34 -14.73 -31.18
C LYS A 970 45.23 -15.77 -30.51
N LEU A 971 44.65 -16.78 -29.85
CA LEU A 971 45.45 -17.75 -29.05
C LEU A 971 46.30 -18.69 -29.92
N HIS A 972 45.72 -19.23 -30.99
CA HIS A 972 46.47 -20.25 -31.79
C HIS A 972 46.70 -19.75 -33.21
N ARG A 973 46.94 -18.45 -33.38
CA ARG A 973 47.24 -17.89 -34.73
C ARG A 973 46.07 -18.25 -35.67
N ARG A 974 46.34 -18.70 -36.89
CA ARG A 974 45.21 -18.92 -37.82
C ARG A 974 44.80 -20.39 -37.79
N GLU A 975 43.61 -20.68 -37.25
CA GLU A 975 43.08 -22.07 -37.23
C GLU A 975 44.09 -23.01 -36.57
N GLY A 976 44.76 -22.57 -35.50
CA GLY A 976 45.65 -23.47 -34.76
C GLY A 976 44.86 -24.43 -33.89
N ALA A 977 45.42 -25.60 -33.60
CA ALA A 977 44.71 -26.61 -32.77
C ALA A 977 45.24 -26.55 -31.34
N CYS A 978 44.37 -26.26 -30.36
CA CYS A 978 44.80 -26.11 -28.95
C CYS A 978 43.61 -26.36 -28.03
N VAL A 979 43.85 -26.25 -26.71
CA VAL A 979 42.78 -26.57 -25.72
C VAL A 979 42.32 -25.29 -25.02
N ASN A 980 41.09 -25.29 -24.51
CA ASN A 980 40.53 -24.14 -23.75
C ASN A 980 40.05 -23.04 -24.68
N CYS A 981 40.11 -23.23 -25.99
CA CYS A 981 39.54 -22.19 -26.89
C CYS A 981 38.03 -22.10 -26.60
N GLU A 982 37.35 -23.24 -26.56
CA GLU A 982 35.91 -23.25 -26.24
C GLU A 982 35.71 -22.80 -24.79
N MET A 983 36.61 -23.22 -23.91
CA MET A 983 36.43 -22.90 -22.47
C MET A 983 36.41 -21.39 -22.30
N HIS A 984 37.31 -20.70 -22.99
CA HIS A 984 37.39 -19.23 -22.83
C HIS A 984 36.06 -18.62 -23.30
N ALA A 985 35.54 -19.11 -24.43
CA ALA A 985 34.28 -18.56 -24.97
C ALA A 985 33.14 -18.81 -23.98
N LEU A 986 33.07 -20.02 -23.43
CA LEU A 986 31.96 -20.37 -22.52
C LEU A 986 32.04 -19.49 -21.28
N ASN A 987 33.26 -19.21 -20.82
CA ASN A 987 33.44 -18.41 -19.58
C ASN A 987 32.84 -17.01 -19.79
N GLU A 988 33.03 -16.43 -20.97
CA GLU A 988 32.50 -15.06 -21.24
C GLU A 988 30.98 -15.09 -21.16
N ILE A 989 30.34 -16.11 -21.72
CA ILE A 989 28.85 -16.26 -21.63
C ILE A 989 28.47 -16.45 -20.17
N GLN A 990 29.25 -17.25 -19.43
CA GLN A 990 28.89 -17.58 -18.02
C GLN A 990 28.76 -16.30 -17.18
N GLU A 991 29.50 -15.25 -17.51
CA GLU A 991 29.48 -14.03 -16.66
C GLU A 991 28.07 -13.45 -16.62
N VAL A 992 27.40 -13.40 -17.77
CA VAL A 992 26.01 -12.86 -17.84
C VAL A 992 25.10 -13.76 -17.00
N PHE A 993 25.29 -15.08 -17.09
CA PHE A 993 24.44 -16.04 -16.34
C PHE A 993 24.62 -15.83 -14.83
N THR A 994 25.87 -15.57 -14.38
CA THR A 994 26.15 -15.45 -12.93
C THR A 994 25.38 -14.28 -12.32
N LEU A 995 25.28 -13.16 -13.04
CA LEU A 995 24.59 -11.96 -12.49
C LEU A 995 23.12 -12.29 -12.23
N HIS A 996 22.48 -13.06 -13.12
CA HIS A 996 21.04 -13.38 -12.97
C HIS A 996 20.86 -14.61 -12.07
N GLY A 997 21.96 -15.30 -11.75
CA GLY A 997 21.90 -16.43 -10.81
C GLY A 997 21.82 -17.80 -11.44
N MET A 998 21.64 -17.89 -12.75
CA MET A 998 21.63 -19.21 -13.42
C MET A 998 23.07 -19.70 -13.65
N LYS A 999 23.25 -20.99 -13.93
CA LYS A 999 24.59 -21.54 -14.26
C LYS A 999 24.50 -22.27 -15.59
N CYS A 1000 25.61 -22.49 -16.29
CA CYS A 1000 25.57 -23.08 -17.65
C CYS A 1000 24.96 -24.48 -17.64
N SER A 1001 25.17 -25.24 -16.56
CA SER A 1001 24.69 -26.65 -16.52
C SER A 1001 23.16 -26.67 -16.70
N HIS A 1002 22.45 -25.68 -16.17
CA HIS A 1002 20.97 -25.67 -16.25
C HIS A 1002 20.55 -25.69 -17.72
N PHE A 1003 21.27 -24.99 -18.59
CA PHE A 1003 20.88 -24.92 -20.03
C PHE A 1003 21.46 -26.10 -20.80
N LYS A 1004 22.22 -26.97 -20.14
CA LYS A 1004 22.77 -28.20 -20.77
C LYS A 1004 23.96 -27.87 -21.68
N LEU A 1005 24.53 -26.68 -21.54
CA LEU A 1005 25.74 -26.33 -22.32
C LEU A 1005 26.91 -27.12 -21.74
N PRO A 1006 28.01 -27.38 -22.48
CA PRO A 1006 29.16 -28.07 -21.92
C PRO A 1006 29.70 -27.27 -20.73
N ASP A 1007 30.12 -27.95 -19.65
CA ASP A 1007 30.53 -27.22 -18.42
C ASP A 1007 32.03 -27.32 -18.17
N TYR A 1008 32.67 -26.19 -17.84
CA TYR A 1008 34.11 -26.19 -17.48
C TYR A 1008 34.25 -25.47 -16.13
N PRO A 1009 35.17 -25.86 -15.23
CA PRO A 1009 35.26 -25.26 -13.90
C PRO A 1009 35.58 -23.76 -13.95
N LEU A 1010 34.96 -22.95 -13.09
CA LEU A 1010 35.14 -21.48 -13.12
C LEU A 1010 36.55 -21.08 -12.67
N LEU A 1011 37.14 -20.05 -13.30
CA LEU A 1011 38.48 -19.55 -12.91
C LEU A 1011 38.37 -18.66 -11.66
N MET A 1012 39.48 -18.42 -10.96
CA MET A 1012 39.46 -17.60 -9.72
C MET A 1012 40.31 -16.32 -9.89
N ASN A 1013 39.77 -15.15 -9.53
CA ASN A 1013 40.50 -13.86 -9.62
C ASN A 1013 40.26 -13.05 -8.34
N ALA A 1014 41.14 -12.10 -8.00
CA ALA A 1014 41.00 -11.33 -6.73
C ALA A 1014 40.69 -9.86 -7.01
N ASN A 1015 39.60 -9.35 -6.44
CA ASN A 1015 39.18 -7.93 -6.66
C ASN A 1015 40.16 -6.92 -6.05
N THR A 1016 40.73 -7.22 -4.86
CA THR A 1016 41.59 -6.23 -4.15
C THR A 1016 42.81 -5.83 -5.00
N CYS A 1017 43.38 -6.76 -5.76
CA CYS A 1017 44.54 -6.48 -6.66
C CYS A 1017 45.71 -5.89 -5.87
N ASP A 1018 46.29 -4.78 -6.35
CA ASP A 1018 47.50 -4.23 -5.69
C ASP A 1018 47.11 -3.34 -4.50
N GLN A 1019 47.58 -3.69 -3.31
CA GLN A 1019 47.32 -2.86 -2.10
C GLN A 1019 48.02 -1.51 -2.27
N LEU A 1020 49.24 -1.51 -2.81
CA LEU A 1020 50.02 -0.25 -2.93
C LEU A 1020 49.29 0.72 -3.85
N TYR A 1021 48.73 0.24 -4.95
CA TYR A 1021 48.07 1.16 -5.92
C TYR A 1021 46.87 1.84 -5.25
N GLU A 1022 46.07 1.07 -4.51
CA GLU A 1022 44.85 1.65 -3.88
C GLU A 1022 45.28 2.70 -2.87
N GLN A 1023 46.33 2.43 -2.09
CA GLN A 1023 46.75 3.38 -1.04
C GLN A 1023 47.18 4.70 -1.68
N GLN A 1024 47.96 4.64 -2.75
CA GLN A 1024 48.49 5.88 -3.38
C GLN A 1024 47.33 6.70 -3.96
N GLN A 1025 46.37 6.04 -4.62
CA GLN A 1025 45.21 6.75 -5.22
C GLN A 1025 44.42 7.42 -4.09
N ALA A 1026 44.28 6.74 -2.96
CA ALA A 1026 43.48 7.28 -1.85
C ALA A 1026 44.09 8.59 -1.36
N GLU A 1027 45.42 8.67 -1.24
CA GLU A 1027 46.04 9.89 -0.66
C GLU A 1027 45.71 11.11 -1.54
N VAL A 1028 45.83 10.97 -2.86
CA VAL A 1028 45.59 12.13 -3.78
C VAL A 1028 44.13 12.55 -3.67
N LEU A 1029 43.20 11.59 -3.65
CA LEU A 1029 41.75 11.92 -3.64
C LEU A 1029 41.43 12.68 -2.34
N ILE A 1030 42.02 12.27 -1.22
CA ILE A 1030 41.67 12.90 0.09
C ILE A 1030 42.01 14.38 0.01
N ASN A 1031 43.14 14.74 -0.60
CA ASN A 1031 43.57 16.16 -0.64
C ASN A 1031 42.55 17.03 -1.37
N SER A 1032 41.96 16.53 -2.47
CA SER A 1032 41.02 17.34 -3.28
C SER A 1032 39.64 17.53 -2.62
N LEU A 1033 39.33 16.77 -1.56
CA LEU A 1033 37.97 16.84 -0.97
C LEU A 1033 37.67 18.24 -0.39
N ASN A 1034 36.40 18.67 -0.48
CA ASN A 1034 35.97 19.98 0.06
C ASN A 1034 35.90 19.89 1.59
N ASP A 1035 35.81 21.04 2.27
CA ASP A 1035 35.83 21.02 3.76
C ASP A 1035 34.63 20.24 4.33
N GLU A 1036 33.42 20.44 3.82
CA GLU A 1036 32.27 19.63 4.31
C GLU A 1036 32.50 18.16 4.00
N GLN A 1037 33.00 17.86 2.79
CA GLN A 1037 33.25 16.46 2.38
C GLN A 1037 34.31 15.80 3.27
N LEU A 1038 35.39 16.53 3.59
CA LEU A 1038 36.49 15.93 4.38
C LEU A 1038 35.94 15.54 5.75
N ALA A 1039 35.08 16.38 6.32
CA ALA A 1039 34.56 16.10 7.66
C ALA A 1039 33.78 14.78 7.65
N ALA A 1040 33.00 14.55 6.59
CA ALA A 1040 32.23 13.30 6.49
C ALA A 1040 33.19 12.10 6.42
N PHE A 1041 34.29 12.24 5.69
CA PHE A 1041 35.25 11.12 5.54
C PHE A 1041 35.79 10.77 6.93
N GLN A 1042 36.09 11.78 7.75
CA GLN A 1042 36.69 11.52 9.09
C GLN A 1042 35.69 10.75 9.96
N THR A 1043 34.42 11.15 9.98
CA THR A 1043 33.45 10.48 10.89
C THR A 1043 33.27 9.02 10.49
N ILE A 1044 33.13 8.74 9.20
CA ILE A 1044 32.87 7.34 8.74
C ILE A 1044 34.12 6.48 9.04
N THR A 1045 35.31 7.01 8.80
CA THR A 1045 36.56 6.25 9.08
C THR A 1045 36.66 5.95 10.58
N SER A 1046 36.33 6.93 11.43
CA SER A 1046 36.46 6.74 12.90
C SER A 1046 35.52 5.64 13.39
N ALA A 1047 34.30 5.58 12.86
CA ALA A 1047 33.31 4.59 13.33
C ALA A 1047 33.82 3.18 13.07
N ILE A 1048 34.46 2.95 11.91
CA ILE A 1048 34.97 1.60 11.57
C ILE A 1048 36.02 1.18 12.61
N GLU A 1049 36.90 2.11 13.01
CA GLU A 1049 37.95 1.82 14.03
C GLU A 1049 37.35 1.56 15.42
N ASP A 1050 36.31 2.30 15.83
CA ASP A 1050 35.75 2.20 17.21
C ASP A 1050 35.30 0.77 17.52
N GLN A 1051 35.62 0.26 18.71
CA GLN A 1051 35.30 -1.15 19.06
C GLN A 1051 33.98 -1.27 19.84
N THR A 1052 33.41 -0.16 20.28
CA THR A 1052 32.18 -0.23 21.14
C THR A 1052 31.03 -0.83 20.31
N VAL A 1053 30.18 -1.66 20.93
CA VAL A 1053 28.99 -2.19 20.20
C VAL A 1053 27.85 -1.19 20.40
N HIS A 1054 27.59 -0.36 19.39
CA HIS A 1054 26.53 0.68 19.47
C HIS A 1054 25.91 0.75 18.08
N PRO A 1055 24.64 1.16 17.89
CA PRO A 1055 24.11 1.30 16.54
C PRO A 1055 25.00 2.28 15.77
N LYS A 1056 25.41 1.93 14.55
CA LYS A 1056 26.30 2.79 13.74
C LYS A 1056 25.72 2.93 12.34
N CYS A 1057 24.64 3.68 12.18
CA CYS A 1057 24.06 3.94 10.83
C CYS A 1057 24.11 5.44 10.53
N PHE A 1058 24.60 5.84 9.36
CA PHE A 1058 24.72 7.27 9.00
C PHE A 1058 23.96 7.55 7.70
N PHE A 1059 23.19 8.63 7.64
CA PHE A 1059 22.49 9.01 6.38
C PHE A 1059 23.12 10.30 5.85
N LEU A 1060 23.64 10.29 4.62
CA LEU A 1060 24.29 11.48 4.04
C LEU A 1060 23.25 12.24 3.22
N ASP A 1061 22.86 13.43 3.66
CA ASP A 1061 21.81 14.22 2.97
C ASP A 1061 22.44 15.13 1.93
N GLY A 1062 21.69 16.12 1.44
CA GLY A 1062 22.24 17.10 0.50
C GLY A 1062 21.62 16.99 -0.87
N PRO A 1063 21.68 18.04 -1.71
CA PRO A 1063 21.02 18.01 -3.01
C PRO A 1063 21.64 16.90 -3.86
N GLY A 1064 20.81 16.19 -4.62
CA GLY A 1064 21.34 15.14 -5.51
C GLY A 1064 22.32 15.75 -6.48
N GLY A 1065 23.50 15.15 -6.64
CA GLY A 1065 24.52 15.80 -7.48
C GLY A 1065 25.88 15.16 -7.37
N SER A 1066 26.90 15.86 -7.87
CA SER A 1066 28.28 15.32 -7.90
C SER A 1066 28.87 15.06 -6.51
N GLY A 1067 28.50 15.86 -5.50
CA GLY A 1067 29.18 15.74 -4.20
C GLY A 1067 29.07 14.35 -3.59
N GLN A 1068 27.89 13.72 -3.65
CA GLN A 1068 27.72 12.41 -2.99
C GLN A 1068 28.59 11.34 -3.64
N THR A 1069 28.68 11.31 -4.98
CA THR A 1069 29.44 10.22 -5.66
C THR A 1069 30.92 10.29 -5.32
N TYR A 1070 31.50 11.49 -5.23
CA TYR A 1070 32.97 11.60 -5.02
C TYR A 1070 33.36 10.95 -3.69
N LEU A 1071 32.56 11.14 -2.64
CA LEU A 1071 32.88 10.56 -1.30
C LEU A 1071 32.92 9.04 -1.44
N TYR A 1072 31.99 8.46 -2.20
CA TYR A 1072 31.95 6.98 -2.30
C TYR A 1072 33.26 6.50 -2.89
N LYS A 1073 33.76 7.21 -3.90
CA LYS A 1073 35.03 6.78 -4.55
C LYS A 1073 36.18 6.85 -3.55
N VAL A 1074 36.31 7.94 -2.81
CA VAL A 1074 37.49 8.06 -1.90
C VAL A 1074 37.40 7.02 -0.78
N LEU A 1075 36.20 6.80 -0.23
CA LEU A 1075 36.05 5.85 0.91
C LEU A 1075 36.43 4.45 0.43
N THR A 1076 35.99 4.05 -0.76
CA THR A 1076 36.25 2.67 -1.22
C THR A 1076 37.76 2.49 -1.36
N HIS A 1077 38.45 3.50 -1.90
CA HIS A 1077 39.91 3.40 -2.09
C HIS A 1077 40.63 3.26 -0.74
N TYR A 1078 40.22 4.05 0.25
CA TYR A 1078 40.93 4.02 1.56
C TYR A 1078 40.74 2.64 2.20
N ILE A 1079 39.52 2.11 2.20
CA ILE A 1079 39.24 0.83 2.91
C ILE A 1079 39.99 -0.33 2.25
N ARG A 1080 40.01 -0.36 0.91
CA ARG A 1080 40.73 -1.43 0.19
C ARG A 1080 42.22 -1.32 0.52
N GLY A 1081 42.71 -0.09 0.68
CA GLY A 1081 44.13 0.12 1.01
C GLY A 1081 44.49 -0.51 2.33
N ARG A 1082 43.58 -0.48 3.30
CA ARG A 1082 43.85 -1.08 4.64
C ARG A 1082 43.58 -2.59 4.59
N GLY A 1083 43.11 -3.12 3.46
CA GLY A 1083 42.93 -4.59 3.30
C GLY A 1083 41.53 -5.06 3.61
N GLY A 1084 40.66 -4.18 4.09
CA GLY A 1084 39.24 -4.55 4.30
C GLY A 1084 38.48 -4.50 2.98
N THR A 1085 37.26 -5.03 2.95
CA THR A 1085 36.46 -5.06 1.71
C THR A 1085 35.22 -4.18 1.86
N VAL A 1086 34.76 -3.56 0.77
CA VAL A 1086 33.51 -2.74 0.78
C VAL A 1086 32.51 -3.41 -0.15
N LEU A 1087 31.21 -3.22 0.06
CA LEU A 1087 30.20 -3.93 -0.77
C LEU A 1087 29.19 -2.92 -1.33
N PRO A 1088 29.55 -2.11 -2.34
CA PRO A 1088 28.65 -1.07 -2.83
C PRO A 1088 27.41 -1.64 -3.51
N THR A 1089 26.25 -1.02 -3.30
CA THR A 1089 24.98 -1.47 -3.91
C THR A 1089 24.06 -0.27 -4.14
N ALA A 1090 23.07 -0.37 -5.02
CA ALA A 1090 22.22 0.80 -5.33
C ALA A 1090 20.79 0.38 -5.68
N SER A 1091 19.82 1.25 -5.45
CA SER A 1091 18.39 0.92 -5.70
C SER A 1091 18.09 0.75 -7.19
N THR A 1092 18.63 1.60 -8.05
CA THR A 1092 18.28 1.53 -9.50
C THR A 1092 19.47 1.00 -10.32
N GLY A 1093 19.19 0.38 -11.47
CA GLY A 1093 20.25 -0.19 -12.31
C GLY A 1093 21.20 0.87 -12.84
N ILE A 1094 20.65 2.02 -13.27
CA ILE A 1094 21.49 3.11 -13.84
C ILE A 1094 22.46 3.62 -12.77
N ALA A 1095 21.98 3.79 -11.53
CA ALA A 1095 22.84 4.27 -10.43
C ALA A 1095 23.94 3.24 -10.14
N ALA A 1096 23.62 1.95 -10.21
CA ALA A 1096 24.60 0.89 -9.90
C ALA A 1096 25.77 0.95 -10.88
N ASN A 1097 25.52 1.25 -12.15
CA ASN A 1097 26.60 1.22 -13.17
C ASN A 1097 27.68 2.25 -12.78
N LEU A 1098 27.29 3.42 -12.28
CA LEU A 1098 28.26 4.47 -11.90
C LEU A 1098 29.21 3.94 -10.82
N LEU A 1099 28.67 3.48 -9.69
CA LEU A 1099 29.50 2.95 -8.57
C LEU A 1099 30.29 1.75 -9.08
N LEU A 1100 31.54 1.60 -8.62
CA LEU A 1100 32.38 0.44 -9.05
C LEU A 1100 31.73 -0.85 -8.51
N GLY A 1101 31.69 -1.89 -9.34
CA GLY A 1101 31.10 -3.18 -8.91
C GLY A 1101 29.67 -3.01 -8.44
N GLY A 1102 28.90 -2.16 -9.12
CA GLY A 1102 27.51 -1.88 -8.66
C GLY A 1102 26.57 -3.04 -8.86
N ARG A 1103 25.70 -3.31 -7.89
CA ARG A 1103 24.68 -4.37 -8.02
C ARG A 1103 23.36 -3.80 -7.48
N THR A 1104 22.22 -4.19 -8.04
CA THR A 1104 20.92 -3.72 -7.46
C THR A 1104 20.78 -4.32 -6.07
N PHE A 1105 20.28 -3.55 -5.10
CA PHE A 1105 20.20 -4.05 -3.71
C PHE A 1105 19.16 -5.18 -3.61
N HIS A 1106 18.20 -5.21 -4.55
CA HIS A 1106 17.20 -6.31 -4.56
C HIS A 1106 17.87 -7.61 -4.97
N SER A 1107 18.91 -7.59 -5.80
CA SER A 1107 19.72 -8.80 -6.11
C SER A 1107 20.72 -9.19 -5.02
N GLN A 1108 21.45 -8.24 -4.43
CA GLN A 1108 22.52 -8.61 -3.46
C GLN A 1108 21.94 -9.29 -2.23
N TYR A 1109 20.84 -8.77 -1.70
CA TYR A 1109 20.26 -9.34 -0.45
C TYR A 1109 19.08 -10.26 -0.78
N LYS A 1110 18.74 -10.41 -2.06
CA LYS A 1110 17.67 -11.35 -2.50
C LYS A 1110 16.34 -11.10 -1.78
N LEU A 1111 15.92 -9.85 -1.62
CA LEU A 1111 14.61 -9.54 -0.97
C LEU A 1111 13.46 -9.98 -1.87
N PRO A 1112 12.29 -10.40 -1.32
CA PRO A 1112 11.13 -10.77 -2.14
C PRO A 1112 10.55 -9.59 -2.91
N ILE A 1113 10.06 -9.78 -4.15
CA ILE A 1113 9.58 -8.65 -5.00
C ILE A 1113 8.34 -7.93 -4.45
N PRO A 1114 7.28 -8.58 -3.93
CA PRO A 1114 6.15 -7.84 -3.33
C PRO A 1114 6.51 -6.97 -2.10
N LEU A 1115 7.43 -7.41 -1.24
CA LEU A 1115 7.91 -6.65 -0.04
C LEU A 1115 6.81 -6.28 0.95
N ASN A 1116 6.04 -7.25 1.45
CA ASN A 1116 5.00 -7.02 2.50
C ASN A 1116 5.68 -6.92 3.87
N GLU A 1117 4.94 -6.66 4.95
CA GLU A 1117 5.54 -6.46 6.29
C GLU A 1117 6.30 -7.72 6.74
N THR A 1118 5.71 -8.90 6.54
CA THR A 1118 6.37 -10.18 6.92
C THR A 1118 7.28 -10.66 5.77
N SER A 1119 8.38 -9.95 5.52
CA SER A 1119 9.27 -10.32 4.39
C SER A 1119 10.64 -10.69 4.93
N ILE A 1120 11.17 -11.83 4.51
CA ILE A 1120 12.51 -12.28 4.97
C ILE A 1120 13.39 -12.58 3.76
N SER A 1121 14.67 -12.23 3.81
CA SER A 1121 15.59 -12.44 2.67
C SER A 1121 15.75 -13.93 2.41
N ARG A 1122 15.89 -14.33 1.15
CA ARG A 1122 15.99 -15.76 0.79
C ARG A 1122 17.43 -16.27 0.94
N LEU A 1123 18.37 -15.39 1.26
CA LEU A 1123 19.80 -15.79 1.36
C LEU A 1123 19.98 -16.78 2.50
N ASP A 1124 20.73 -17.85 2.26
CA ASP A 1124 21.03 -18.84 3.34
C ASP A 1124 22.07 -18.22 4.28
N ILE A 1125 21.95 -18.48 5.58
CA ILE A 1125 22.93 -17.97 6.57
C ILE A 1125 24.32 -18.57 6.28
N LYS A 1126 24.38 -19.84 5.87
CA LYS A 1126 25.68 -20.54 5.69
C LYS A 1126 26.22 -20.41 4.25
N SER A 1127 25.52 -19.72 3.36
CA SER A 1127 25.94 -19.62 1.93
C SER A 1127 27.20 -18.76 1.80
N GLU A 1128 27.94 -18.92 0.69
CA GLU A 1128 29.20 -18.15 0.49
C GLU A 1128 28.93 -16.65 0.45
N VAL A 1129 27.81 -16.24 -0.17
CA VAL A 1129 27.47 -14.80 -0.26
C VAL A 1129 27.32 -14.25 1.16
N ALA A 1130 26.73 -15.05 2.05
CA ALA A 1130 26.51 -14.57 3.44
C ALA A 1130 27.85 -14.29 4.10
N LYS A 1131 28.85 -15.12 3.82
CA LYS A 1131 30.19 -14.92 4.44
C LYS A 1131 30.75 -13.57 3.98
N THR A 1132 30.55 -13.22 2.70
CA THR A 1132 31.10 -11.95 2.17
C THR A 1132 30.49 -10.76 2.91
N ILE A 1133 29.17 -10.80 3.15
CA ILE A 1133 28.48 -9.67 3.86
C ILE A 1133 29.05 -9.57 5.27
N LYS A 1134 29.31 -10.71 5.92
CA LYS A 1134 29.77 -10.68 7.34
C LYS A 1134 31.12 -9.98 7.47
N LYS A 1135 32.08 -10.29 6.59
CA LYS A 1135 33.43 -9.69 6.64
C LYS A 1135 33.41 -8.21 6.28
N ALA A 1136 32.55 -7.80 5.34
CA ALA A 1136 32.60 -6.41 4.82
C ALA A 1136 32.51 -5.35 5.91
N GLN A 1137 33.44 -4.39 5.91
CA GLN A 1137 33.44 -3.28 6.89
C GLN A 1137 32.29 -2.29 6.63
N LEU A 1138 32.02 -1.95 5.37
CA LEU A 1138 31.02 -0.88 5.08
C LEU A 1138 30.01 -1.32 4.01
N LEU A 1139 28.75 -0.92 4.16
CA LEU A 1139 27.71 -1.22 3.13
C LEU A 1139 27.12 0.13 2.68
N ILE A 1140 27.06 0.39 1.37
CA ILE A 1140 26.58 1.73 0.89
C ILE A 1140 25.34 1.56 0.01
N ILE A 1141 24.28 2.33 0.23
CA ILE A 1141 23.10 2.30 -0.68
C ILE A 1141 23.01 3.65 -1.39
N ASP A 1142 23.10 3.67 -2.72
CA ASP A 1142 23.13 4.95 -3.49
C ASP A 1142 21.81 5.73 -3.41
N GLU A 1143 20.65 5.06 -3.49
CA GLU A 1143 19.37 5.82 -3.55
C GLU A 1143 18.39 5.32 -2.49
N CYS A 1144 18.54 5.77 -1.24
CA CYS A 1144 17.61 5.37 -0.15
C CYS A 1144 16.20 5.89 -0.47
N THR A 1145 16.08 7.08 -1.07
CA THR A 1145 14.74 7.65 -1.40
C THR A 1145 13.83 6.58 -2.00
N MET A 1146 14.28 5.89 -3.05
CA MET A 1146 13.46 4.84 -3.72
C MET A 1146 13.15 3.71 -2.73
N ALA A 1147 14.09 3.35 -1.86
CA ALA A 1147 13.88 2.17 -0.97
C ALA A 1147 12.69 2.41 -0.06
N SER A 1148 11.80 1.41 0.05
CA SER A 1148 10.60 1.50 0.93
C SER A 1148 10.99 1.13 2.37
N SER A 1149 10.10 1.41 3.33
CA SER A 1149 10.38 1.09 4.74
C SER A 1149 10.56 -0.42 4.89
N HIS A 1150 9.72 -1.20 4.21
CA HIS A 1150 9.76 -2.67 4.40
C HIS A 1150 11.14 -3.21 3.99
N ALA A 1151 11.69 -2.71 2.88
CA ALA A 1151 12.99 -3.23 2.39
C ALA A 1151 14.08 -2.94 3.43
N ILE A 1152 14.11 -1.74 3.99
CA ILE A 1152 15.17 -1.37 4.99
C ILE A 1152 15.02 -2.26 6.23
N ASN A 1153 13.78 -2.55 6.63
CA ASN A 1153 13.56 -3.46 7.79
C ASN A 1153 14.11 -4.86 7.48
N ALA A 1154 13.89 -5.39 6.28
CA ALA A 1154 14.37 -6.75 5.93
C ALA A 1154 15.89 -6.81 5.93
N ILE A 1155 16.56 -5.76 5.46
CA ILE A 1155 18.05 -5.72 5.49
C ILE A 1155 18.46 -5.82 6.96
N ASP A 1156 17.72 -5.17 7.87
CA ASP A 1156 18.07 -5.21 9.32
C ASP A 1156 17.99 -6.65 9.82
N ARG A 1157 16.94 -7.38 9.47
CA ARG A 1157 16.79 -8.75 10.02
C ARG A 1157 17.92 -9.65 9.53
N LEU A 1158 18.26 -9.58 8.24
CA LEU A 1158 19.31 -10.46 7.68
C LEU A 1158 20.64 -10.11 8.36
N LEU A 1159 20.94 -8.83 8.52
CA LEU A 1159 22.25 -8.45 9.11
C LEU A 1159 22.31 -8.94 10.56
N ARG A 1160 21.19 -8.83 11.29
CA ARG A 1160 21.15 -9.31 12.70
C ARG A 1160 21.35 -10.82 12.74
N GLU A 1161 20.74 -11.55 11.80
CA GLU A 1161 20.85 -13.04 11.78
C GLU A 1161 22.28 -13.48 11.49
N ILE A 1162 22.95 -12.88 10.50
CA ILE A 1162 24.33 -13.34 10.13
C ILE A 1162 25.28 -13.05 11.29
N MET A 1163 25.15 -11.87 11.92
CA MET A 1163 25.96 -11.54 13.11
C MET A 1163 25.34 -12.23 14.34
N ASN A 1164 26.08 -12.36 15.44
CA ASN A 1164 25.46 -12.92 16.67
C ASN A 1164 24.82 -11.78 17.47
N LEU A 1165 25.09 -10.53 17.09
CA LEU A 1165 24.58 -9.34 17.83
C LEU A 1165 23.08 -9.12 17.58
N ASN A 1166 22.41 -8.44 18.51
CA ASN A 1166 20.96 -8.11 18.32
C ASN A 1166 20.84 -6.60 18.17
N VAL A 1167 21.98 -5.91 18.06
CA VAL A 1167 21.99 -4.43 17.84
C VAL A 1167 21.47 -4.15 16.43
N ALA A 1168 20.86 -2.97 16.20
CA ALA A 1168 20.23 -2.70 14.89
C ALA A 1168 21.27 -2.78 13.75
N PHE A 1169 20.92 -3.47 12.66
CA PHE A 1169 21.83 -3.59 11.47
C PHE A 1169 23.11 -4.34 11.82
N GLY A 1170 23.10 -5.15 12.89
CA GLY A 1170 24.27 -5.97 13.24
C GLY A 1170 25.49 -5.12 13.58
N GLY A 1171 25.28 -3.86 13.98
CA GLY A 1171 26.40 -2.97 14.33
C GLY A 1171 27.41 -2.82 13.20
N LYS A 1172 26.93 -2.74 11.96
CA LYS A 1172 27.83 -2.55 10.78
C LYS A 1172 27.63 -1.13 10.24
N VAL A 1173 28.71 -0.46 9.82
CA VAL A 1173 28.57 0.95 9.36
C VAL A 1173 27.78 0.94 8.05
N LEU A 1174 26.74 1.78 7.97
CA LEU A 1174 25.91 1.87 6.73
C LEU A 1174 25.94 3.33 6.25
N LEU A 1175 25.92 3.54 4.94
CA LEU A 1175 25.91 4.92 4.38
C LEU A 1175 24.78 5.03 3.34
N LEU A 1176 23.54 5.20 3.82
CA LEU A 1176 22.37 5.28 2.91
C LEU A 1176 22.21 6.72 2.41
N GLY A 1177 23.12 7.20 1.55
CA GLY A 1177 22.97 8.55 0.98
C GLY A 1177 21.73 8.66 0.11
N GLY A 1178 20.96 9.74 0.24
CA GLY A 1178 19.79 9.94 -0.62
C GLY A 1178 19.29 11.37 -0.61
N ASP A 1179 18.49 11.75 -1.62
CA ASP A 1179 17.87 13.10 -1.63
C ASP A 1179 16.35 12.91 -1.55
N PHE A 1180 15.69 13.56 -0.59
CA PHE A 1180 14.23 13.33 -0.40
C PHE A 1180 13.41 14.34 -1.21
N ARG A 1181 14.07 15.33 -1.82
CA ARG A 1181 13.34 16.28 -2.69
C ARG A 1181 12.80 15.54 -3.92
N GLN A 1182 13.53 14.56 -4.45
CA GLN A 1182 13.14 13.85 -5.70
C GLN A 1182 11.90 12.98 -5.47
N CYS A 1183 11.25 12.54 -6.53
CA CYS A 1183 9.95 11.82 -6.41
C CYS A 1183 10.05 10.58 -5.53
N LEU A 1184 9.05 10.34 -4.68
CA LEU A 1184 9.02 9.17 -3.78
C LEU A 1184 8.59 7.93 -4.55
N SER A 1185 8.76 6.74 -3.97
CA SER A 1185 8.37 5.47 -4.63
C SER A 1185 6.88 5.46 -4.94
N ILE A 1186 6.51 5.17 -6.19
CA ILE A 1186 5.07 5.15 -6.60
C ILE A 1186 4.35 4.00 -5.87
N VAL A 1187 3.09 4.24 -5.46
CA VAL A 1187 2.27 3.18 -4.79
C VAL A 1187 0.99 3.05 -5.63
N PRO A 1188 0.32 1.87 -5.69
CA PRO A 1188 -0.83 1.73 -6.60
C PRO A 1188 -1.97 2.70 -6.31
N HIS A 1189 -2.37 2.85 -5.05
CA HIS A 1189 -3.40 3.89 -4.71
C HIS A 1189 -3.12 4.46 -3.31
N ALA A 1190 -2.97 5.78 -3.21
CA ALA A 1190 -2.76 6.41 -1.87
C ALA A 1190 -3.07 7.90 -1.94
N MET A 1191 -3.30 8.53 -0.79
CA MET A 1191 -3.49 10.01 -0.74
C MET A 1191 -2.26 10.58 -0.04
N ARG A 1192 -2.20 11.90 0.19
CA ARG A 1192 -0.96 12.45 0.79
C ARG A 1192 -0.71 11.78 2.13
N SER A 1193 -1.76 11.61 2.94
CA SER A 1193 -1.58 11.04 4.29
C SER A 1193 -1.07 9.59 4.19
N ALA A 1194 -1.62 8.82 3.26
CA ALA A 1194 -1.22 7.42 3.11
C ALA A 1194 0.23 7.29 2.62
N ILE A 1195 0.65 8.12 1.66
CA ILE A 1195 2.01 7.97 1.06
C ILE A 1195 3.13 8.28 2.06
N VAL A 1196 2.97 9.30 2.90
CA VAL A 1196 4.08 9.73 3.79
C VAL A 1196 4.47 8.61 4.76
N GLN A 1197 3.49 7.85 5.28
CA GLN A 1197 3.76 6.82 6.33
C GLN A 1197 4.69 5.72 5.83
N THR A 1198 4.54 5.28 4.58
CA THR A 1198 5.35 4.12 4.09
C THR A 1198 6.82 4.52 3.85
N SER A 1199 7.14 5.81 3.83
CA SER A 1199 8.52 6.26 3.51
C SER A 1199 9.46 5.93 4.67
N LEU A 1200 10.77 6.02 4.45
CA LEU A 1200 11.77 5.65 5.50
C LEU A 1200 11.56 6.51 6.74
N LYS A 1201 11.08 7.75 6.58
CA LYS A 1201 10.95 8.68 7.73
C LYS A 1201 10.05 8.10 8.81
N TYR A 1202 8.95 7.43 8.45
CA TYR A 1202 7.99 6.95 9.48
C TYR A 1202 8.34 5.53 9.95
N CYS A 1203 9.40 4.94 9.42
CA CYS A 1203 9.82 3.60 9.96
C CYS A 1203 10.43 3.79 11.35
N ASN A 1204 10.30 2.77 12.22
CA ASN A 1204 10.81 2.85 13.62
C ASN A 1204 12.33 2.98 13.69
N VAL A 1205 13.08 2.29 12.81
CA VAL A 1205 14.57 2.25 12.91
C VAL A 1205 15.17 3.63 12.63
N TRP A 1206 14.38 4.57 12.09
CA TRP A 1206 14.95 5.88 11.69
C TRP A 1206 15.57 6.59 12.89
N GLY A 1207 15.08 6.34 14.10
CA GLY A 1207 15.58 7.08 15.27
C GLY A 1207 17.07 6.90 15.46
N CYS A 1208 17.57 5.68 15.25
CA CYS A 1208 19.02 5.39 15.44
C CYS A 1208 19.87 6.18 14.43
N PHE A 1209 19.37 6.40 13.22
CA PHE A 1209 20.18 7.05 12.16
C PHE A 1209 20.66 8.44 12.57
N ARG A 1210 21.93 8.76 12.27
CA ARG A 1210 22.50 10.09 12.58
C ARG A 1210 22.74 10.81 11.26
N LYS A 1211 22.26 12.04 11.10
CA LYS A 1211 22.37 12.72 9.79
C LYS A 1211 23.69 13.48 9.63
N LEU A 1212 24.39 13.28 8.51
CA LEU A 1212 25.61 14.07 8.20
C LEU A 1212 25.19 14.97 7.04
N SER A 1213 25.46 16.28 7.10
CA SER A 1213 24.93 17.18 6.05
C SER A 1213 26.00 17.53 5.02
N LEU A 1214 25.67 17.42 3.74
CA LEU A 1214 26.61 17.81 2.66
C LEU A 1214 25.84 18.72 1.71
N LYS A 1215 25.52 19.94 2.15
CA LYS A 1215 24.70 20.85 1.31
C LYS A 1215 25.59 21.84 0.56
N THR A 1216 26.91 21.68 0.66
CA THR A 1216 27.79 22.55 -0.16
C THR A 1216 27.43 22.29 -1.62
N ASN A 1217 27.28 23.34 -2.43
CA ASN A 1217 26.81 23.15 -3.83
C ASN A 1217 28.00 23.12 -4.79
N MET A 1218 28.02 22.10 -5.67
CA MET A 1218 29.12 21.99 -6.67
C MET A 1218 28.52 22.13 -8.08
N ARG A 1219 28.55 23.35 -8.62
CA ARG A 1219 28.04 23.60 -9.99
C ARG A 1219 29.19 24.18 -10.82
N SER A 1220 29.44 23.61 -12.00
CA SER A 1220 30.55 24.11 -12.86
C SER A 1220 30.28 25.56 -13.26
N GLU A 1221 29.01 25.89 -13.54
CA GLU A 1221 28.69 27.26 -14.03
C GLU A 1221 27.28 27.63 -13.56
N ASP A 1222 26.89 28.89 -13.73
CA ASP A 1222 25.51 29.33 -13.38
C ASP A 1222 25.20 28.94 -11.94
N SER A 1223 26.01 29.43 -10.99
CA SER A 1223 25.81 29.09 -9.56
C SER A 1223 24.40 29.54 -9.17
N ALA A 1224 23.94 30.64 -9.74
CA ALA A 1224 22.58 31.13 -9.44
C ALA A 1224 21.57 30.03 -9.76
N TYR A 1225 21.72 29.30 -10.87
CA TYR A 1225 20.69 28.30 -11.23
C TYR A 1225 20.61 27.24 -10.13
N SER A 1226 21.76 26.82 -9.60
CA SER A 1226 21.73 25.74 -8.59
C SER A 1226 20.95 26.22 -7.37
N GLU A 1227 21.15 27.48 -6.98
CA GLU A 1227 20.43 28.03 -5.80
C GLU A 1227 18.93 28.03 -6.08
N TRP A 1228 18.53 28.40 -7.31
CA TRP A 1228 17.10 28.44 -7.67
C TRP A 1228 16.50 27.03 -7.56
N LEU A 1229 17.24 26.00 -8.00
CA LEU A 1229 16.69 24.61 -8.00
C LEU A 1229 16.39 24.20 -6.57
N VAL A 1230 17.29 24.51 -5.64
CA VAL A 1230 17.08 24.04 -4.24
C VAL A 1230 15.80 24.69 -3.73
N LYS A 1231 15.59 25.96 -4.08
CA LYS A 1231 14.39 26.66 -3.57
C LYS A 1231 13.13 25.99 -4.11
N LEU A 1232 13.10 25.64 -5.40
CA LEU A 1232 11.88 25.04 -6.00
C LEU A 1232 11.60 23.71 -5.31
N GLY A 1233 12.65 22.94 -5.04
CA GLY A 1233 12.50 21.63 -4.38
C GLY A 1233 11.95 21.76 -2.98
N ASP A 1234 12.38 22.79 -2.25
CA ASP A 1234 11.96 22.92 -0.83
C ASP A 1234 10.62 23.63 -0.75
N GLY A 1235 10.07 24.08 -1.88
CA GLY A 1235 8.82 24.86 -1.86
C GLY A 1235 8.98 26.14 -1.09
N LYS A 1236 10.16 26.77 -1.18
CA LYS A 1236 10.43 28.03 -0.47
C LYS A 1236 10.03 29.22 -1.34
N LEU A 1237 9.59 28.98 -2.58
CA LEU A 1237 9.26 30.13 -3.48
C LEU A 1237 7.80 30.52 -3.22
N ASP A 1238 7.57 31.58 -2.43
CA ASP A 1238 6.20 31.99 -2.05
C ASP A 1238 5.85 33.36 -2.63
N SER A 1239 6.63 33.85 -3.60
CA SER A 1239 6.40 35.23 -4.10
C SER A 1239 5.00 35.35 -4.71
N SER A 1240 4.56 34.34 -5.45
CA SER A 1240 3.25 34.42 -6.12
C SER A 1240 2.19 33.61 -5.36
N PHE A 1241 2.52 33.19 -4.14
CA PHE A 1241 1.57 32.37 -3.33
C PHE A 1241 0.29 33.17 -3.06
N HIS A 1242 0.40 34.50 -3.07
CA HIS A 1242 -0.78 35.36 -2.80
C HIS A 1242 -1.86 35.12 -3.86
N LEU A 1243 -1.47 34.97 -5.13
CA LEU A 1243 -2.46 34.70 -6.20
C LEU A 1243 -3.14 33.36 -5.93
N GLY A 1244 -2.39 32.33 -5.55
CA GLY A 1244 -2.98 31.02 -5.22
C GLY A 1244 -2.01 30.15 -4.45
N MET A 1245 -2.50 29.13 -3.75
CA MET A 1245 -1.60 28.19 -3.02
C MET A 1245 -0.77 27.38 -4.03
N ASP A 1246 0.50 27.09 -3.72
CA ASP A 1246 1.37 26.26 -4.59
C ASP A 1246 1.47 26.83 -6.00
N ILE A 1247 1.62 28.16 -6.14
CA ILE A 1247 1.81 28.77 -7.48
C ILE A 1247 3.20 29.42 -7.54
N ILE A 1248 3.96 29.18 -8.62
CA ILE A 1248 5.33 29.75 -8.78
C ILE A 1248 5.39 30.43 -10.16
N GLU A 1249 6.34 31.35 -10.34
CA GLU A 1249 6.49 32.04 -11.64
C GLU A 1249 7.81 31.62 -12.30
N ILE A 1250 7.75 31.09 -13.52
CA ILE A 1250 8.98 30.65 -14.26
C ILE A 1250 9.73 31.90 -14.68
N PRO A 1251 11.08 31.92 -14.73
CA PRO A 1251 11.82 33.09 -15.20
C PRO A 1251 11.41 33.41 -16.65
N HIS A 1252 11.37 34.68 -17.01
CA HIS A 1252 10.82 35.08 -18.33
C HIS A 1252 11.58 34.50 -19.53
N GLU A 1253 12.90 34.45 -19.50
CA GLU A 1253 13.64 33.99 -20.71
C GLU A 1253 13.25 32.56 -21.06
N MET A 1254 13.07 31.71 -20.06
CA MET A 1254 12.79 30.28 -20.29
C MET A 1254 11.48 30.05 -21.05
N ILE A 1255 10.42 30.82 -20.79
CA ILE A 1255 9.09 30.53 -21.41
C ILE A 1255 9.18 30.66 -22.93
N CYS A 1256 8.59 29.70 -23.66
CA CYS A 1256 8.62 29.73 -25.15
C CYS A 1256 7.23 29.49 -25.74
N ASN A 1257 6.67 30.49 -26.43
CA ASN A 1257 5.37 30.36 -27.12
C ASN A 1257 5.50 29.40 -28.32
N GLY A 1258 6.64 29.41 -29.00
CA GLY A 1258 6.83 28.61 -30.23
C GLY A 1258 6.87 27.11 -29.97
N SER A 1259 6.69 26.30 -31.01
CA SER A 1259 6.60 24.83 -30.83
C SER A 1259 7.82 24.31 -30.09
N ILE A 1260 7.61 23.51 -29.03
CA ILE A 1260 8.76 23.03 -28.19
C ILE A 1260 9.64 22.08 -29.01
N ILE A 1261 9.06 21.35 -29.97
CA ILE A 1261 9.85 20.34 -30.73
C ILE A 1261 10.97 21.07 -31.49
N GLU A 1262 10.63 22.18 -32.15
CA GLU A 1262 11.64 22.89 -32.98
C GLU A 1262 12.76 23.44 -32.09
N ALA A 1263 12.41 24.08 -30.96
CA ALA A 1263 13.46 24.70 -30.12
C ALA A 1263 14.35 23.66 -29.44
N THR A 1264 13.76 22.62 -28.83
CA THR A 1264 14.58 21.64 -28.07
C THR A 1264 15.45 20.76 -28.96
N PHE A 1265 14.89 20.21 -30.06
CA PHE A 1265 15.66 19.25 -30.88
C PHE A 1265 16.35 19.93 -32.07
N GLY A 1266 16.12 21.23 -32.24
CA GLY A 1266 16.74 21.96 -33.36
C GLY A 1266 15.89 21.90 -34.63
N ASN A 1267 15.84 23.00 -35.38
CA ASN A 1267 15.08 23.04 -36.66
C ASN A 1267 15.44 21.85 -37.55
N SER A 1268 16.72 21.46 -37.60
CA SER A 1268 17.15 20.39 -38.53
C SER A 1268 17.34 19.06 -37.80
N ILE A 1269 16.64 18.01 -38.26
CA ILE A 1269 16.79 16.65 -37.67
C ILE A 1269 17.05 15.69 -38.84
N SER A 1270 18.26 15.14 -38.93
CA SER A 1270 18.62 14.25 -40.08
C SER A 1270 19.50 13.12 -39.58
N ILE A 1271 19.65 12.06 -40.37
CA ILE A 1271 20.55 10.93 -40.00
C ILE A 1271 21.97 11.48 -39.86
N ASP A 1272 22.34 12.42 -40.74
CA ASP A 1272 23.73 12.95 -40.75
C ASP A 1272 24.07 13.67 -39.43
N ASN A 1273 23.15 14.47 -38.88
CA ASN A 1273 23.49 15.28 -37.69
C ASN A 1273 22.87 14.71 -36.41
N ILE A 1274 22.37 13.49 -36.43
CA ILE A 1274 21.66 12.95 -35.23
C ILE A 1274 22.61 12.92 -34.03
N LYS A 1275 23.89 12.60 -34.23
CA LYS A 1275 24.83 12.45 -33.09
C LYS A 1275 24.96 13.78 -32.33
N ASN A 1276 25.01 14.91 -33.03
CA ASN A 1276 25.19 16.23 -32.38
C ASN A 1276 24.01 16.54 -31.46
N ILE A 1277 22.78 16.20 -31.88
CA ILE A 1277 21.57 16.55 -31.09
C ILE A 1277 21.16 15.37 -30.21
N SER A 1278 22.00 14.34 -30.09
CA SER A 1278 21.60 13.12 -29.35
C SER A 1278 21.31 13.42 -27.87
N LYS A 1279 22.09 14.27 -27.23
CA LYS A 1279 21.91 14.51 -25.78
C LYS A 1279 20.55 15.16 -25.48
N ARG A 1280 20.06 16.06 -26.33
CA ARG A 1280 18.81 16.81 -26.04
C ARG A 1280 17.56 15.91 -25.97
N ALA A 1281 16.55 16.26 -25.16
CA ALA A 1281 15.30 15.48 -25.02
C ALA A 1281 14.13 16.39 -24.59
N ILE A 1282 12.88 15.93 -24.73
CA ILE A 1282 11.68 16.72 -24.31
C ILE A 1282 10.98 15.97 -23.18
N LEU A 1283 10.51 16.67 -22.14
CA LEU A 1283 9.86 15.99 -20.97
C LEU A 1283 8.39 16.40 -20.87
N CYS A 1284 7.48 15.42 -20.75
CA CYS A 1284 6.03 15.72 -20.62
C CYS A 1284 5.44 14.93 -19.45
N PRO A 1285 4.49 15.50 -18.66
CA PRO A 1285 3.94 14.82 -17.47
C PRO A 1285 3.17 13.52 -17.67
N LYS A 1286 2.32 13.42 -18.70
CA LYS A 1286 1.46 12.21 -18.87
C LYS A 1286 1.90 11.40 -20.10
N ASN A 1287 1.83 10.08 -20.01
CA ASN A 1287 2.32 9.18 -21.10
C ASN A 1287 1.60 9.47 -22.41
N GLU A 1288 0.30 9.71 -22.37
CA GLU A 1288 -0.50 9.92 -23.62
C GLU A 1288 0.16 11.00 -24.48
N HIS A 1289 0.37 12.20 -23.92
CA HIS A 1289 0.98 13.31 -24.68
C HIS A 1289 2.33 12.87 -25.23
N VAL A 1290 3.11 12.08 -24.48
CA VAL A 1290 4.47 11.66 -24.91
C VAL A 1290 4.36 10.87 -26.21
N GLN A 1291 3.40 9.96 -26.33
CA GLN A 1291 3.30 9.11 -27.54
C GLN A 1291 3.03 9.96 -28.78
N LYS A 1292 2.17 10.98 -28.64
CA LYS A 1292 1.87 11.88 -29.79
C LYS A 1292 3.13 12.61 -30.23
N LEU A 1293 3.91 13.13 -29.30
CA LEU A 1293 5.13 13.91 -29.66
C LEU A 1293 6.13 12.99 -30.37
N ASN A 1294 6.29 11.75 -29.90
CA ASN A 1294 7.30 10.85 -30.50
C ASN A 1294 6.96 10.61 -31.96
N GLU A 1295 5.68 10.42 -32.27
CA GLU A 1295 5.30 10.10 -33.67
C GLU A 1295 5.69 11.25 -34.59
N GLU A 1296 5.42 12.49 -34.18
CA GLU A 1296 5.66 13.62 -35.11
C GLU A 1296 7.16 13.70 -35.42
N ILE A 1297 8.02 13.56 -34.41
CA ILE A 1297 9.49 13.71 -34.64
C ILE A 1297 9.94 12.61 -35.59
N LEU A 1298 9.40 11.40 -35.43
CA LEU A 1298 9.81 10.26 -36.28
C LEU A 1298 9.45 10.56 -37.74
N ASP A 1299 8.29 11.18 -37.97
CA ASP A 1299 7.84 11.47 -39.36
C ASP A 1299 8.83 12.43 -40.04
N ILE A 1300 9.30 13.45 -39.32
CA ILE A 1300 10.22 14.46 -39.91
C ILE A 1300 11.53 13.77 -40.32
N LEU A 1301 12.02 12.83 -39.50
CA LEU A 1301 13.33 12.18 -39.77
C LEU A 1301 13.28 11.43 -41.11
N ASP A 1302 14.33 11.54 -41.93
CA ASP A 1302 14.40 10.83 -43.23
C ASP A 1302 14.64 9.33 -43.01
N GLY A 1303 14.04 8.48 -43.85
CA GLY A 1303 14.21 7.02 -43.71
C GLY A 1303 12.98 6.27 -44.17
N ASP A 1304 12.98 4.94 -44.06
CA ASP A 1304 11.80 4.13 -44.46
C ASP A 1304 11.26 3.41 -43.22
N PHE A 1305 9.96 3.51 -42.95
CA PHE A 1305 9.38 2.91 -41.71
C PHE A 1305 9.46 1.39 -41.77
N HIS A 1306 9.90 0.75 -40.68
CA HIS A 1306 9.88 -0.73 -40.61
C HIS A 1306 8.96 -1.09 -39.45
N THR A 1307 7.99 -1.98 -39.69
CA THR A 1307 7.02 -2.30 -38.61
C THR A 1307 7.38 -3.66 -38.03
N TYR A 1308 7.70 -3.71 -36.73
CA TYR A 1308 7.97 -5.01 -36.07
C TYR A 1308 6.77 -5.36 -35.20
N LEU A 1309 6.01 -6.39 -35.57
CA LEU A 1309 4.79 -6.79 -34.82
C LEU A 1309 5.17 -7.71 -33.66
N SER A 1310 4.24 -7.95 -32.74
CA SER A 1310 4.55 -8.78 -31.54
C SER A 1310 3.49 -9.87 -31.38
N ASP A 1311 3.86 -11.00 -30.77
CA ASP A 1311 2.86 -12.06 -30.51
C ASP A 1311 2.57 -12.10 -29.02
N ASP A 1312 1.30 -12.01 -28.63
CA ASP A 1312 0.96 -11.91 -27.18
C ASP A 1312 0.08 -13.07 -26.72
N SER A 1313 0.35 -13.61 -25.53
CA SER A 1313 -0.45 -14.73 -24.97
C SER A 1313 -0.66 -14.49 -23.48
N ILE A 1314 -1.68 -15.09 -22.88
CA ILE A 1314 -1.91 -14.97 -21.41
C ILE A 1314 -1.48 -16.30 -20.78
N ASP A 1315 -0.58 -16.30 -19.80
CA ASP A 1315 -0.24 -17.55 -19.09
C ASP A 1315 -1.46 -17.95 -18.27
N SER A 1316 -1.98 -19.18 -18.41
CA SER A 1316 -3.25 -19.50 -17.71
C SER A 1316 -3.30 -20.94 -17.21
N THR A 1317 -4.06 -21.18 -16.14
CA THR A 1317 -4.22 -22.55 -15.60
C THR A 1317 -5.46 -23.20 -16.24
N ASP A 1318 -6.22 -22.46 -17.04
CA ASP A 1318 -7.47 -23.00 -17.63
C ASP A 1318 -7.48 -22.70 -19.13
N ASP A 1319 -7.85 -23.67 -19.95
CA ASP A 1319 -7.97 -23.42 -21.41
C ASP A 1319 -9.08 -22.41 -21.68
N ALA A 1320 -10.21 -22.51 -20.98
CA ALA A 1320 -11.37 -21.62 -21.22
C ALA A 1320 -11.05 -20.17 -20.84
N GLU A 1321 -10.09 -19.95 -19.96
CA GLU A 1321 -9.80 -18.57 -19.49
C GLU A 1321 -9.42 -17.72 -20.70
N LYS A 1322 -8.74 -18.30 -21.67
CA LYS A 1322 -8.30 -17.54 -22.87
C LYS A 1322 -9.50 -16.98 -23.62
N GLU A 1323 -10.62 -17.72 -23.66
CA GLU A 1323 -11.83 -17.24 -24.38
C GLU A 1323 -12.33 -15.94 -23.75
N ASN A 1324 -12.29 -15.82 -22.42
CA ASN A 1324 -12.80 -14.62 -21.72
C ASN A 1324 -12.00 -13.39 -22.14
N PHE A 1325 -10.67 -13.48 -22.21
CA PHE A 1325 -9.86 -12.33 -22.70
C PHE A 1325 -9.31 -12.67 -24.08
N PRO A 1326 -9.93 -12.18 -25.18
CA PRO A 1326 -9.51 -12.56 -26.54
C PRO A 1326 -8.20 -11.89 -26.99
N ILE A 1327 -7.55 -12.42 -28.03
CA ILE A 1327 -6.23 -11.89 -28.50
C ILE A 1327 -6.42 -10.42 -28.91
N GLU A 1328 -7.54 -10.08 -29.53
CA GLU A 1328 -7.74 -8.69 -30.01
C GLU A 1328 -7.68 -7.73 -28.82
N PHE A 1329 -8.26 -8.11 -27.69
CA PHE A 1329 -8.17 -7.25 -26.47
C PHE A 1329 -6.72 -7.14 -26.01
N LEU A 1330 -5.96 -8.24 -26.01
CA LEU A 1330 -4.57 -8.19 -25.47
C LEU A 1330 -3.73 -7.23 -26.31
N ASN A 1331 -3.90 -7.21 -27.63
CA ASN A 1331 -3.04 -6.37 -28.49
C ASN A 1331 -3.24 -4.90 -28.13
N SER A 1332 -4.47 -4.45 -27.89
CA SER A 1332 -4.71 -3.02 -27.62
C SER A 1332 -4.04 -2.53 -26.34
N ILE A 1333 -4.07 -3.35 -25.28
CA ILE A 1333 -3.51 -2.90 -23.96
C ILE A 1333 -2.01 -2.67 -24.04
N THR A 1334 -1.50 -1.60 -23.42
CA THR A 1334 -0.04 -1.37 -23.33
C THR A 1334 0.28 -0.96 -21.89
N PRO A 1335 0.44 -1.91 -20.95
CA PRO A 1335 0.62 -1.58 -19.55
C PRO A 1335 1.97 -0.87 -19.37
N SER A 1336 2.12 -0.08 -18.31
CA SER A 1336 3.39 0.68 -18.07
C SER A 1336 4.57 -0.28 -17.99
N GLY A 1337 5.71 0.08 -18.59
CA GLY A 1337 6.92 -0.76 -18.52
C GLY A 1337 6.93 -1.90 -19.53
N MET A 1338 6.03 -1.87 -20.52
CA MET A 1338 5.98 -2.94 -21.56
C MET A 1338 6.10 -2.31 -22.96
N PRO A 1339 6.76 -2.98 -23.93
CA PRO A 1339 6.86 -2.47 -25.30
C PRO A 1339 5.53 -2.45 -26.06
N CYS A 1340 5.38 -1.52 -27.00
CA CYS A 1340 4.11 -1.39 -27.78
C CYS A 1340 3.91 -2.60 -28.69
N HIS A 1341 2.66 -2.99 -28.93
CA HIS A 1341 2.36 -4.15 -29.82
C HIS A 1341 2.86 -3.89 -31.24
N LYS A 1342 2.64 -2.67 -31.75
CA LYS A 1342 3.12 -2.30 -33.10
C LYS A 1342 4.25 -1.28 -32.94
N LEU A 1343 5.51 -1.69 -33.21
CA LEU A 1343 6.65 -0.78 -32.99
C LEU A 1343 7.09 -0.26 -34.35
N LYS A 1344 7.08 1.06 -34.55
CA LYS A 1344 7.56 1.63 -35.82
C LYS A 1344 8.87 2.37 -35.54
N LEU A 1345 9.96 1.97 -36.19
CA LEU A 1345 11.28 2.60 -35.93
C LEU A 1345 11.97 2.84 -37.26
N LYS A 1346 12.84 3.86 -37.35
CA LYS A 1346 13.55 4.21 -38.61
C LYS A 1346 15.01 4.49 -38.27
N VAL A 1347 15.91 4.38 -39.24
CA VAL A 1347 17.37 4.54 -38.94
C VAL A 1347 17.62 5.96 -38.42
N GLY A 1348 18.46 6.10 -37.39
CA GLY A 1348 18.76 7.43 -36.79
C GLY A 1348 17.85 7.78 -35.63
N ALA A 1349 16.88 6.93 -35.29
CA ALA A 1349 15.96 7.18 -34.16
C ALA A 1349 16.68 6.95 -32.83
N ILE A 1350 16.15 7.49 -31.73
CA ILE A 1350 16.72 7.24 -30.38
C ILE A 1350 15.82 6.24 -29.65
N ILE A 1351 16.40 5.18 -29.06
CA ILE A 1351 15.58 4.11 -28.41
C ILE A 1351 16.09 3.89 -26.98
N MET A 1352 15.21 3.49 -26.06
CA MET A 1352 15.60 3.26 -24.65
C MET A 1352 15.33 1.80 -24.27
N LEU A 1353 16.32 1.09 -23.72
CA LEU A 1353 16.11 -0.31 -23.26
C LEU A 1353 15.13 -0.28 -22.09
N LEU A 1354 14.16 -1.20 -22.08
CA LEU A 1354 13.12 -1.22 -21.01
C LEU A 1354 13.44 -2.31 -19.99
N ARG A 1355 14.53 -3.05 -20.19
CA ARG A 1355 14.91 -4.16 -19.27
C ARG A 1355 16.37 -4.01 -18.84
N ASN A 1356 16.71 -4.42 -17.62
CA ASN A 1356 18.09 -4.22 -17.10
C ASN A 1356 19.13 -4.97 -17.94
N LEU A 1357 18.85 -6.22 -18.33
CA LEU A 1357 19.84 -7.05 -19.07
C LEU A 1357 21.14 -7.12 -18.26
N ASN A 1358 22.29 -6.84 -18.91
CA ASN A 1358 23.60 -6.89 -18.20
C ASN A 1358 23.90 -5.50 -17.62
N SER A 1359 23.57 -5.28 -16.34
CA SER A 1359 23.76 -3.95 -15.70
C SER A 1359 25.24 -3.57 -15.61
N LYS A 1360 26.13 -4.51 -15.28
CA LYS A 1360 27.56 -4.18 -15.07
C LYS A 1360 28.19 -3.69 -16.38
N TRP A 1361 28.01 -4.44 -17.47
CA TRP A 1361 28.62 -4.07 -18.77
C TRP A 1361 28.17 -2.68 -19.22
N GLY A 1362 26.94 -2.27 -18.90
CA GLY A 1362 26.44 -0.97 -19.37
C GLY A 1362 24.95 -0.96 -19.66
N LEU A 1363 24.41 -2.05 -20.21
CA LEU A 1363 22.96 -2.09 -20.57
C LEU A 1363 22.14 -1.95 -19.28
N CYS A 1364 21.12 -1.09 -19.27
CA CYS A 1364 20.34 -0.85 -18.02
C CYS A 1364 18.91 -0.41 -18.33
N ASN A 1365 18.20 0.15 -17.33
CA ASN A 1365 16.80 0.61 -17.51
C ASN A 1365 16.76 1.84 -18.42
N GLY A 1366 17.87 2.55 -18.58
CA GLY A 1366 17.95 3.71 -19.50
C GLY A 1366 18.76 3.33 -20.73
N THR A 1367 20.06 3.65 -20.73
CA THR A 1367 20.94 3.21 -21.84
C THR A 1367 20.35 3.61 -23.20
N ARG A 1368 20.05 4.89 -23.39
CA ARG A 1368 19.47 5.37 -24.68
C ARG A 1368 20.47 5.06 -25.81
N PHE A 1369 19.97 4.66 -26.98
CA PHE A 1369 20.87 4.25 -28.10
C PHE A 1369 20.45 4.96 -29.39
N ILE A 1370 21.37 5.09 -30.35
CA ILE A 1370 20.99 5.66 -31.69
C ILE A 1370 21.01 4.48 -32.67
N ILE A 1371 19.91 4.28 -33.40
CA ILE A 1371 19.82 3.12 -34.34
C ILE A 1371 20.86 3.30 -35.45
N LYS A 1372 21.58 2.24 -35.79
CA LYS A 1372 22.55 2.31 -36.92
C LYS A 1372 21.99 1.52 -38.09
N ARG A 1373 21.66 0.24 -37.89
CA ARG A 1373 21.01 -0.57 -38.95
C ARG A 1373 19.83 -1.35 -38.38
N LEU A 1374 18.77 -1.53 -39.19
CA LEU A 1374 17.58 -2.31 -38.76
C LEU A 1374 17.37 -3.48 -39.73
N ARG A 1375 17.22 -4.70 -39.22
CA ARG A 1375 16.91 -5.87 -40.10
C ARG A 1375 15.91 -6.77 -39.36
N PRO A 1376 15.13 -7.64 -40.04
CA PRO A 1376 14.16 -8.44 -39.32
C PRO A 1376 14.85 -9.37 -38.30
N ASN A 1377 14.36 -9.41 -37.06
CA ASN A 1377 14.90 -10.33 -36.01
C ASN A 1377 16.23 -9.86 -35.40
N ILE A 1378 16.69 -8.63 -35.69
CA ILE A 1378 17.94 -8.12 -35.03
C ILE A 1378 18.08 -6.60 -35.21
N ILE A 1379 18.42 -5.88 -34.14
CA ILE A 1379 18.52 -4.38 -34.20
C ILE A 1379 19.94 -3.98 -33.77
N GLU A 1380 20.66 -3.15 -34.53
CA GLU A 1380 22.05 -2.76 -34.18
C GLU A 1380 22.04 -1.34 -33.64
N ALA A 1381 22.66 -1.09 -32.49
CA ALA A 1381 22.58 0.25 -31.86
C ALA A 1381 23.91 0.67 -31.24
N GLU A 1382 24.11 1.95 -30.97
CA GLU A 1382 25.34 2.42 -30.27
C GLU A 1382 24.95 3.06 -28.94
N VAL A 1383 25.64 2.72 -27.84
CA VAL A 1383 25.27 3.24 -26.49
C VAL A 1383 25.58 4.74 -26.41
N LEU A 1384 24.59 5.57 -26.04
CA LEU A 1384 24.80 7.03 -25.90
C LEU A 1384 25.09 7.42 -24.44
N THR A 1385 24.79 6.55 -23.47
CA THR A 1385 24.98 6.93 -22.05
C THR A 1385 25.53 5.76 -21.24
N GLY A 1386 26.22 6.02 -20.13
CA GLY A 1386 26.72 4.93 -19.27
C GLY A 1386 28.18 4.59 -19.51
N SER A 1387 28.68 3.51 -18.89
CA SER A 1387 30.10 3.11 -19.02
C SER A 1387 30.47 2.74 -20.46
N ALA A 1388 29.60 2.04 -21.19
CA ALA A 1388 29.98 1.57 -22.54
C ALA A 1388 30.29 2.76 -23.45
N GLU A 1389 29.44 3.79 -23.46
CA GLU A 1389 29.75 5.05 -24.21
C GLU A 1389 30.25 4.79 -25.63
N GLY A 1390 29.49 4.11 -26.47
CA GLY A 1390 29.90 3.97 -27.88
C GLY A 1390 30.18 2.56 -28.36
N GLU A 1391 30.04 1.54 -27.50
CA GLU A 1391 30.18 0.14 -27.98
C GLU A 1391 28.93 -0.20 -28.81
N VAL A 1392 29.06 -1.07 -29.81
CA VAL A 1392 27.91 -1.45 -30.70
C VAL A 1392 27.29 -2.74 -30.16
N VAL A 1393 26.01 -2.72 -29.80
CA VAL A 1393 25.36 -3.91 -29.18
C VAL A 1393 24.16 -4.32 -30.03
N LEU A 1394 23.99 -5.62 -30.29
CA LEU A 1394 22.82 -6.11 -31.06
C LEU A 1394 21.78 -6.58 -30.06
N ILE A 1395 20.54 -6.09 -30.11
CA ILE A 1395 19.53 -6.45 -29.07
C ILE A 1395 18.54 -7.43 -29.68
N PRO A 1396 18.37 -8.64 -29.13
CA PRO A 1396 17.40 -9.61 -29.62
C PRO A 1396 16.01 -9.51 -28.99
N ARG A 1397 15.00 -10.16 -29.56
CA ARG A 1397 13.66 -10.19 -28.93
C ARG A 1397 13.73 -10.93 -27.60
N ILE A 1398 13.07 -10.42 -26.57
CA ILE A 1398 13.04 -11.09 -25.23
C ILE A 1398 11.59 -11.08 -24.75
N ASP A 1399 11.23 -11.93 -23.79
CA ASP A 1399 9.82 -12.00 -23.33
C ASP A 1399 9.60 -11.05 -22.16
N LEU A 1400 8.67 -10.11 -22.29
CA LEU A 1400 8.43 -9.08 -21.26
C LEU A 1400 7.06 -9.33 -20.64
N SER A 1401 6.95 -9.19 -19.31
CA SER A 1401 5.66 -9.42 -18.59
C SER A 1401 5.31 -8.17 -17.78
N PRO A 1402 4.03 -7.84 -17.53
CA PRO A 1402 3.69 -6.59 -16.87
C PRO A 1402 4.20 -6.49 -15.44
N SER A 1403 4.79 -5.36 -15.08
CA SER A 1403 5.33 -5.15 -13.71
C SER A 1403 4.20 -5.10 -12.68
N ASP A 1404 3.13 -4.35 -12.98
CA ASP A 1404 2.04 -4.19 -11.98
C ASP A 1404 1.27 -5.49 -11.84
N THR A 1405 0.65 -5.70 -10.68
CA THR A 1405 -0.21 -6.89 -10.46
C THR A 1405 -1.68 -6.46 -10.58
N GLY A 1406 -1.94 -5.20 -10.94
CA GLY A 1406 -3.32 -4.69 -11.01
C GLY A 1406 -4.16 -5.42 -12.04
N LEU A 1407 -3.59 -5.71 -13.21
CA LEU A 1407 -4.32 -6.43 -14.28
C LEU A 1407 -4.65 -7.85 -13.82
N PRO A 1408 -5.85 -8.40 -14.15
CA PRO A 1408 -6.19 -9.78 -13.79
C PRO A 1408 -5.29 -10.83 -14.46
N PHE A 1409 -4.91 -10.63 -15.72
CA PHE A 1409 -4.12 -11.63 -16.47
C PHE A 1409 -2.62 -11.26 -16.49
N LYS A 1410 -1.75 -12.24 -16.73
CA LYS A 1410 -0.30 -11.96 -16.87
C LYS A 1410 0.03 -11.95 -18.37
N LEU A 1411 0.31 -10.77 -18.95
CA LEU A 1411 0.50 -10.67 -20.41
C LEU A 1411 1.94 -11.02 -20.78
N ILE A 1412 2.18 -12.17 -21.41
CA ILE A 1412 3.56 -12.45 -21.90
C ILE A 1412 3.60 -12.00 -23.36
N ARG A 1413 4.36 -10.96 -23.66
CA ARG A 1413 4.47 -10.43 -25.04
C ARG A 1413 5.93 -10.48 -25.44
N ARG A 1414 6.26 -11.02 -26.62
CA ARG A 1414 7.69 -10.97 -27.03
C ARG A 1414 7.89 -9.89 -28.08
N GLN A 1415 8.72 -8.89 -27.77
CA GLN A 1415 8.99 -7.79 -28.71
C GLN A 1415 10.41 -7.34 -28.42
N PHE A 1416 11.04 -6.60 -29.33
CA PHE A 1416 12.39 -6.06 -29.01
C PHE A 1416 12.18 -5.18 -27.78
N PRO A 1417 13.02 -5.25 -26.74
CA PRO A 1417 12.73 -4.50 -25.51
C PRO A 1417 13.10 -3.04 -25.72
N VAL A 1418 12.34 -2.33 -26.55
CA VAL A 1418 12.73 -0.93 -26.91
C VAL A 1418 11.51 -0.05 -27.04
N MET A 1419 11.64 1.25 -26.80
CA MET A 1419 10.52 2.22 -26.96
C MET A 1419 11.12 3.48 -27.61
N PRO A 1420 10.45 4.21 -28.54
CA PRO A 1420 11.04 5.42 -29.09
C PRO A 1420 11.30 6.41 -27.95
N ALA A 1421 12.48 7.08 -27.91
CA ALA A 1421 12.82 7.91 -26.72
C ALA A 1421 13.12 9.38 -27.01
N PHE A 1422 12.57 9.97 -28.06
CA PHE A 1422 12.78 11.42 -28.27
C PHE A 1422 12.16 12.19 -27.11
N ALA A 1423 10.98 11.78 -26.65
CA ALA A 1423 10.30 12.43 -25.50
C ALA A 1423 10.08 11.42 -24.39
N MET A 1424 10.36 11.77 -23.13
CA MET A 1424 10.25 10.83 -21.99
C MET A 1424 9.36 11.44 -20.93
N THR A 1425 8.60 10.64 -20.17
CA THR A 1425 7.81 11.18 -19.04
C THR A 1425 8.77 11.63 -17.94
N ILE A 1426 8.41 12.60 -17.10
CA ILE A 1426 9.38 13.17 -16.12
C ILE A 1426 9.85 12.11 -15.14
N ASN A 1427 8.98 11.19 -14.74
CA ASN A 1427 9.39 10.22 -13.70
C ASN A 1427 10.28 9.11 -14.29
N LYS A 1428 10.32 8.96 -15.62
CA LYS A 1428 11.19 7.95 -16.27
C LYS A 1428 12.57 8.57 -16.48
N SER A 1429 12.73 9.85 -16.15
CA SER A 1429 14.03 10.52 -16.41
C SER A 1429 14.65 10.99 -15.11
N GLN A 1430 14.59 10.18 -14.05
CA GLN A 1430 15.25 10.55 -12.77
C GLN A 1430 16.77 10.44 -12.86
N GLY A 1431 17.32 9.41 -13.51
CA GLY A 1431 18.78 9.25 -13.50
C GLY A 1431 19.51 9.81 -14.70
N GLN A 1432 18.82 10.08 -15.81
CA GLN A 1432 19.51 10.52 -17.07
C GLN A 1432 20.02 11.94 -16.97
N THR A 1433 21.12 12.26 -17.65
CA THR A 1433 21.63 13.66 -17.70
C THR A 1433 21.54 14.16 -19.14
N LEU A 1434 20.83 15.26 -19.39
CA LEU A 1434 20.61 15.76 -20.78
C LEU A 1434 21.17 17.18 -20.89
N ASP A 1435 21.91 17.48 -21.95
CA ASP A 1435 22.53 18.83 -22.12
C ASP A 1435 21.48 19.92 -22.33
N ARG A 1436 20.45 19.71 -23.16
CA ARG A 1436 19.37 20.71 -23.30
C ARG A 1436 18.02 20.03 -23.13
N VAL A 1437 17.11 20.57 -22.32
CA VAL A 1437 15.81 19.90 -22.06
C VAL A 1437 14.68 20.89 -22.28
N GLY A 1438 13.54 20.44 -22.78
CA GLY A 1438 12.37 21.33 -22.91
C GLY A 1438 11.17 20.73 -22.22
N ILE A 1439 10.52 21.48 -21.32
CA ILE A 1439 9.38 20.92 -20.53
C ILE A 1439 8.09 21.42 -21.17
N PHE A 1440 7.22 20.52 -21.60
CA PHE A 1440 5.91 20.93 -22.17
C PHE A 1440 4.82 20.50 -21.19
N LEU A 1441 4.07 21.45 -20.63
CA LEU A 1441 3.07 21.08 -19.59
C LEU A 1441 1.67 21.31 -20.14
N PRO A 1442 0.96 20.27 -20.63
CA PRO A 1442 -0.43 20.44 -21.07
C PRO A 1442 -1.31 20.75 -19.86
N GLU A 1443 -1.09 20.05 -18.75
CA GLU A 1443 -1.91 20.23 -17.52
C GLU A 1443 -0.95 20.24 -16.32
N PRO A 1444 -1.32 20.77 -15.14
CA PRO A 1444 -0.37 20.90 -14.03
C PRO A 1444 0.17 19.58 -13.42
N VAL A 1445 1.34 19.62 -12.79
CA VAL A 1445 2.00 18.42 -12.20
C VAL A 1445 1.15 17.85 -11.06
N PHE A 1446 1.31 16.56 -10.74
CA PHE A 1446 0.43 15.92 -9.72
C PHE A 1446 1.18 14.94 -8.83
N ALA A 1447 2.31 15.33 -8.23
CA ALA A 1447 3.11 14.36 -7.43
C ALA A 1447 4.07 15.06 -6.47
N HIS A 1448 4.91 14.31 -5.76
CA HIS A 1448 5.82 14.89 -4.75
C HIS A 1448 6.91 15.78 -5.36
N GLY A 1449 7.78 15.25 -6.23
CA GLY A 1449 8.91 16.06 -6.76
C GLY A 1449 8.86 16.28 -8.27
N GLN A 1450 7.70 16.16 -8.90
CA GLN A 1450 7.61 16.24 -10.39
C GLN A 1450 8.37 17.44 -10.97
N LEU A 1451 7.99 18.68 -10.66
CA LEU A 1451 8.66 19.83 -11.33
C LEU A 1451 10.15 19.85 -11.02
N TYR A 1452 10.54 19.50 -9.79
CA TYR A 1452 11.98 19.60 -9.43
C TYR A 1452 12.80 18.67 -10.32
N VAL A 1453 12.31 17.46 -10.59
CA VAL A 1453 13.10 16.48 -11.38
C VAL A 1453 13.28 17.04 -12.79
N ALA A 1454 12.23 17.64 -13.36
CA ALA A 1454 12.34 18.12 -14.76
C ALA A 1454 13.39 19.21 -14.88
N PHE A 1455 13.38 20.18 -13.96
CA PHE A 1455 14.36 21.30 -14.01
C PHE A 1455 15.76 20.80 -13.71
N SER A 1456 15.91 19.82 -12.82
CA SER A 1456 17.25 19.39 -12.36
C SER A 1456 18.13 18.80 -13.46
N ARG A 1457 17.55 18.27 -14.54
CA ARG A 1457 18.38 17.56 -15.55
C ARG A 1457 19.44 18.49 -16.14
N VAL A 1458 19.14 19.76 -16.39
CA VAL A 1458 20.11 20.66 -17.06
C VAL A 1458 20.90 21.48 -16.02
N ARG A 1459 22.21 21.56 -16.17
CA ARG A 1459 23.07 22.28 -15.19
C ARG A 1459 22.85 23.79 -15.20
N ARG A 1460 22.66 24.41 -16.37
CA ARG A 1460 22.58 25.89 -16.42
C ARG A 1460 21.19 26.39 -16.83
N ALA A 1461 20.79 27.59 -16.41
CA ALA A 1461 19.43 28.12 -16.67
C ALA A 1461 19.14 28.30 -18.16
N CYS A 1462 20.13 28.69 -18.95
CA CYS A 1462 19.88 28.99 -20.39
C CYS A 1462 19.42 27.73 -21.13
N ASP A 1463 19.73 26.54 -20.62
CA ASP A 1463 19.44 25.29 -21.36
C ASP A 1463 18.05 24.72 -21.05
N VAL A 1464 17.19 25.44 -20.32
CA VAL A 1464 15.80 24.92 -20.12
C VAL A 1464 14.82 25.79 -20.92
N LYS A 1465 13.92 25.19 -21.69
CA LYS A 1465 12.87 25.98 -22.38
C LYS A 1465 11.51 25.42 -21.96
N VAL A 1466 10.57 26.25 -21.47
CA VAL A 1466 9.28 25.72 -20.94
C VAL A 1466 8.11 26.30 -21.72
N LYS A 1467 7.12 25.47 -22.11
CA LYS A 1467 5.90 25.98 -22.78
C LYS A 1467 4.68 25.55 -21.96
N VAL A 1468 3.78 26.49 -21.62
CA VAL A 1468 2.62 26.15 -20.75
C VAL A 1468 1.31 26.41 -21.50
N VAL A 1469 0.40 25.43 -21.52
CA VAL A 1469 -0.93 25.58 -22.20
C VAL A 1469 -1.88 26.23 -21.20
N ASN A 1470 -2.58 27.30 -21.61
CA ASN A 1470 -3.44 28.04 -20.63
C ASN A 1470 -4.65 27.19 -20.26
N THR A 1471 -4.95 27.07 -18.97
CA THR A 1471 -6.11 26.29 -18.46
C THR A 1471 -6.60 26.98 -17.19
N SER A 1472 -7.51 26.35 -16.46
CA SER A 1472 -8.09 26.98 -15.24
C SER A 1472 -7.03 27.24 -14.16
N SER A 1473 -6.13 26.28 -13.91
CA SER A 1473 -5.17 26.44 -12.78
C SER A 1473 -3.77 26.88 -13.21
N GLN A 1474 -3.52 27.06 -14.51
CA GLN A 1474 -2.14 27.39 -14.99
C GLN A 1474 -2.21 28.38 -16.14
N GLY A 1475 -1.07 28.95 -16.54
CA GLY A 1475 -1.08 29.96 -17.61
C GLY A 1475 -1.06 31.34 -17.01
N LYS A 1476 -1.61 32.34 -17.71
CA LYS A 1476 -1.53 33.74 -17.20
C LYS A 1476 -2.66 33.94 -16.19
N LEU A 1477 -2.41 33.64 -14.92
CA LEU A 1477 -3.47 33.73 -13.88
C LEU A 1477 -3.93 35.17 -13.72
N VAL A 1478 -2.99 36.14 -13.71
CA VAL A 1478 -3.43 37.57 -13.65
C VAL A 1478 -3.87 37.96 -15.06
N LYS A 1479 -5.11 38.45 -15.21
CA LYS A 1479 -5.65 38.74 -16.56
C LYS A 1479 -4.87 39.86 -17.24
N HIS A 1480 -4.47 40.89 -16.50
CA HIS A 1480 -3.81 42.06 -17.16
C HIS A 1480 -2.29 41.86 -17.23
N SER A 1481 -1.78 40.76 -16.69
CA SER A 1481 -0.31 40.57 -16.64
C SER A 1481 0.14 39.53 -17.67
N GLU A 1482 1.12 39.89 -18.51
CA GLU A 1482 1.65 38.94 -19.52
C GLU A 1482 2.75 38.08 -18.87
N SER A 1483 2.38 37.23 -17.91
CA SER A 1483 3.36 36.32 -17.26
C SER A 1483 2.71 34.95 -17.08
N VAL A 1484 3.51 33.88 -17.05
CA VAL A 1484 2.94 32.51 -17.00
C VAL A 1484 3.19 31.89 -15.63
N PHE A 1485 2.17 31.30 -15.02
CA PHE A 1485 2.31 30.69 -13.67
C PHE A 1485 1.93 29.21 -13.74
N THR A 1486 2.70 28.34 -13.08
CA THR A 1486 2.43 26.88 -13.11
C THR A 1486 2.42 26.34 -11.68
N LEU A 1487 1.75 25.23 -11.44
CA LEU A 1487 1.62 24.69 -10.07
C LEU A 1487 2.90 23.94 -9.69
N ASN A 1488 3.45 24.18 -8.50
CA ASN A 1488 4.62 23.40 -8.01
C ASN A 1488 4.13 22.61 -6.79
N VAL A 1489 4.20 21.27 -6.81
CA VAL A 1489 3.63 20.50 -5.68
C VAL A 1489 4.77 19.93 -4.86
N VAL A 1490 4.86 20.27 -3.57
CA VAL A 1490 5.89 19.67 -2.66
C VAL A 1490 5.17 19.26 -1.38
N TYR A 1491 5.41 18.05 -0.87
CA TYR A 1491 4.80 17.67 0.42
C TYR A 1491 5.79 18.07 1.52
N ARG A 1492 5.41 19.01 2.38
CA ARG A 1492 6.34 19.55 3.41
C ARG A 1492 6.76 18.46 4.41
N GLU A 1493 5.85 17.57 4.77
CA GLU A 1493 6.15 16.59 5.84
C GLU A 1493 7.36 15.71 5.48
N ILE A 1494 7.46 15.22 4.25
CA ILE A 1494 8.54 14.27 3.86
C ILE A 1494 9.92 14.94 3.98
N LEU A 1495 10.04 16.18 3.53
CA LEU A 1495 11.37 16.85 3.53
C LEU A 1495 11.67 17.37 4.94
#